data_1HFS
# 
_entry.id   1HFS 
# 
_audit_conform.dict_name       mmcif_pdbx.dic 
_audit_conform.dict_version    5.386 
_audit_conform.dict_location   http://mmcif.pdb.org/dictionaries/ascii/mmcif_pdbx.dic 
# 
loop_
_database_2.database_id 
_database_2.database_code 
_database_2.pdbx_database_accession 
_database_2.pdbx_DOI 
PDB   1HFS         pdb_00001hfs 10.2210/pdb1hfs/pdb 
WWPDB D_1000173832 ?            ?                   
# 
loop_
_pdbx_audit_revision_history.ordinal 
_pdbx_audit_revision_history.data_content_type 
_pdbx_audit_revision_history.major_revision 
_pdbx_audit_revision_history.minor_revision 
_pdbx_audit_revision_history.revision_date 
1 'Structure model' 1 0 1998-02-18 
2 'Structure model' 1 1 2008-03-24 
3 'Structure model' 1 2 2011-07-13 
4 'Structure model' 1 3 2012-02-22 
5 'Structure model' 1 4 2017-11-29 
6 'Structure model' 2 0 2024-02-07 
# 
_pdbx_audit_revision_details.ordinal             1 
_pdbx_audit_revision_details.revision_ordinal    1 
_pdbx_audit_revision_details.data_content_type   'Structure model' 
_pdbx_audit_revision_details.provider            repository 
_pdbx_audit_revision_details.type                'Initial release' 
_pdbx_audit_revision_details.description         ? 
_pdbx_audit_revision_details.details             ? 
# 
loop_
_pdbx_audit_revision_group.ordinal 
_pdbx_audit_revision_group.revision_ordinal 
_pdbx_audit_revision_group.data_content_type 
_pdbx_audit_revision_group.group 
1 2 'Structure model' 'Version format compliance' 
2 3 'Structure model' 'Version format compliance' 
3 4 'Structure model' 'Database references'       
4 5 'Structure model' 'Derived calculations'      
5 5 'Structure model' Other                       
6 6 'Structure model' 'Atomic model'              
7 6 'Structure model' 'Data collection'           
8 6 'Structure model' 'Database references'       
9 6 'Structure model' 'Derived calculations'      
# 
loop_
_pdbx_audit_revision_category.ordinal 
_pdbx_audit_revision_category.revision_ordinal 
_pdbx_audit_revision_category.data_content_type 
_pdbx_audit_revision_category.category 
1  5 'Structure model' pdbx_database_status   
2  5 'Structure model' struct_conf            
3  5 'Structure model' struct_conf_type       
4  6 'Structure model' atom_site              
5  6 'Structure model' chem_comp_atom         
6  6 'Structure model' chem_comp_bond         
7  6 'Structure model' database_2             
8  6 'Structure model' pdbx_struct_conn_angle 
9  6 'Structure model' struct_conn            
10 6 'Structure model' struct_site            
# 
loop_
_pdbx_audit_revision_item.ordinal 
_pdbx_audit_revision_item.revision_ordinal 
_pdbx_audit_revision_item.data_content_type 
_pdbx_audit_revision_item.item 
1  5 'Structure model' '_pdbx_database_status.process_site'          
2  6 'Structure model' '_atom_site.occupancy'                        
3  6 'Structure model' '_database_2.pdbx_DOI'                        
4  6 'Structure model' '_database_2.pdbx_database_accession'         
5  6 'Structure model' '_pdbx_struct_conn_angle.ptnr1_auth_comp_id'  
6  6 'Structure model' '_pdbx_struct_conn_angle.ptnr1_auth_seq_id'   
7  6 'Structure model' '_pdbx_struct_conn_angle.ptnr1_label_asym_id' 
8  6 'Structure model' '_pdbx_struct_conn_angle.ptnr1_label_atom_id' 
9  6 'Structure model' '_pdbx_struct_conn_angle.ptnr1_label_comp_id' 
10 6 'Structure model' '_pdbx_struct_conn_angle.ptnr1_label_seq_id'  
11 6 'Structure model' '_pdbx_struct_conn_angle.ptnr2_auth_comp_id'  
12 6 'Structure model' '_pdbx_struct_conn_angle.ptnr2_auth_seq_id'   
13 6 'Structure model' '_pdbx_struct_conn_angle.ptnr2_label_asym_id' 
14 6 'Structure model' '_pdbx_struct_conn_angle.ptnr2_label_atom_id' 
15 6 'Structure model' '_pdbx_struct_conn_angle.ptnr2_label_comp_id' 
16 6 'Structure model' '_pdbx_struct_conn_angle.ptnr3_auth_comp_id'  
17 6 'Structure model' '_pdbx_struct_conn_angle.ptnr3_auth_seq_id'   
18 6 'Structure model' '_pdbx_struct_conn_angle.ptnr3_label_asym_id' 
19 6 'Structure model' '_pdbx_struct_conn_angle.ptnr3_label_atom_id' 
20 6 'Structure model' '_pdbx_struct_conn_angle.ptnr3_label_comp_id' 
21 6 'Structure model' '_pdbx_struct_conn_angle.ptnr3_label_seq_id'  
22 6 'Structure model' '_pdbx_struct_conn_angle.value'               
23 6 'Structure model' '_struct_conn.pdbx_dist_value'                
24 6 'Structure model' '_struct_conn.ptnr1_auth_comp_id'             
25 6 'Structure model' '_struct_conn.ptnr1_auth_seq_id'              
26 6 'Structure model' '_struct_conn.ptnr1_label_asym_id'            
27 6 'Structure model' '_struct_conn.ptnr1_label_atom_id'            
28 6 'Structure model' '_struct_conn.ptnr1_label_comp_id'            
29 6 'Structure model' '_struct_conn.ptnr1_label_seq_id'             
30 6 'Structure model' '_struct_conn.ptnr2_auth_comp_id'             
31 6 'Structure model' '_struct_conn.ptnr2_auth_seq_id'              
32 6 'Structure model' '_struct_conn.ptnr2_label_asym_id'            
33 6 'Structure model' '_struct_conn.ptnr2_label_atom_id'            
34 6 'Structure model' '_struct_conn.ptnr2_label_comp_id'            
35 6 'Structure model' '_struct_conn.ptnr2_label_seq_id'             
36 6 'Structure model' '_struct_site.pdbx_auth_asym_id'              
37 6 'Structure model' '_struct_site.pdbx_auth_comp_id'              
38 6 'Structure model' '_struct_site.pdbx_auth_seq_id'               
# 
_pdbx_database_status.status_code                     REL 
_pdbx_database_status.entry_id                        1HFS 
_pdbx_database_status.recvd_initial_deposition_date   1997-02-13 
_pdbx_database_status.deposit_site                    ? 
_pdbx_database_status.process_site                    BNL 
_pdbx_database_status.status_code_sf                  REL 
_pdbx_database_status.status_code_mr                  ? 
_pdbx_database_status.SG_entry                        ? 
_pdbx_database_status.status_code_cs                  ? 
_pdbx_database_status.methods_development_category    ? 
_pdbx_database_status.pdb_format_compatible           Y 
_pdbx_database_status.status_code_nmr_data            ? 
# 
_audit_author.name           'Becker, J.W.' 
_audit_author.pdbx_ordinal   1 
# 
loop_
_citation.id 
_citation.title 
_citation.journal_abbrev 
_citation.journal_volume 
_citation.page_first 
_citation.page_last 
_citation.year 
_citation.journal_id_ASTM 
_citation.country 
_citation.journal_id_ISSN 
_citation.journal_id_CSD 
_citation.book_publisher 
_citation.pdbx_database_id_PubMed 
_citation.pdbx_database_id_DOI 
primary 
;Inhibition of stromelysin-1 (MMP-3) by P1'-biphenylylethyl carboxyalkyl dipeptides.
;
J.Med.Chem.      40 1026 1040 1997 JMCMAR US 0022-2623 0151 ? 9083493 10.1021/jm960465t 
1       
;Comparison of the Structure of Human Recombinant Short Form Stromelysin by Multidimensional Heteronuclear NMR and X-Ray Crystallography
;
J.Biomol.NMR     7  8    ?    1996 JBNME9 NE 0925-2738 0800 ? ?       ?                 
2       'Stromelysin-1: Three-Dimensional Structure of the Inhibited Catalytic Domain and of the C-Truncated Proenzyme' 
'Protein Sci.'   4  1966 ?    1995 PRCIEI US 0961-8368 0795 ? ?       ?                 
3       'The NMR Structure of the Inhibited Catalytic Domain of Human Stromelysin-1' Nat.Struct.Biol. 1  111  ?    1994 NSBIEW US 
1072-8368 2024 ? ?       ?                 
4       'Inhibition of Matrix Metalloproteinases by N-Carboxyalkyl Peptides' J.Med.Chem.      36 4293 ?    1993 JMCMAR US 
0022-2623 0151 ? ?       ?                 
5       
'Human Fibroblast Stromelysin Catalytic Domain: Expression, Purification, and Characterization of a C-Terminally Truncated Form' 
Biochemistry     30 6476 ?    1991 BICHAW US 0006-2960 0033 ? ?       ?                 
# 
loop_
_citation_author.citation_id 
_citation_author.name 
_citation_author.ordinal 
_citation_author.identifier_ORCID 
primary 'Esser, C.K.'          1  ? 
primary 'Bugianesi, R.L.'      2  ? 
primary 'Caldwell, C.G.'       3  ? 
primary 'Chapman, K.T.'        4  ? 
primary 'Durette, P.L.'        5  ? 
primary 'Girotra, N.N.'        6  ? 
primary 'Kopka, I.E.'          7  ? 
primary 'Lanza, T.J.'          8  ? 
primary 'Levorse, D.A.'        9  ? 
primary 'MacCoss, M.'          10 ? 
primary 'Owens, K.A.'          11 ? 
primary 'Ponpipom, M.M.'       12 ? 
primary 'Simeone, J.P.'        13 ? 
primary 'Harrison, R.K.'       14 ? 
primary 'Niedzwiecki, L.'      15 ? 
primary 'Becker, J.W.'         16 ? 
primary 'Marcy, A.I.'          17 ? 
primary 'Axel, M.G.'           18 ? 
primary 'Christen, A.J.'       19 ? 
primary 'McDonnell, J.'        20 ? 
primary 'Moore, V.L.'          21 ? 
primary 'Olszewski, J.M.'      22 ? 
primary 'Saphos, C.'           23 ? 
primary 'Visco, D.M.'          24 ? 
primary 'Shen, F.'             25 ? 
primary 'Colletti, A.'         26 ? 
primary 'Krieter, P.A.'        27 ? 
primary 'Hagmann, W.K.'        28 ? 
1       'Gooley, P.R.'         29 ? 
1       
;O'Connell, J.F.
;
30 ? 
1       'Marcy, A.I.'          31 ? 
1       'Cuca, G.C.'           32 ? 
1       'Axel, M.G.'           33 ? 
1       'Caldwell, C.G.'       34 ? 
1       'Hagmann, W.K.'        35 ? 
1       'Becker, J.W.'         36 ? 
2       'Becker, J.W.'         37 ? 
2       'Marcy, A.I.'          38 ? 
2       'Rokosz, L.L.'         39 ? 
2       'Axel, M.G.'           40 ? 
2       'Burbaum, J.J.'        41 ? 
2       'Fitzgerald, P.M.'     42 ? 
2       'Cameron, P.M.'        43 ? 
2       'Esser, C.K.'          44 ? 
2       'Hagmann, W.K.'        45 ? 
2       'Hermes, J.D.'         46 ? 
2       'Springer, J.P.'       47 ? 
3       'Gooley, P.R.'         48 ? 
3       
;O'Connell, J.F.
;
49 ? 
3       'Marcy, A.I.'          50 ? 
3       'Cuca, G.C.'           51 ? 
3       'Salowe, S.P.'         52 ? 
3       'Bush, B.L.'           53 ? 
3       'Hermes, J.D.'         54 ? 
3       'Esser, C.K.'          55 ? 
3       'Hagmann, W.K.'        56 ? 
3       'Springer, J.P.'       57 ? 
3       'Johnson, B.A.'        58 ? 
4       'Chapman, K.T.'        59 ? 
4       'Kopka, I.E.'          60 ? 
4       'Durette, P.L.'        61 ? 
4       'Esser, C.K.'          62 ? 
4       'Lanza, T.J.'          63 ? 
4       'Izquierdo-Martin, M.' 64 ? 
4       'Niedzwiecki, L.'      65 ? 
4       'Chang, B.'            66 ? 
4       'Harrison, R.K.'       67 ? 
4       'Kuo, D.W.'            68 ? 
4       'Lin, T.Y.'            69 ? 
4       'Stein, R.L.'          70 ? 
4       'Hagmann, W.K.'        71 ? 
5       'Marcy, A.I.'          72 ? 
5       'Eiberger, L.L.'       73 ? 
5       'Harrison, R.'         74 ? 
5       'Chan, H.K.'           75 ? 
5       'Hutchinson, N.I.'     76 ? 
5       'Hagmann, W.K.'        77 ? 
5       'Cameron, P.M.'        78 ? 
5       'Boulton, D.A.'        79 ? 
5       'Hermes, J.D.'         80 ? 
# 
loop_
_entity.id 
_entity.type 
_entity.src_method 
_entity.pdbx_description 
_entity.formula_weight 
_entity.pdbx_number_of_molecules 
_entity.pdbx_ec 
_entity.pdbx_mutation 
_entity.pdbx_fragment 
_entity.details 
1 polymer     man STROMELYSIN-1 17945.922 1   3.4.24.17 ? ? ? 
2 non-polymer syn 'ZINC ION' 65.409    2   ?         ? ? ? 
3 non-polymer syn 'CALCIUM ION' 40.078    3   ?         ? ? ? 
4 non-polymer syn 
;6-(4'-FLUORO-BIPHENYL-4-YL)-4-(3-METHYL-1-PHENYLCARBAMOYL-BUTYLCARBAMOYL)-2-[4-(1-OXO-1,3-DIHYDRO-ISOINDOL-2-YL)-BUTYL]-HEXANOIC ACID
;
705.857   1   ?         ? ? ? 
5 water       nat water 18.015    143 ?         ? ? ? 
# 
_entity_name_com.entity_id   1 
_entity_name_com.name        'MATRIX METALLOPROTEASE-3, PROTEOGLYCANASE' 
# 
_entity_poly.entity_id                      1 
_entity_poly.type                           'polypeptide(L)' 
_entity_poly.nstd_linkage                   no 
_entity_poly.nstd_monomer                   no 
_entity_poly.pdbx_seq_one_letter_code       
;GIPKWRKTHLTYRIVNYTPDLPKDAVDSAVEKALKVWEEVTPLTFSRLYEGEADIMISFAVREHGDFYPFDGPGNVLAHA
YAPGPGINGDAHFDDDEQWTKDTTGTNLFLVAAHEIGHSLGLFHSANTEALMYPLYHSLTDLTRFRLSQDDINGIQSLYG
;
_entity_poly.pdbx_seq_one_letter_code_can   
;GIPKWRKTHLTYRIVNYTPDLPKDAVDSAVEKALKVWEEVTPLTFSRLYEGEADIMISFAVREHGDFYPFDGPGNVLAHA
YAPGPGINGDAHFDDDEQWTKDTTGTNLFLVAAHEIGHSLGLFHSANTEALMYPLYHSLTDLTRFRLSQDDINGIQSLYG
;
_entity_poly.pdbx_strand_id                 A 
_entity_poly.pdbx_target_identifier         ? 
# 
loop_
_pdbx_entity_nonpoly.entity_id 
_pdbx_entity_nonpoly.name 
_pdbx_entity_nonpoly.comp_id 
2 'ZINC ION' ZN  
3 'CALCIUM ION' CA  
4 
;6-(4'-FLUORO-BIPHENYL-4-YL)-4-(3-METHYL-1-PHENYLCARBAMOYL-BUTYLCARBAMOYL)-2-[4-(1-OXO-1,3-DIHYDRO-ISOINDOL-2-YL)-BUTYL]-HEXANOIC ACID
;
L04 
5 water HOH 
# 
loop_
_entity_poly_seq.entity_id 
_entity_poly_seq.num 
_entity_poly_seq.mon_id 
_entity_poly_seq.hetero 
1 1   GLY n 
1 2   ILE n 
1 3   PRO n 
1 4   LYS n 
1 5   TRP n 
1 6   ARG n 
1 7   LYS n 
1 8   THR n 
1 9   HIS n 
1 10  LEU n 
1 11  THR n 
1 12  TYR n 
1 13  ARG n 
1 14  ILE n 
1 15  VAL n 
1 16  ASN n 
1 17  TYR n 
1 18  THR n 
1 19  PRO n 
1 20  ASP n 
1 21  LEU n 
1 22  PRO n 
1 23  LYS n 
1 24  ASP n 
1 25  ALA n 
1 26  VAL n 
1 27  ASP n 
1 28  SER n 
1 29  ALA n 
1 30  VAL n 
1 31  GLU n 
1 32  LYS n 
1 33  ALA n 
1 34  LEU n 
1 35  LYS n 
1 36  VAL n 
1 37  TRP n 
1 38  GLU n 
1 39  GLU n 
1 40  VAL n 
1 41  THR n 
1 42  PRO n 
1 43  LEU n 
1 44  THR n 
1 45  PHE n 
1 46  SER n 
1 47  ARG n 
1 48  LEU n 
1 49  TYR n 
1 50  GLU n 
1 51  GLY n 
1 52  GLU n 
1 53  ALA n 
1 54  ASP n 
1 55  ILE n 
1 56  MET n 
1 57  ILE n 
1 58  SER n 
1 59  PHE n 
1 60  ALA n 
1 61  VAL n 
1 62  ARG n 
1 63  GLU n 
1 64  HIS n 
1 65  GLY n 
1 66  ASP n 
1 67  PHE n 
1 68  TYR n 
1 69  PRO n 
1 70  PHE n 
1 71  ASP n 
1 72  GLY n 
1 73  PRO n 
1 74  GLY n 
1 75  ASN n 
1 76  VAL n 
1 77  LEU n 
1 78  ALA n 
1 79  HIS n 
1 80  ALA n 
1 81  TYR n 
1 82  ALA n 
1 83  PRO n 
1 84  GLY n 
1 85  PRO n 
1 86  GLY n 
1 87  ILE n 
1 88  ASN n 
1 89  GLY n 
1 90  ASP n 
1 91  ALA n 
1 92  HIS n 
1 93  PHE n 
1 94  ASP n 
1 95  ASP n 
1 96  ASP n 
1 97  GLU n 
1 98  GLN n 
1 99  TRP n 
1 100 THR n 
1 101 LYS n 
1 102 ASP n 
1 103 THR n 
1 104 THR n 
1 105 GLY n 
1 106 THR n 
1 107 ASN n 
1 108 LEU n 
1 109 PHE n 
1 110 LEU n 
1 111 VAL n 
1 112 ALA n 
1 113 ALA n 
1 114 HIS n 
1 115 GLU n 
1 116 ILE n 
1 117 GLY n 
1 118 HIS n 
1 119 SER n 
1 120 LEU n 
1 121 GLY n 
1 122 LEU n 
1 123 PHE n 
1 124 HIS n 
1 125 SER n 
1 126 ALA n 
1 127 ASN n 
1 128 THR n 
1 129 GLU n 
1 130 ALA n 
1 131 LEU n 
1 132 MET n 
1 133 TYR n 
1 134 PRO n 
1 135 LEU n 
1 136 TYR n 
1 137 HIS n 
1 138 SER n 
1 139 LEU n 
1 140 THR n 
1 141 ASP n 
1 142 LEU n 
1 143 THR n 
1 144 ARG n 
1 145 PHE n 
1 146 ARG n 
1 147 LEU n 
1 148 SER n 
1 149 GLN n 
1 150 ASP n 
1 151 ASP n 
1 152 ILE n 
1 153 ASN n 
1 154 GLY n 
1 155 ILE n 
1 156 GLN n 
1 157 SER n 
1 158 LEU n 
1 159 TYR n 
1 160 GLY n 
# 
_entity_src_gen.entity_id                          1 
_entity_src_gen.pdbx_src_id                        1 
_entity_src_gen.pdbx_alt_source_flag               sample 
_entity_src_gen.pdbx_seq_type                      ? 
_entity_src_gen.pdbx_beg_seq_num                   ? 
_entity_src_gen.pdbx_end_seq_num                   ? 
_entity_src_gen.gene_src_common_name               human 
_entity_src_gen.gene_src_genus                     Homo 
_entity_src_gen.pdbx_gene_src_gene                 ? 
_entity_src_gen.gene_src_species                   ? 
_entity_src_gen.gene_src_strain                    ? 
_entity_src_gen.gene_src_tissue                    ? 
_entity_src_gen.gene_src_tissue_fraction           ? 
_entity_src_gen.gene_src_details                   ? 
_entity_src_gen.pdbx_gene_src_fragment             ? 
_entity_src_gen.pdbx_gene_src_scientific_name      'Homo sapiens' 
_entity_src_gen.pdbx_gene_src_ncbi_taxonomy_id     9606 
_entity_src_gen.pdbx_gene_src_variant              ? 
_entity_src_gen.pdbx_gene_src_cell_line            ? 
_entity_src_gen.pdbx_gene_src_atcc                 ? 
_entity_src_gen.pdbx_gene_src_organ                ? 
_entity_src_gen.pdbx_gene_src_organelle            ? 
_entity_src_gen.pdbx_gene_src_cell                 ? 
_entity_src_gen.pdbx_gene_src_cellular_location    ? 
_entity_src_gen.host_org_common_name               ? 
_entity_src_gen.pdbx_host_org_scientific_name      'Escherichia coli' 
_entity_src_gen.pdbx_host_org_ncbi_taxonomy_id     562 
_entity_src_gen.host_org_genus                     Escherichia 
_entity_src_gen.pdbx_host_org_gene                 ? 
_entity_src_gen.pdbx_host_org_organ                ? 
_entity_src_gen.host_org_species                   ? 
_entity_src_gen.pdbx_host_org_tissue               ? 
_entity_src_gen.pdbx_host_org_tissue_fraction      ? 
_entity_src_gen.pdbx_host_org_strain               ? 
_entity_src_gen.pdbx_host_org_variant              ? 
_entity_src_gen.pdbx_host_org_cell_line            ? 
_entity_src_gen.pdbx_host_org_atcc                 ? 
_entity_src_gen.pdbx_host_org_culture_collection   ? 
_entity_src_gen.pdbx_host_org_cell                 ? 
_entity_src_gen.pdbx_host_org_organelle            ? 
_entity_src_gen.pdbx_host_org_cellular_location    ? 
_entity_src_gen.pdbx_host_org_vector_type          ? 
_entity_src_gen.pdbx_host_org_vector               ? 
_entity_src_gen.host_org_details                   ? 
_entity_src_gen.expression_system_id               ? 
_entity_src_gen.plasmid_name                       ? 
_entity_src_gen.plasmid_details                    ? 
_entity_src_gen.pdbx_description                   ? 
# 
loop_
_chem_comp.id 
_chem_comp.type 
_chem_comp.mon_nstd_flag 
_chem_comp.name 
_chem_comp.pdbx_synonyms 
_chem_comp.formula 
_chem_comp.formula_weight 
ALA 'L-peptide linking' y ALANINE ?    'C3 H7 N O2'      89.093  
ARG 'L-peptide linking' y ARGININE ?    'C6 H15 N4 O2 1'  175.209 
ASN 'L-peptide linking' y ASPARAGINE ?    'C4 H8 N2 O3'     132.118 
ASP 'L-peptide linking' y 'ASPARTIC ACID' ?    'C4 H7 N O4'      133.103 
CA  non-polymer         . 'CALCIUM ION' ?    'Ca 2'            40.078  
GLN 'L-peptide linking' y GLUTAMINE ?    'C5 H10 N2 O3'    146.144 
GLU 'L-peptide linking' y 'GLUTAMIC ACID' ?    'C5 H9 N O4'      147.129 
GLY 'peptide linking'   y GLYCINE ?    'C2 H5 N O2'      75.067  
HIS 'L-peptide linking' y HISTIDINE ?    'C6 H10 N3 O2 1'  156.162 
HOH non-polymer         . WATER ?    'H2 O'            18.015  
ILE 'L-peptide linking' y ISOLEUCINE ?    'C6 H13 N O2'     131.173 
L04 non-polymer         . 
;6-(4'-FLUORO-BIPHENYL-4-YL)-4-(3-METHYL-1-PHENYLCARBAMOYL-BUTYLCARBAMOYL)-2-[4-(1-OXO-1,3-DIHYDRO-ISOINDOL-2-YL)-BUTYL]-HEXANOIC ACID
;
L004 'C43 H48 F N3 O5' 705.857 
LEU 'L-peptide linking' y LEUCINE ?    'C6 H13 N O2'     131.173 
LYS 'L-peptide linking' y LYSINE ?    'C6 H15 N2 O2 1'  147.195 
MET 'L-peptide linking' y METHIONINE ?    'C5 H11 N O2 S'   149.211 
PHE 'L-peptide linking' y PHENYLALANINE ?    'C9 H11 N O2'     165.189 
PRO 'L-peptide linking' y PROLINE ?    'C5 H9 N O2'      115.130 
SER 'L-peptide linking' y SERINE ?    'C3 H7 N O3'      105.093 
THR 'L-peptide linking' y THREONINE ?    'C4 H9 N O3'      119.119 
TRP 'L-peptide linking' y TRYPTOPHAN ?    'C11 H12 N2 O2'   204.225 
TYR 'L-peptide linking' y TYROSINE ?    'C9 H11 N O3'     181.189 
VAL 'L-peptide linking' y VALINE ?    'C5 H11 N O2'     117.146 
ZN  non-polymer         . 'ZINC ION' ?    'Zn 2'            65.409  
# 
loop_
_pdbx_poly_seq_scheme.asym_id 
_pdbx_poly_seq_scheme.entity_id 
_pdbx_poly_seq_scheme.seq_id 
_pdbx_poly_seq_scheme.mon_id 
_pdbx_poly_seq_scheme.ndb_seq_num 
_pdbx_poly_seq_scheme.pdb_seq_num 
_pdbx_poly_seq_scheme.auth_seq_num 
_pdbx_poly_seq_scheme.pdb_mon_id 
_pdbx_poly_seq_scheme.auth_mon_id 
_pdbx_poly_seq_scheme.pdb_strand_id 
_pdbx_poly_seq_scheme.pdb_ins_code 
_pdbx_poly_seq_scheme.hetero 
A 1 1   GLY 1   88  88  GLY GLY A . n 
A 1 2   ILE 2   89  89  ILE ILE A . n 
A 1 3   PRO 3   90  90  PRO PRO A . n 
A 1 4   LYS 4   91  91  LYS LYS A . n 
A 1 5   TRP 5   92  92  TRP TRP A . n 
A 1 6   ARG 6   93  93  ARG ARG A . n 
A 1 7   LYS 7   94  94  LYS LYS A . n 
A 1 8   THR 8   95  95  THR THR A . n 
A 1 9   HIS 9   96  96  HIS HIS A . n 
A 1 10  LEU 10  97  97  LEU LEU A . n 
A 1 11  THR 11  98  98  THR THR A . n 
A 1 12  TYR 12  99  99  TYR TYR A . n 
A 1 13  ARG 13  100 100 ARG ARG A . n 
A 1 14  ILE 14  101 101 ILE ILE A . n 
A 1 15  VAL 15  102 102 VAL VAL A . n 
A 1 16  ASN 16  103 103 ASN ASN A . n 
A 1 17  TYR 17  104 104 TYR TYR A . n 
A 1 18  THR 18  105 105 THR THR A . n 
A 1 19  PRO 19  106 106 PRO PRO A . n 
A 1 20  ASP 20  107 107 ASP ASP A . n 
A 1 21  LEU 21  108 108 LEU LEU A . n 
A 1 22  PRO 22  109 109 PRO PRO A . n 
A 1 23  LYS 23  110 110 LYS LYS A . n 
A 1 24  ASP 24  111 111 ASP ASP A . n 
A 1 25  ALA 25  112 112 ALA ALA A . n 
A 1 26  VAL 26  113 113 VAL VAL A . n 
A 1 27  ASP 27  114 114 ASP ASP A . n 
A 1 28  SER 28  115 115 SER SER A . n 
A 1 29  ALA 29  116 116 ALA ALA A . n 
A 1 30  VAL 30  117 117 VAL VAL A . n 
A 1 31  GLU 31  118 118 GLU GLU A . n 
A 1 32  LYS 32  119 119 LYS LYS A . n 
A 1 33  ALA 33  120 120 ALA ALA A . n 
A 1 34  LEU 34  121 121 LEU LEU A . n 
A 1 35  LYS 35  122 122 LYS LYS A . n 
A 1 36  VAL 36  123 123 VAL VAL A . n 
A 1 37  TRP 37  124 124 TRP TRP A . n 
A 1 38  GLU 38  125 125 GLU GLU A . n 
A 1 39  GLU 39  126 126 GLU GLU A . n 
A 1 40  VAL 40  127 127 VAL VAL A . n 
A 1 41  THR 41  128 128 THR THR A . n 
A 1 42  PRO 42  129 129 PRO PRO A . n 
A 1 43  LEU 43  130 130 LEU LEU A . n 
A 1 44  THR 44  131 131 THR THR A . n 
A 1 45  PHE 45  132 132 PHE PHE A . n 
A 1 46  SER 46  133 133 SER SER A . n 
A 1 47  ARG 47  134 134 ARG ARG A . n 
A 1 48  LEU 48  135 135 LEU LEU A . n 
A 1 49  TYR 49  136 136 TYR TYR A . n 
A 1 50  GLU 50  137 137 GLU GLU A . n 
A 1 51  GLY 51  138 138 GLY GLY A . n 
A 1 52  GLU 52  139 139 GLU GLU A . n 
A 1 53  ALA 53  140 140 ALA ALA A . n 
A 1 54  ASP 54  141 141 ASP ASP A . n 
A 1 55  ILE 55  142 142 ILE ILE A . n 
A 1 56  MET 56  143 143 MET MET A . n 
A 1 57  ILE 57  144 144 ILE ILE A . n 
A 1 58  SER 58  145 145 SER SER A . n 
A 1 59  PHE 59  146 146 PHE PHE A . n 
A 1 60  ALA 60  147 147 ALA ALA A . n 
A 1 61  VAL 61  148 148 VAL VAL A . n 
A 1 62  ARG 62  149 149 ARG ARG A . n 
A 1 63  GLU 63  150 150 GLU GLU A . n 
A 1 64  HIS 64  151 151 HIS HIS A . n 
A 1 65  GLY 65  152 152 GLY GLY A . n 
A 1 66  ASP 66  153 153 ASP ASP A . n 
A 1 67  PHE 67  154 154 PHE PHE A . n 
A 1 68  TYR 68  155 155 TYR TYR A . n 
A 1 69  PRO 69  156 156 PRO PRO A . n 
A 1 70  PHE 70  157 157 PHE PHE A . n 
A 1 71  ASP 71  158 158 ASP ASP A . n 
A 1 72  GLY 72  159 159 GLY GLY A . n 
A 1 73  PRO 73  160 160 PRO PRO A . n 
A 1 74  GLY 74  161 161 GLY GLY A . n 
A 1 75  ASN 75  162 162 ASN ASN A . n 
A 1 76  VAL 76  163 163 VAL VAL A . n 
A 1 77  LEU 77  164 164 LEU LEU A . n 
A 1 78  ALA 78  165 165 ALA ALA A . n 
A 1 79  HIS 79  166 166 HIS HIS A . n 
A 1 80  ALA 80  167 167 ALA ALA A . n 
A 1 81  TYR 81  168 168 TYR TYR A . n 
A 1 82  ALA 82  169 169 ALA ALA A . n 
A 1 83  PRO 83  170 170 PRO PRO A . n 
A 1 84  GLY 84  171 171 GLY GLY A . n 
A 1 85  PRO 85  172 172 PRO PRO A . n 
A 1 86  GLY 86  173 173 GLY GLY A . n 
A 1 87  ILE 87  174 174 ILE ILE A . n 
A 1 88  ASN 88  175 175 ASN ASN A . n 
A 1 89  GLY 89  176 176 GLY GLY A . n 
A 1 90  ASP 90  177 177 ASP ASP A . n 
A 1 91  ALA 91  178 178 ALA ALA A . n 
A 1 92  HIS 92  179 179 HIS HIS A . n 
A 1 93  PHE 93  180 180 PHE PHE A . n 
A 1 94  ASP 94  181 181 ASP ASP A . n 
A 1 95  ASP 95  182 182 ASP ASP A . n 
A 1 96  ASP 96  183 183 ASP ASP A . n 
A 1 97  GLU 97  184 184 GLU GLU A . n 
A 1 98  GLN 98  185 185 GLN GLN A . n 
A 1 99  TRP 99  186 186 TRP TRP A . n 
A 1 100 THR 100 187 187 THR THR A . n 
A 1 101 LYS 101 188 188 LYS LYS A . n 
A 1 102 ASP 102 189 189 ASP ASP A . n 
A 1 103 THR 103 190 190 THR THR A . n 
A 1 104 THR 104 191 191 THR THR A . n 
A 1 105 GLY 105 192 192 GLY GLY A . n 
A 1 106 THR 106 193 193 THR THR A . n 
A 1 107 ASN 107 194 194 ASN ASN A . n 
A 1 108 LEU 108 195 195 LEU LEU A . n 
A 1 109 PHE 109 196 196 PHE PHE A . n 
A 1 110 LEU 110 197 197 LEU LEU A . n 
A 1 111 VAL 111 198 198 VAL VAL A . n 
A 1 112 ALA 112 199 199 ALA ALA A . n 
A 1 113 ALA 113 200 200 ALA ALA A . n 
A 1 114 HIS 114 201 201 HIS HIS A . n 
A 1 115 GLU 115 202 202 GLU GLU A . n 
A 1 116 ILE 116 203 203 ILE ILE A . n 
A 1 117 GLY 117 204 204 GLY GLY A . n 
A 1 118 HIS 118 205 205 HIS HIS A . n 
A 1 119 SER 119 206 206 SER SER A . n 
A 1 120 LEU 120 207 207 LEU LEU A . n 
A 1 121 GLY 121 208 208 GLY GLY A . n 
A 1 122 LEU 122 209 209 LEU LEU A . n 
A 1 123 PHE 123 210 210 PHE PHE A . n 
A 1 124 HIS 124 211 211 HIS HIS A . n 
A 1 125 SER 125 212 212 SER SER A . n 
A 1 126 ALA 126 213 213 ALA ALA A . n 
A 1 127 ASN 127 214 214 ASN ASN A . n 
A 1 128 THR 128 215 215 THR THR A . n 
A 1 129 GLU 129 216 216 GLU GLU A . n 
A 1 130 ALA 130 217 217 ALA ALA A . n 
A 1 131 LEU 131 218 218 LEU LEU A . n 
A 1 132 MET 132 219 219 MET MET A . n 
A 1 133 TYR 133 220 220 TYR TYR A . n 
A 1 134 PRO 134 221 221 PRO PRO A . n 
A 1 135 LEU 135 222 222 LEU LEU A . n 
A 1 136 TYR 136 223 223 TYR TYR A . n 
A 1 137 HIS 137 224 224 HIS HIS A . n 
A 1 138 SER 138 225 225 SER SER A . n 
A 1 139 LEU 139 226 226 LEU LEU A . n 
A 1 140 THR 140 227 227 THR THR A . n 
A 1 141 ASP 141 228 228 ASP ASP A . n 
A 1 142 LEU 142 229 229 LEU LEU A . n 
A 1 143 THR 143 230 230 THR THR A . n 
A 1 144 ARG 144 231 231 ARG ARG A . n 
A 1 145 PHE 145 232 232 PHE PHE A . n 
A 1 146 ARG 146 233 233 ARG ARG A . n 
A 1 147 LEU 147 234 234 LEU LEU A . n 
A 1 148 SER 148 235 235 SER SER A . n 
A 1 149 GLN 149 236 236 GLN GLN A . n 
A 1 150 ASP 150 237 237 ASP ASP A . n 
A 1 151 ASP 151 238 238 ASP ASP A . n 
A 1 152 ILE 152 239 239 ILE ILE A . n 
A 1 153 ASN 153 240 240 ASN ASN A . n 
A 1 154 GLY 154 241 241 GLY GLY A . n 
A 1 155 ILE 155 242 242 ILE ILE A . n 
A 1 156 GLN 156 243 243 GLN GLN A . n 
A 1 157 SER 157 244 244 SER SER A . n 
A 1 158 LEU 158 245 245 LEU LEU A . n 
A 1 159 TYR 159 246 246 TYR TYR A . n 
A 1 160 GLY 160 247 247 GLY GLY A . n 
# 
loop_
_pdbx_nonpoly_scheme.asym_id 
_pdbx_nonpoly_scheme.entity_id 
_pdbx_nonpoly_scheme.mon_id 
_pdbx_nonpoly_scheme.ndb_seq_num 
_pdbx_nonpoly_scheme.pdb_seq_num 
_pdbx_nonpoly_scheme.auth_seq_num 
_pdbx_nonpoly_scheme.pdb_mon_id 
_pdbx_nonpoly_scheme.auth_mon_id 
_pdbx_nonpoly_scheme.pdb_strand_id 
_pdbx_nonpoly_scheme.pdb_ins_code 
B 2 ZN  1   257 257 ZN  ZN  A . 
C 2 ZN  1   258 258 ZN  ZN  A . 
D 3 CA  1   259 259 CA  CA  A . 
E 3 CA  1   260 260 CA  CA  A . 
F 3 CA  1   261 261 CA  CA  A . 
G 4 L04 1   256 256 L04 L04 A . 
H 5 HOH 1   301 301 HOH HOH A . 
H 5 HOH 2   302 302 HOH HOH A . 
H 5 HOH 3   303 303 HOH HOH A . 
H 5 HOH 4   304 304 HOH HOH A . 
H 5 HOH 5   305 305 HOH HOH A . 
H 5 HOH 6   306 306 HOH HOH A . 
H 5 HOH 7   307 307 HOH HOH A . 
H 5 HOH 8   308 308 HOH HOH A . 
H 5 HOH 9   309 309 HOH HOH A . 
H 5 HOH 10  311 311 HOH HOH A . 
H 5 HOH 11  312 312 HOH HOH A . 
H 5 HOH 12  313 313 HOH HOH A . 
H 5 HOH 13  314 314 HOH HOH A . 
H 5 HOH 14  315 315 HOH HOH A . 
H 5 HOH 15  316 316 HOH HOH A . 
H 5 HOH 16  317 317 HOH HOH A . 
H 5 HOH 17  318 318 HOH HOH A . 
H 5 HOH 18  319 319 HOH HOH A . 
H 5 HOH 19  320 320 HOH HOH A . 
H 5 HOH 20  322 322 HOH HOH A . 
H 5 HOH 21  323 323 HOH HOH A . 
H 5 HOH 22  324 324 HOH HOH A . 
H 5 HOH 23  326 326 HOH HOH A . 
H 5 HOH 24  327 327 HOH HOH A . 
H 5 HOH 25  328 328 HOH HOH A . 
H 5 HOH 26  329 329 HOH HOH A . 
H 5 HOH 27  330 330 HOH HOH A . 
H 5 HOH 28  331 331 HOH HOH A . 
H 5 HOH 29  332 332 HOH HOH A . 
H 5 HOH 30  333 333 HOH HOH A . 
H 5 HOH 31  334 334 HOH HOH A . 
H 5 HOH 32  335 335 HOH HOH A . 
H 5 HOH 33  336 336 HOH HOH A . 
H 5 HOH 34  337 337 HOH HOH A . 
H 5 HOH 35  338 338 HOH HOH A . 
H 5 HOH 36  339 339 HOH HOH A . 
H 5 HOH 37  341 341 HOH HOH A . 
H 5 HOH 38  345 345 HOH HOH A . 
H 5 HOH 39  346 346 HOH HOH A . 
H 5 HOH 40  348 348 HOH HOH A . 
H 5 HOH 41  349 349 HOH HOH A . 
H 5 HOH 42  351 351 HOH HOH A . 
H 5 HOH 43  352 352 HOH HOH A . 
H 5 HOH 44  354 354 HOH HOH A . 
H 5 HOH 45  355 355 HOH HOH A . 
H 5 HOH 46  356 356 HOH HOH A . 
H 5 HOH 47  357 357 HOH HOH A . 
H 5 HOH 48  358 358 HOH HOH A . 
H 5 HOH 49  359 359 HOH HOH A . 
H 5 HOH 50  360 360 HOH HOH A . 
H 5 HOH 51  361 361 HOH HOH A . 
H 5 HOH 52  362 362 HOH HOH A . 
H 5 HOH 53  363 363 HOH HOH A . 
H 5 HOH 54  365 365 HOH HOH A . 
H 5 HOH 55  366 366 HOH HOH A . 
H 5 HOH 56  367 367 HOH HOH A . 
H 5 HOH 57  368 368 HOH HOH A . 
H 5 HOH 58  369 369 HOH HOH A . 
H 5 HOH 59  370 370 HOH HOH A . 
H 5 HOH 60  371 371 HOH HOH A . 
H 5 HOH 61  372 372 HOH HOH A . 
H 5 HOH 62  374 374 HOH HOH A . 
H 5 HOH 63  375 375 HOH HOH A . 
H 5 HOH 64  376 376 HOH HOH A . 
H 5 HOH 65  377 377 HOH HOH A . 
H 5 HOH 66  378 378 HOH HOH A . 
H 5 HOH 67  379 379 HOH HOH A . 
H 5 HOH 68  380 380 HOH HOH A . 
H 5 HOH 69  383 383 HOH HOH A . 
H 5 HOH 70  384 384 HOH HOH A . 
H 5 HOH 71  385 385 HOH HOH A . 
H 5 HOH 72  388 388 HOH HOH A . 
H 5 HOH 73  389 389 HOH HOH A . 
H 5 HOH 74  390 390 HOH HOH A . 
H 5 HOH 75  391 391 HOH HOH A . 
H 5 HOH 76  393 393 HOH HOH A . 
H 5 HOH 77  395 395 HOH HOH A . 
H 5 HOH 78  396 396 HOH HOH A . 
H 5 HOH 79  398 398 HOH HOH A . 
H 5 HOH 80  399 399 HOH HOH A . 
H 5 HOH 81  400 400 HOH HOH A . 
H 5 HOH 82  401 401 HOH HOH A . 
H 5 HOH 83  402 402 HOH HOH A . 
H 5 HOH 84  405 405 HOH HOH A . 
H 5 HOH 85  406 406 HOH HOH A . 
H 5 HOH 86  407 407 HOH HOH A . 
H 5 HOH 87  408 408 HOH HOH A . 
H 5 HOH 88  410 410 HOH HOH A . 
H 5 HOH 89  411 411 HOH HOH A . 
H 5 HOH 90  412 412 HOH HOH A . 
H 5 HOH 91  413 413 HOH HOH A . 
H 5 HOH 92  414 414 HOH HOH A . 
H 5 HOH 93  415 415 HOH HOH A . 
H 5 HOH 94  416 416 HOH HOH A . 
H 5 HOH 95  417 417 HOH HOH A . 
H 5 HOH 96  419 419 HOH HOH A . 
H 5 HOH 97  420 420 HOH HOH A . 
H 5 HOH 98  421 421 HOH HOH A . 
H 5 HOH 99  423 423 HOH HOH A . 
H 5 HOH 100 424 424 HOH HOH A . 
H 5 HOH 101 426 426 HOH HOH A . 
H 5 HOH 102 427 427 HOH HOH A . 
H 5 HOH 103 429 429 HOH HOH A . 
H 5 HOH 104 431 431 HOH HOH A . 
H 5 HOH 105 432 432 HOH HOH A . 
H 5 HOH 106 433 433 HOH HOH A . 
H 5 HOH 107 434 434 HOH HOH A . 
H 5 HOH 108 435 435 HOH HOH A . 
H 5 HOH 109 438 438 HOH HOH A . 
H 5 HOH 110 439 439 HOH HOH A . 
H 5 HOH 111 440 440 HOH HOH A . 
H 5 HOH 112 441 441 HOH HOH A . 
H 5 HOH 113 444 444 HOH HOH A . 
H 5 HOH 114 445 445 HOH HOH A . 
H 5 HOH 115 446 446 HOH HOH A . 
H 5 HOH 116 448 448 HOH HOH A . 
H 5 HOH 117 449 449 HOH HOH A . 
H 5 HOH 118 451 451 HOH HOH A . 
H 5 HOH 119 454 454 HOH HOH A . 
H 5 HOH 120 455 455 HOH HOH A . 
H 5 HOH 121 459 459 HOH HOH A . 
H 5 HOH 122 461 461 HOH HOH A . 
H 5 HOH 123 463 463 HOH HOH A . 
H 5 HOH 124 464 464 HOH HOH A . 
H 5 HOH 125 465 465 HOH HOH A . 
H 5 HOH 126 466 466 HOH HOH A . 
H 5 HOH 127 467 467 HOH HOH A . 
H 5 HOH 128 468 468 HOH HOH A . 
H 5 HOH 129 469 469 HOH HOH A . 
H 5 HOH 130 470 470 HOH HOH A . 
H 5 HOH 131 471 471 HOH HOH A . 
H 5 HOH 132 472 472 HOH HOH A . 
H 5 HOH 133 473 473 HOH HOH A . 
H 5 HOH 134 474 474 HOH HOH A . 
H 5 HOH 135 475 475 HOH HOH A . 
H 5 HOH 136 476 476 HOH HOH A . 
H 5 HOH 137 477 477 HOH HOH A . 
H 5 HOH 138 478 478 HOH HOH A . 
H 5 HOH 139 479 479 HOH HOH A . 
H 5 HOH 140 480 480 HOH HOH A . 
H 5 HOH 141 481 481 HOH HOH A . 
H 5 HOH 142 485 485 HOH HOH A . 
H 5 HOH 143 496 496 HOH HOH A . 
# 
loop_
_software.name 
_software.classification 
_software.version 
_software.citation_id 
_software.pdbx_ordinal 
X-PLOR 'model building' 3.1 ? 1 
X-PLOR refinement       3.1 ? 2 
R-AXIS 'data reduction' .   ? 3 
X-PLOR phasing          3.1 ? 4 
# 
_cell.entry_id           1HFS 
_cell.length_a           84.140 
_cell.length_b           85.350 
_cell.length_c           55.260 
_cell.angle_alpha        90.00 
_cell.angle_beta         90.00 
_cell.angle_gamma        90.00 
_cell.Z_PDB              8 
_cell.pdbx_unique_axis   ? 
_cell.length_a_esd       ? 
_cell.length_b_esd       ? 
_cell.length_c_esd       ? 
_cell.angle_alpha_esd    ? 
_cell.angle_beta_esd     ? 
_cell.angle_gamma_esd    ? 
# 
_symmetry.entry_id                         1HFS 
_symmetry.space_group_name_H-M             'C 2 2 21' 
_symmetry.pdbx_full_space_group_name_H-M   ? 
_symmetry.cell_setting                     ? 
_symmetry.Int_Tables_number                20 
_symmetry.space_group_name_Hall            ? 
# 
_exptl.entry_id          1HFS 
_exptl.method            'X-RAY DIFFRACTION' 
_exptl.crystals_number   ? 
# 
_exptl_crystal.id                    1 
_exptl_crystal.density_meas          ? 
_exptl_crystal.density_Matthews      2.76 
_exptl_crystal.density_percent_sol   53. 
_exptl_crystal.description           ? 
_exptl_crystal.F_000                 ? 
_exptl_crystal.preparation           ? 
# 
_diffrn.id                     1 
_diffrn.ambient_temp           ? 
_diffrn.ambient_temp_details   ? 
_diffrn.crystal_id             1 
# 
_diffrn_detector.diffrn_id              1 
_diffrn_detector.detector               'IMAGE PLATE' 
_diffrn_detector.type                   RIGAKU 
_diffrn_detector.pdbx_collection_date   1994-08-29 
_diffrn_detector.details                ? 
# 
_diffrn_radiation.diffrn_id                        1 
_diffrn_radiation.wavelength_id                    1 
_diffrn_radiation.pdbx_monochromatic_or_laue_m_l   M 
_diffrn_radiation.monochromator                    ? 
_diffrn_radiation.pdbx_diffrn_protocol             ? 
_diffrn_radiation.pdbx_scattering_type             x-ray 
# 
_diffrn_radiation_wavelength.id           1 
_diffrn_radiation_wavelength.wavelength   1.5418 
_diffrn_radiation_wavelength.wt           1.0 
# 
_diffrn_source.diffrn_id                   1 
_diffrn_source.source                      ? 
_diffrn_source.type                        ? 
_diffrn_source.pdbx_synchrotron_site       ? 
_diffrn_source.pdbx_synchrotron_beamline   ? 
_diffrn_source.pdbx_wavelength             1.5418 
_diffrn_source.pdbx_wavelength_list        ? 
# 
_reflns.entry_id                     1HFS 
_reflns.observed_criterion_sigma_I   0. 
_reflns.observed_criterion_sigma_F   ? 
_reflns.d_resolution_low             ? 
_reflns.d_resolution_high            ? 
_reflns.number_obs                   21587 
_reflns.number_all                   ? 
_reflns.percent_possible_obs         97. 
_reflns.pdbx_Rmerge_I_obs            0.0338000 
_reflns.pdbx_Rsym_value              ? 
_reflns.pdbx_netI_over_sigmaI        ? 
_reflns.B_iso_Wilson_estimate        19.5 
_reflns.pdbx_redundancy              3.17 
_reflns.R_free_details               ? 
_reflns.limit_h_max                  ? 
_reflns.limit_h_min                  ? 
_reflns.limit_k_max                  ? 
_reflns.limit_k_min                  ? 
_reflns.limit_l_max                  ? 
_reflns.limit_l_min                  ? 
_reflns.observed_criterion_F_max     ? 
_reflns.observed_criterion_F_min     ? 
_reflns.pdbx_chi_squared             ? 
_reflns.pdbx_scaling_rejects         ? 
_reflns.pdbx_ordinal                 1 
_reflns.pdbx_diffrn_id               1 
# 
_refine.entry_id                                 1HFS 
_refine.ls_number_reflns_obs                     20353 
_refine.ls_number_reflns_all                     ? 
_refine.pdbx_ls_sigma_I                          ? 
_refine.pdbx_ls_sigma_F                          2.0 
_refine.pdbx_data_cutoff_high_absF               10000000.00 
_refine.pdbx_data_cutoff_low_absF                0.00100 
_refine.pdbx_data_cutoff_high_rms_absF           ? 
_refine.ls_d_res_low                             20.00 
_refine.ls_d_res_high                            1.70 
_refine.ls_percent_reflns_obs                    91.5 
_refine.ls_R_factor_obs                          0.1890000 
_refine.ls_R_factor_all                          ? 
_refine.ls_R_factor_R_work                       0.1890000 
_refine.ls_R_factor_R_free                       0.2170000 
_refine.ls_R_factor_R_free_error                 0.007 
_refine.ls_R_factor_R_free_error_details         ? 
_refine.ls_percent_reflns_R_free                 4.8 
_refine.ls_number_reflns_R_free                  985 
_refine.ls_number_parameters                     ? 
_refine.ls_number_restraints                     ? 
_refine.occupancy_min                            ? 
_refine.occupancy_max                            ? 
_refine.B_iso_mean                               21.2 
_refine.aniso_B[1][1]                            ? 
_refine.aniso_B[2][2]                            ? 
_refine.aniso_B[3][3]                            ? 
_refine.aniso_B[1][2]                            ? 
_refine.aniso_B[1][3]                            ? 
_refine.aniso_B[2][3]                            ? 
_refine.solvent_model_details                    ? 
_refine.solvent_model_param_ksol                 ? 
_refine.solvent_model_param_bsol                 ? 
_refine.pdbx_ls_cross_valid_method               THROUGHOUT 
_refine.details                                  'BULK SOLVENT MODEL USED' 
_refine.pdbx_starting_model                      ? 
_refine.pdbx_method_to_determine_struct          ? 
_refine.pdbx_isotropic_thermal_model             RESTRAINED 
_refine.pdbx_stereochemistry_target_values       ? 
_refine.pdbx_stereochem_target_val_spec_case     ? 
_refine.pdbx_R_Free_selection_details            RANDOM 
_refine.pdbx_overall_ESU_R                       ? 
_refine.pdbx_overall_ESU_R_Free                  ? 
_refine.overall_SU_ML                            ? 
_refine.overall_SU_B                             ? 
_refine.pdbx_refine_id                           'X-RAY DIFFRACTION' 
_refine.ls_redundancy_reflns_obs                 ? 
_refine.pdbx_overall_phase_error                 ? 
_refine.B_iso_min                                ? 
_refine.B_iso_max                                ? 
_refine.correlation_coeff_Fo_to_Fc               ? 
_refine.correlation_coeff_Fo_to_Fc_free          ? 
_refine.pdbx_solvent_vdw_probe_radii             ? 
_refine.pdbx_solvent_ion_probe_radii             ? 
_refine.pdbx_solvent_shrinkage_radii             ? 
_refine.overall_SU_R_Cruickshank_DPI             ? 
_refine.overall_SU_R_free                        ? 
_refine.ls_wR_factor_R_free                      ? 
_refine.ls_wR_factor_R_work                      ? 
_refine.overall_FOM_free_R_set                   ? 
_refine.overall_FOM_work_R_set                   ? 
_refine.pdbx_diffrn_id                           1 
_refine.pdbx_TLS_residual_ADP_flag               ? 
_refine.pdbx_overall_SU_R_free_Cruickshank_DPI   ? 
_refine.pdbx_overall_SU_R_Blow_DPI               ? 
_refine.pdbx_overall_SU_R_free_Blow_DPI          ? 
# 
_refine_analyze.entry_id                        1HFS 
_refine_analyze.Luzzati_coordinate_error_obs    0.19 
_refine_analyze.Luzzati_sigma_a_obs             0.10 
_refine_analyze.Luzzati_d_res_low_obs           20.0 
_refine_analyze.Luzzati_coordinate_error_free   0.22 
_refine_analyze.Luzzati_sigma_a_free            0.08 
_refine_analyze.Luzzati_d_res_low_free          ? 
_refine_analyze.number_disordered_residues      ? 
_refine_analyze.occupancy_sum_hydrogen          ? 
_refine_analyze.occupancy_sum_non_hydrogen      ? 
_refine_analyze.pdbx_refine_id                  'X-RAY DIFFRACTION' 
_refine_analyze.pdbx_Luzzati_d_res_high_obs     ? 
# 
_refine_hist.pdbx_refine_id                   'X-RAY DIFFRACTION' 
_refine_hist.cycle_id                         LAST 
_refine_hist.pdbx_number_atoms_protein        1271 
_refine_hist.pdbx_number_atoms_nucleic_acid   0 
_refine_hist.pdbx_number_atoms_ligand         57 
_refine_hist.number_atoms_solvent             143 
_refine_hist.number_atoms_total               1471 
_refine_hist.d_res_high                       1.70 
_refine_hist.d_res_low                        20.00 
# 
loop_
_refine_ls_restr.type 
_refine_ls_restr.dev_ideal 
_refine_ls_restr.dev_ideal_target 
_refine_ls_restr.weight 
_refine_ls_restr.number 
_refine_ls_restr.pdbx_refine_id 
_refine_ls_restr.pdbx_restraint_function 
x_bond_d                0.006 ?    ? ? 'X-RAY DIFFRACTION' ? 
x_bond_d_na             ?     ?    ? ? 'X-RAY DIFFRACTION' ? 
x_bond_d_prot           ?     ?    ? ? 'X-RAY DIFFRACTION' ? 
x_angle_d               ?     ?    ? ? 'X-RAY DIFFRACTION' ? 
x_angle_d_na            ?     ?    ? ? 'X-RAY DIFFRACTION' ? 
x_angle_d_prot          ?     ?    ? ? 'X-RAY DIFFRACTION' ? 
x_angle_deg             1.30  ?    ? ? 'X-RAY DIFFRACTION' ? 
x_angle_deg_na          ?     ?    ? ? 'X-RAY DIFFRACTION' ? 
x_angle_deg_prot        ?     ?    ? ? 'X-RAY DIFFRACTION' ? 
x_dihedral_angle_d      24.0  ?    ? ? 'X-RAY DIFFRACTION' ? 
x_dihedral_angle_d_na   ?     ?    ? ? 'X-RAY DIFFRACTION' ? 
x_dihedral_angle_d_prot ?     ?    ? ? 'X-RAY DIFFRACTION' ? 
x_improper_angle_d      1.19  ?    ? ? 'X-RAY DIFFRACTION' ? 
x_improper_angle_d_na   ?     ?    ? ? 'X-RAY DIFFRACTION' ? 
x_improper_angle_d_prot ?     ?    ? ? 'X-RAY DIFFRACTION' ? 
x_mcbond_it             1.30  1.50 ? ? 'X-RAY DIFFRACTION' ? 
x_mcangle_it            2.20  2.00 ? ? 'X-RAY DIFFRACTION' ? 
x_scbond_it             2.34  2.00 ? ? 'X-RAY DIFFRACTION' ? 
x_scangle_it            3.64  2.50 ? ? 'X-RAY DIFFRACTION' ? 
# 
_refine_ls_shell.pdbx_total_number_of_bins_used   20 
_refine_ls_shell.d_res_high                       1.70 
_refine_ls_shell.d_res_low                        1.73 
_refine_ls_shell.number_reflns_R_work             800 
_refine_ls_shell.R_factor_R_work                  0.3390000 
_refine_ls_shell.percent_reflns_obs               76.0 
_refine_ls_shell.R_factor_R_free                  0.2910000 
_refine_ls_shell.R_factor_R_free_error            0.049 
_refine_ls_shell.percent_reflns_R_free            4.2 
_refine_ls_shell.number_reflns_R_free             35 
_refine_ls_shell.pdbx_refine_id                   'X-RAY DIFFRACTION' 
_refine_ls_shell.redundancy_reflns_obs            ? 
_refine_ls_shell.number_reflns_all                ? 
_refine_ls_shell.number_reflns_obs                ? 
_refine_ls_shell.R_factor_all                     ? 
# 
loop_
_pdbx_xplor_file.serial_no 
_pdbx_xplor_file.param_file 
_pdbx_xplor_file.topol_file 
_pdbx_xplor_file.pdbx_refine_id 
1 SLN004.PAR SLN004.TOP 'X-RAY DIFFRACTION' 
2 ?          ?          'X-RAY DIFFRACTION' 
# 
_struct.entry_id                  1HFS 
_struct.title                     
'CRYSTAL STRUCTURE OF THE CATALYTIC DOMAIN OF HUMAN FIBROBLAST STROMELYSIN-1 INHIBITED WITH THE N-CARBOXY-ALKYL INHIBITOR L-764,004' 
_struct.pdbx_model_details        ? 
_struct.pdbx_CASP_flag            ? 
_struct.pdbx_model_type_details   ? 
# 
_struct_keywords.entry_id        1HFS 
_struct_keywords.pdbx_keywords   HYDROLASE 
_struct_keywords.text            'HYDROLASE, METALLOPROTEASE, MATRIX METALLOPROTEASE-3, PROTEOGLYCANASE' 
# 
loop_
_struct_asym.id 
_struct_asym.pdbx_blank_PDB_chainid_flag 
_struct_asym.pdbx_modified 
_struct_asym.entity_id 
_struct_asym.details 
A N N 1 ? 
B N N 2 ? 
C N N 2 ? 
D N N 3 ? 
E N N 3 ? 
F N N 3 ? 
G N N 4 ? 
H N N 5 ? 
# 
_struct_ref.id                         1 
_struct_ref.db_name                    UNP 
_struct_ref.db_code                    MMP3_HUMAN 
_struct_ref.entity_id                  1 
_struct_ref.pdbx_db_accession          P08254 
_struct_ref.pdbx_align_begin           1 
_struct_ref.pdbx_seq_one_letter_code   
;MKSLPILLLLCVAVCSAYPLDGAARGEDTSMNLVQKYLENYYDLKKDVKQFVRRKDSGPVVKKIREMQKFLGLEVTGKLD
SDTLEVMRKPRCGVPDVGHFRTFPGIPKWRKTHLTYRIVNYTPDLPKDAVDSAVEKALKVWEEVTPLTFSRLYEGEADIM
ISFAVREHGDFYPFDGPGNVLAHAYAPGPGINGDAHFDDDEQWTKDTTGTNLFLVAAHEIGHSLGLFHSANTEALMYPLY
HSLTDLTRFRLSQDDINGIQSLYGPPPDSPETPLVPTEPVPPEPGTPANCDPALSFDAVSTLRGEILIFKDRHFWRKSLR
KLEPELHLISSFWPSLPSGVDAAYEVTSKDLVFIFKGNQFWAIRGNEVRAGYPRGIHTLGFPPTVRKIDAAISDKEKNKT
YFFVEDKYWRFDEKRNSMEPGFPKQIAEDFPGIDSKIDAVFEEFGFFYFFTGSSQLEFDPNAKKVTHTLKSNSWLNC
;
_struct_ref.pdbx_db_isoform            ? 
# 
_struct_ref_seq.align_id                      1 
_struct_ref_seq.ref_id                        1 
_struct_ref_seq.pdbx_PDB_id_code              1HFS 
_struct_ref_seq.pdbx_strand_id                A 
_struct_ref_seq.seq_align_beg                 1 
_struct_ref_seq.pdbx_seq_align_beg_ins_code   ? 
_struct_ref_seq.seq_align_end                 160 
_struct_ref_seq.pdbx_seq_align_end_ins_code   ? 
_struct_ref_seq.pdbx_db_accession             P08254 
_struct_ref_seq.db_align_beg                  105 
_struct_ref_seq.pdbx_db_align_beg_ins_code    ? 
_struct_ref_seq.db_align_end                  264 
_struct_ref_seq.pdbx_db_align_end_ins_code    ? 
_struct_ref_seq.pdbx_auth_seq_align_beg       88 
_struct_ref_seq.pdbx_auth_seq_align_end       247 
# 
_pdbx_struct_assembly.id                   1 
_pdbx_struct_assembly.details              author_defined_assembly 
_pdbx_struct_assembly.method_details       ? 
_pdbx_struct_assembly.oligomeric_details   dimeric 
_pdbx_struct_assembly.oligomeric_count     2 
# 
_pdbx_struct_assembly_gen.assembly_id       1 
_pdbx_struct_assembly_gen.oper_expression   1,2 
_pdbx_struct_assembly_gen.asym_id_list      A,B,C,D,E,F,G,H 
# 
loop_
_pdbx_struct_oper_list.id 
_pdbx_struct_oper_list.type 
_pdbx_struct_oper_list.name 
_pdbx_struct_oper_list.symmetry_operation 
_pdbx_struct_oper_list.matrix[1][1] 
_pdbx_struct_oper_list.matrix[1][2] 
_pdbx_struct_oper_list.matrix[1][3] 
_pdbx_struct_oper_list.vector[1] 
_pdbx_struct_oper_list.matrix[2][1] 
_pdbx_struct_oper_list.matrix[2][2] 
_pdbx_struct_oper_list.matrix[2][3] 
_pdbx_struct_oper_list.vector[2] 
_pdbx_struct_oper_list.matrix[3][1] 
_pdbx_struct_oper_list.matrix[3][2] 
_pdbx_struct_oper_list.matrix[3][3] 
_pdbx_struct_oper_list.vector[3] 
1 'identity operation'         1_555 x,y,z       1.0000000000 0.0000000000  0.0000000000  0.0000000000   0.0000000000  1.0000000000  0.0000000000 0.0000000000   0.0000000000  0.0000000000 1.0000000000  0.0000000000  
2 'crystal symmetry operation' 4_566 x,-y+1,-z+1 0.4171605428 -0.8401205564 -0.3466619857 -14.3841627789 -0.8401205564 -0.5019600617 0.2055080222 -24.0516531709 -0.3466619857 0.2055080222 -0.9152004810 -0.5145637391 
# 
_struct_biol.id        1 
_struct_biol.details   ? 
# 
loop_
_struct_conf.conf_type_id 
_struct_conf.id 
_struct_conf.pdbx_PDB_helix_id 
_struct_conf.beg_label_comp_id 
_struct_conf.beg_label_asym_id 
_struct_conf.beg_label_seq_id 
_struct_conf.pdbx_beg_PDB_ins_code 
_struct_conf.end_label_comp_id 
_struct_conf.end_label_asym_id 
_struct_conf.end_label_seq_id 
_struct_conf.pdbx_end_PDB_ins_code 
_struct_conf.beg_auth_comp_id 
_struct_conf.beg_auth_asym_id 
_struct_conf.beg_auth_seq_id 
_struct_conf.end_auth_comp_id 
_struct_conf.end_auth_asym_id 
_struct_conf.end_auth_seq_id 
_struct_conf.pdbx_PDB_helix_class 
_struct_conf.details 
_struct_conf.pdbx_PDB_helix_length 
HELX_P HELX_P1 A LYS A 23  ? GLU A 39  ? LYS A 110 GLU A 126 1 ? 17 
HELX_P HELX_P2 B LEU A 108 ? LEU A 120 ? LEU A 195 LEU A 207 1 ? 13 
HELX_P HELX_P3 C GLN A 149 ? TYR A 159 ? GLN A 236 TYR A 246 1 ? 11 
# 
_struct_conf_type.id          HELX_P 
_struct_conf_type.criteria    ? 
_struct_conf_type.reference   ? 
# 
loop_
_struct_conn.id 
_struct_conn.conn_type_id 
_struct_conn.pdbx_leaving_atom_flag 
_struct_conn.pdbx_PDB_id 
_struct_conn.ptnr1_label_asym_id 
_struct_conn.ptnr1_label_comp_id 
_struct_conn.ptnr1_label_seq_id 
_struct_conn.ptnr1_label_atom_id 
_struct_conn.pdbx_ptnr1_label_alt_id 
_struct_conn.pdbx_ptnr1_PDB_ins_code 
_struct_conn.pdbx_ptnr1_standard_comp_id 
_struct_conn.ptnr1_symmetry 
_struct_conn.ptnr2_label_asym_id 
_struct_conn.ptnr2_label_comp_id 
_struct_conn.ptnr2_label_seq_id 
_struct_conn.ptnr2_label_atom_id 
_struct_conn.pdbx_ptnr2_label_alt_id 
_struct_conn.pdbx_ptnr2_PDB_ins_code 
_struct_conn.ptnr1_auth_asym_id 
_struct_conn.ptnr1_auth_comp_id 
_struct_conn.ptnr1_auth_seq_id 
_struct_conn.ptnr2_auth_asym_id 
_struct_conn.ptnr2_auth_comp_id 
_struct_conn.ptnr2_auth_seq_id 
_struct_conn.ptnr2_symmetry 
_struct_conn.pdbx_ptnr3_label_atom_id 
_struct_conn.pdbx_ptnr3_label_seq_id 
_struct_conn.pdbx_ptnr3_label_comp_id 
_struct_conn.pdbx_ptnr3_label_asym_id 
_struct_conn.pdbx_ptnr3_label_alt_id 
_struct_conn.pdbx_ptnr3_PDB_ins_code 
_struct_conn.details 
_struct_conn.pdbx_dist_value 
_struct_conn.pdbx_value_order 
_struct_conn.pdbx_role 
metalc1  metalc ? ? A ASP 20  OD2 ? ? ? 1_555 F CA  . CA ? ? A ASP 107 A CA  261 1_555 ? ? ? ? ? ? ? 2.481 ? ? 
metalc2  metalc ? ? A ASP 20  OD1 ? ? ? 1_555 F CA  . CA ? ? A ASP 107 A CA  261 1_555 ? ? ? ? ? ? ? 2.693 ? ? 
metalc3  metalc ? ? A ASP 54  O   ? ? ? 1_555 E CA  . CA ? ? A ASP 141 A CA  260 1_555 ? ? ? ? ? ? ? 2.376 ? ? 
metalc4  metalc ? ? A HIS 64  NE2 ? ? ? 1_555 C ZN  . ZN ? ? A HIS 151 A ZN  258 1_555 ? ? ? ? ? ? ? 1.834 ? ? 
metalc5  metalc ? ? A ASP 66  OD2 ? ? ? 1_555 C ZN  . ZN ? ? A ASP 153 A ZN  258 1_555 ? ? ? ? ? ? ? 1.996 ? ? 
metalc6  metalc ? ? A ASP 71  OD1 ? ? ? 1_555 D CA  . CA ? ? A ASP 158 A CA  259 1_555 ? ? ? ? ? ? ? 2.485 ? ? 
metalc7  metalc ? ? A GLY 72  O   ? ? ? 1_555 D CA  . CA ? ? A GLY 159 A CA  259 1_555 ? ? ? ? ? ? ? 2.292 ? ? 
metalc8  metalc ? ? A GLY 74  O   ? ? ? 1_555 D CA  . CA ? ? A GLY 161 A CA  259 1_555 ? ? ? ? ? ? ? 2.337 ? ? 
metalc9  metalc ? ? A VAL 76  O   ? ? ? 1_555 D CA  . CA ? ? A VAL 163 A CA  259 1_555 ? ? ? ? ? ? ? 2.338 ? ? 
metalc10 metalc ? ? A HIS 79  NE2 ? ? ? 1_555 C ZN  . ZN ? ? A HIS 166 A ZN  258 1_555 ? ? ? ? ? ? ? 1.777 ? ? 
metalc11 metalc ? ? A GLY 86  O   ? ? ? 1_555 E CA  . CA ? ? A GLY 173 A CA  260 1_555 ? ? ? ? ? ? ? 2.361 ? ? 
metalc12 metalc ? ? A ASN 88  O   ? ? ? 1_555 E CA  . CA ? ? A ASN 175 A CA  260 1_555 ? ? ? ? ? ? ? 2.383 ? ? 
metalc13 metalc ? ? A ASP 90  OD1 ? ? ? 1_555 E CA  . CA ? ? A ASP 177 A CA  260 1_555 ? ? ? ? ? ? ? 2.571 ? ? 
metalc14 metalc ? ? A HIS 92  ND1 ? ? ? 1_555 C ZN  . ZN ? ? A HIS 179 A ZN  258 1_555 ? ? ? ? ? ? ? 2.009 ? ? 
metalc15 metalc ? ? A ASP 94  OD2 ? ? ? 1_555 D CA  . CA ? ? A ASP 181 A CA  259 1_555 ? ? ? ? ? ? ? 2.447 ? ? 
metalc16 metalc ? ? A ASP 95  O   ? ? ? 1_555 F CA  . CA ? ? A ASP 182 A CA  261 1_555 ? ? ? ? ? ? ? 2.293 ? ? 
metalc17 metalc ? ? A ASP 95  OD1 ? ? ? 1_555 F CA  . CA ? ? A ASP 182 A CA  261 1_555 ? ? ? ? ? ? ? 2.601 ? ? 
metalc18 metalc ? ? A GLU 97  OE2 ? ? ? 1_555 D CA  . CA ? ? A GLU 184 A CA  259 1_555 ? ? ? ? ? ? ? 2.373 ? ? 
metalc19 metalc ? ? A GLU 97  O   ? ? ? 1_555 F CA  . CA ? ? A GLU 184 A CA  261 1_555 ? ? ? ? ? ? ? 2.450 ? ? 
metalc20 metalc ? ? A HIS 114 NE2 ? ? ? 1_555 B ZN  . ZN ? ? A HIS 201 A ZN  257 1_555 ? ? ? ? ? ? ? 1.899 ? ? 
metalc21 metalc ? ? A HIS 118 NE2 ? ? ? 1_555 B ZN  . ZN ? ? A HIS 205 A ZN  257 1_555 ? ? ? ? ? ? ? 1.933 ? ? 
metalc22 metalc ? ? A HIS 124 NE2 ? ? ? 1_555 B ZN  . ZN ? ? A HIS 211 A ZN  257 1_555 ? ? ? ? ? ? ? 1.845 ? ? 
metalc23 metalc ? ? G L04 .   O5  ? ? ? 1_555 B ZN  . ZN ? ? A L04 256 A ZN  257 1_555 ? ? ? ? ? ? ? 1.841 ? ? 
metalc24 metalc ? ? G L04 .   O4  ? ? ? 1_555 B ZN  . ZN ? ? A L04 256 A ZN  257 1_555 ? ? ? ? ? ? ? 2.615 ? ? 
metalc25 metalc ? ? E CA  .   CA  ? ? ? 1_555 H HOH . O  ? ? A CA  260 A HOH 306 1_555 ? ? ? ? ? ? ? 2.287 ? ? 
metalc26 metalc ? ? E CA  .   CA  ? ? ? 1_555 H HOH . O  ? ? A CA  260 A HOH 312 1_555 ? ? ? ? ? ? ? 2.283 ? ? 
metalc27 metalc ? ? F CA  .   CA  ? ? ? 1_555 H HOH . O  ? ? A CA  261 A HOH 313 1_555 ? ? ? ? ? ? ? 2.329 ? ? 
metalc28 metalc ? ? F CA  .   CA  ? ? ? 1_555 H HOH . O  ? ? A CA  261 A HOH 332 1_555 ? ? ? ? ? ? ? 2.315 ? ? 
# 
_struct_conn_type.id          metalc 
_struct_conn_type.criteria    ? 
_struct_conn_type.reference   ? 
# 
loop_
_pdbx_struct_conn_angle.id 
_pdbx_struct_conn_angle.ptnr1_label_atom_id 
_pdbx_struct_conn_angle.ptnr1_label_alt_id 
_pdbx_struct_conn_angle.ptnr1_label_asym_id 
_pdbx_struct_conn_angle.ptnr1_label_comp_id 
_pdbx_struct_conn_angle.ptnr1_label_seq_id 
_pdbx_struct_conn_angle.ptnr1_auth_atom_id 
_pdbx_struct_conn_angle.ptnr1_auth_asym_id 
_pdbx_struct_conn_angle.ptnr1_auth_comp_id 
_pdbx_struct_conn_angle.ptnr1_auth_seq_id 
_pdbx_struct_conn_angle.ptnr1_PDB_ins_code 
_pdbx_struct_conn_angle.ptnr1_symmetry 
_pdbx_struct_conn_angle.ptnr2_label_atom_id 
_pdbx_struct_conn_angle.ptnr2_label_alt_id 
_pdbx_struct_conn_angle.ptnr2_label_asym_id 
_pdbx_struct_conn_angle.ptnr2_label_comp_id 
_pdbx_struct_conn_angle.ptnr2_label_seq_id 
_pdbx_struct_conn_angle.ptnr2_auth_atom_id 
_pdbx_struct_conn_angle.ptnr2_auth_asym_id 
_pdbx_struct_conn_angle.ptnr2_auth_comp_id 
_pdbx_struct_conn_angle.ptnr2_auth_seq_id 
_pdbx_struct_conn_angle.ptnr2_PDB_ins_code 
_pdbx_struct_conn_angle.ptnr2_symmetry 
_pdbx_struct_conn_angle.ptnr3_label_atom_id 
_pdbx_struct_conn_angle.ptnr3_label_alt_id 
_pdbx_struct_conn_angle.ptnr3_label_asym_id 
_pdbx_struct_conn_angle.ptnr3_label_comp_id 
_pdbx_struct_conn_angle.ptnr3_label_seq_id 
_pdbx_struct_conn_angle.ptnr3_auth_atom_id 
_pdbx_struct_conn_angle.ptnr3_auth_asym_id 
_pdbx_struct_conn_angle.ptnr3_auth_comp_id 
_pdbx_struct_conn_angle.ptnr3_auth_seq_id 
_pdbx_struct_conn_angle.ptnr3_PDB_ins_code 
_pdbx_struct_conn_angle.ptnr3_symmetry 
_pdbx_struct_conn_angle.value 
_pdbx_struct_conn_angle.value_esd 
1  OD2 ? A ASP 20  ? A ASP 107 ? 1_555 CA ? F CA . ? A CA 261 ? 1_555 OD1 ? A ASP 20  ? A ASP 107 ? 1_555 49.7  ? 
2  OD2 ? A ASP 20  ? A ASP 107 ? 1_555 CA ? F CA . ? A CA 261 ? 1_555 O   ? A ASP 95  ? A ASP 182 ? 1_555 147.7 ? 
3  OD1 ? A ASP 20  ? A ASP 107 ? 1_555 CA ? F CA . ? A CA 261 ? 1_555 O   ? A ASP 95  ? A ASP 182 ? 1_555 155.1 ? 
4  OD2 ? A ASP 20  ? A ASP 107 ? 1_555 CA ? F CA . ? A CA 261 ? 1_555 OD1 ? A ASP 95  ? A ASP 182 ? 1_555 87.2  ? 
5  OD1 ? A ASP 20  ? A ASP 107 ? 1_555 CA ? F CA . ? A CA 261 ? 1_555 OD1 ? A ASP 95  ? A ASP 182 ? 1_555 93.2  ? 
6  O   ? A ASP 95  ? A ASP 182 ? 1_555 CA ? F CA . ? A CA 261 ? 1_555 OD1 ? A ASP 95  ? A ASP 182 ? 1_555 74.8  ? 
7  OD2 ? A ASP 20  ? A ASP 107 ? 1_555 CA ? F CA . ? A CA 261 ? 1_555 O   ? A GLU 97  ? A GLU 184 ? 1_555 75.8  ? 
8  OD1 ? A ASP 20  ? A ASP 107 ? 1_555 CA ? F CA . ? A CA 261 ? 1_555 O   ? A GLU 97  ? A GLU 184 ? 1_555 121.5 ? 
9  O   ? A ASP 95  ? A ASP 182 ? 1_555 CA ? F CA . ? A CA 261 ? 1_555 O   ? A GLU 97  ? A GLU 184 ? 1_555 83.2  ? 
10 OD1 ? A ASP 95  ? A ASP 182 ? 1_555 CA ? F CA . ? A CA 261 ? 1_555 O   ? A GLU 97  ? A GLU 184 ? 1_555 105.2 ? 
11 OD2 ? A ASP 20  ? A ASP 107 ? 1_555 CA ? F CA . ? A CA 261 ? 1_555 O   ? H HOH .   ? A HOH 313 ? 1_555 95.6  ? 
12 OD1 ? A ASP 20  ? A ASP 107 ? 1_555 CA ? F CA . ? A CA 261 ? 1_555 O   ? H HOH .   ? A HOH 313 ? 1_555 85.6  ? 
13 O   ? A ASP 95  ? A ASP 182 ? 1_555 CA ? F CA . ? A CA 261 ? 1_555 O   ? H HOH .   ? A HOH 313 ? 1_555 104.4 ? 
14 OD1 ? A ASP 95  ? A ASP 182 ? 1_555 CA ? F CA . ? A CA 261 ? 1_555 O   ? H HOH .   ? A HOH 313 ? 1_555 175.1 ? 
15 O   ? A GLU 97  ? A GLU 184 ? 1_555 CA ? F CA . ? A CA 261 ? 1_555 O   ? H HOH .   ? A HOH 313 ? 1_555 79.4  ? 
16 OD2 ? A ASP 20  ? A ASP 107 ? 1_555 CA ? F CA . ? A CA 261 ? 1_555 O   ? H HOH .   ? A HOH 332 ? 1_555 127.0 ? 
17 OD1 ? A ASP 20  ? A ASP 107 ? 1_555 CA ? F CA . ? A CA 261 ? 1_555 O   ? H HOH .   ? A HOH 332 ? 1_555 77.9  ? 
18 O   ? A ASP 95  ? A ASP 182 ? 1_555 CA ? F CA . ? A CA 261 ? 1_555 O   ? H HOH .   ? A HOH 332 ? 1_555 80.1  ? 
19 OD1 ? A ASP 95  ? A ASP 182 ? 1_555 CA ? F CA . ? A CA 261 ? 1_555 O   ? H HOH .   ? A HOH 332 ? 1_555 89.0  ? 
20 O   ? A GLU 97  ? A GLU 184 ? 1_555 CA ? F CA . ? A CA 261 ? 1_555 O   ? H HOH .   ? A HOH 332 ? 1_555 154.4 ? 
21 O   ? H HOH .   ? A HOH 313 ? 1_555 CA ? F CA . ? A CA 261 ? 1_555 O   ? H HOH .   ? A HOH 332 ? 1_555 86.2  ? 
22 O   ? A ASP 54  ? A ASP 141 ? 1_555 CA ? E CA . ? A CA 260 ? 1_555 O   ? A GLY 86  ? A GLY 173 ? 1_555 168.6 ? 
23 O   ? A ASP 54  ? A ASP 141 ? 1_555 CA ? E CA . ? A CA 260 ? 1_555 O   ? A ASN 88  ? A ASN 175 ? 1_555 103.9 ? 
24 O   ? A GLY 86  ? A GLY 173 ? 1_555 CA ? E CA . ? A CA 260 ? 1_555 O   ? A ASN 88  ? A ASN 175 ? 1_555 87.5  ? 
25 O   ? A ASP 54  ? A ASP 141 ? 1_555 CA ? E CA . ? A CA 260 ? 1_555 OD1 ? A ASP 90  ? A ASP 177 ? 1_555 84.1  ? 
26 O   ? A GLY 86  ? A GLY 173 ? 1_555 CA ? E CA . ? A CA 260 ? 1_555 OD1 ? A ASP 90  ? A ASP 177 ? 1_555 95.9  ? 
27 O   ? A ASN 88  ? A ASN 175 ? 1_555 CA ? E CA . ? A CA 260 ? 1_555 OD1 ? A ASP 90  ? A ASP 177 ? 1_555 95.8  ? 
28 O   ? A ASP 54  ? A ASP 141 ? 1_555 CA ? E CA . ? A CA 260 ? 1_555 O   ? H HOH .   ? A HOH 306 ? 1_555 86.0  ? 
29 O   ? A GLY 86  ? A GLY 173 ? 1_555 CA ? E CA . ? A CA 260 ? 1_555 O   ? H HOH .   ? A HOH 306 ? 1_555 94.7  ? 
30 O   ? A ASN 88  ? A ASN 175 ? 1_555 CA ? E CA . ? A CA 260 ? 1_555 O   ? H HOH .   ? A HOH 306 ? 1_555 82.4  ? 
31 OD1 ? A ASP 90  ? A ASP 177 ? 1_555 CA ? E CA . ? A CA 260 ? 1_555 O   ? H HOH .   ? A HOH 306 ? 1_555 169.2 ? 
32 O   ? A ASP 54  ? A ASP 141 ? 1_555 CA ? E CA . ? A CA 260 ? 1_555 O   ? H HOH .   ? A HOH 312 ? 1_555 87.2  ? 
33 O   ? A GLY 86  ? A GLY 173 ? 1_555 CA ? E CA . ? A CA 260 ? 1_555 O   ? H HOH .   ? A HOH 312 ? 1_555 81.4  ? 
34 O   ? A ASN 88  ? A ASN 175 ? 1_555 CA ? E CA . ? A CA 260 ? 1_555 O   ? H HOH .   ? A HOH 312 ? 1_555 167.6 ? 
35 OD1 ? A ASP 90  ? A ASP 177 ? 1_555 CA ? E CA . ? A CA 260 ? 1_555 O   ? H HOH .   ? A HOH 312 ? 1_555 91.0  ? 
36 O   ? H HOH .   ? A HOH 306 ? 1_555 CA ? E CA . ? A CA 260 ? 1_555 O   ? H HOH .   ? A HOH 312 ? 1_555 92.8  ? 
37 NE2 ? A HIS 64  ? A HIS 151 ? 1_555 ZN ? C ZN . ? A ZN 258 ? 1_555 OD2 ? A ASP 66  ? A ASP 153 ? 1_555 104.9 ? 
38 NE2 ? A HIS 64  ? A HIS 151 ? 1_555 ZN ? C ZN . ? A ZN 258 ? 1_555 NE2 ? A HIS 79  ? A HIS 166 ? 1_555 119.0 ? 
39 OD2 ? A ASP 66  ? A ASP 153 ? 1_555 ZN ? C ZN . ? A ZN 258 ? 1_555 NE2 ? A HIS 79  ? A HIS 166 ? 1_555 114.2 ? 
40 NE2 ? A HIS 64  ? A HIS 151 ? 1_555 ZN ? C ZN . ? A ZN 258 ? 1_555 ND1 ? A HIS 92  ? A HIS 179 ? 1_555 108.5 ? 
41 OD2 ? A ASP 66  ? A ASP 153 ? 1_555 ZN ? C ZN . ? A ZN 258 ? 1_555 ND1 ? A HIS 92  ? A HIS 179 ? 1_555 97.9  ? 
42 NE2 ? A HIS 79  ? A HIS 166 ? 1_555 ZN ? C ZN . ? A ZN 258 ? 1_555 ND1 ? A HIS 92  ? A HIS 179 ? 1_555 110.2 ? 
43 OD1 ? A ASP 71  ? A ASP 158 ? 1_555 CA ? D CA . ? A CA 259 ? 1_555 O   ? A GLY 72  ? A GLY 159 ? 1_555 90.5  ? 
44 OD1 ? A ASP 71  ? A ASP 158 ? 1_555 CA ? D CA . ? A CA 259 ? 1_555 O   ? A GLY 74  ? A GLY 161 ? 1_555 89.0  ? 
45 O   ? A GLY 72  ? A GLY 159 ? 1_555 CA ? D CA . ? A CA 259 ? 1_555 O   ? A GLY 74  ? A GLY 161 ? 1_555 92.3  ? 
46 OD1 ? A ASP 71  ? A ASP 158 ? 1_555 CA ? D CA . ? A CA 259 ? 1_555 O   ? A VAL 76  ? A VAL 163 ? 1_555 87.2  ? 
47 O   ? A GLY 72  ? A GLY 159 ? 1_555 CA ? D CA . ? A CA 259 ? 1_555 O   ? A VAL 76  ? A VAL 163 ? 1_555 177.7 ? 
48 O   ? A GLY 74  ? A GLY 161 ? 1_555 CA ? D CA . ? A CA 259 ? 1_555 O   ? A VAL 76  ? A VAL 163 ? 1_555 88.1  ? 
49 OD1 ? A ASP 71  ? A ASP 158 ? 1_555 CA ? D CA . ? A CA 259 ? 1_555 OD2 ? A ASP 94  ? A ASP 181 ? 1_555 91.0  ? 
50 O   ? A GLY 72  ? A GLY 159 ? 1_555 CA ? D CA . ? A CA 259 ? 1_555 OD2 ? A ASP 94  ? A ASP 181 ? 1_555 87.0  ? 
51 O   ? A GLY 74  ? A GLY 161 ? 1_555 CA ? D CA . ? A CA 259 ? 1_555 OD2 ? A ASP 94  ? A ASP 181 ? 1_555 179.4 ? 
52 O   ? A VAL 76  ? A VAL 163 ? 1_555 CA ? D CA . ? A CA 259 ? 1_555 OD2 ? A ASP 94  ? A ASP 181 ? 1_555 92.5  ? 
53 OD1 ? A ASP 71  ? A ASP 158 ? 1_555 CA ? D CA . ? A CA 259 ? 1_555 OE2 ? A GLU 97  ? A GLU 184 ? 1_555 176.3 ? 
54 O   ? A GLY 72  ? A GLY 159 ? 1_555 CA ? D CA . ? A CA 259 ? 1_555 OE2 ? A GLU 97  ? A GLU 184 ? 1_555 90.4  ? 
55 O   ? A GLY 74  ? A GLY 161 ? 1_555 CA ? D CA . ? A CA 259 ? 1_555 OE2 ? A GLU 97  ? A GLU 184 ? 1_555 87.4  ? 
56 O   ? A VAL 76  ? A VAL 163 ? 1_555 CA ? D CA . ? A CA 259 ? 1_555 OE2 ? A GLU 97  ? A GLU 184 ? 1_555 91.9  ? 
57 OD2 ? A ASP 94  ? A ASP 181 ? 1_555 CA ? D CA . ? A CA 259 ? 1_555 OE2 ? A GLU 97  ? A GLU 184 ? 1_555 92.7  ? 
58 NE2 ? A HIS 114 ? A HIS 201 ? 1_555 ZN ? B ZN . ? A ZN 257 ? 1_555 NE2 ? A HIS 118 ? A HIS 205 ? 1_555 103.4 ? 
59 NE2 ? A HIS 114 ? A HIS 201 ? 1_555 ZN ? B ZN . ? A ZN 257 ? 1_555 NE2 ? A HIS 124 ? A HIS 211 ? 1_555 108.2 ? 
60 NE2 ? A HIS 118 ? A HIS 205 ? 1_555 ZN ? B ZN . ? A ZN 257 ? 1_555 NE2 ? A HIS 124 ? A HIS 211 ? 1_555 99.6  ? 
61 NE2 ? A HIS 114 ? A HIS 201 ? 1_555 ZN ? B ZN . ? A ZN 257 ? 1_555 O5  ? G L04 .   ? A L04 256 ? 1_555 111.4 ? 
62 NE2 ? A HIS 118 ? A HIS 205 ? 1_555 ZN ? B ZN . ? A ZN 257 ? 1_555 O5  ? G L04 .   ? A L04 256 ? 1_555 128.8 ? 
63 NE2 ? A HIS 124 ? A HIS 211 ? 1_555 ZN ? B ZN . ? A ZN 257 ? 1_555 O5  ? G L04 .   ? A L04 256 ? 1_555 103.5 ? 
64 NE2 ? A HIS 114 ? A HIS 201 ? 1_555 ZN ? B ZN . ? A ZN 257 ? 1_555 O4  ? G L04 .   ? A L04 256 ? 1_555 93.3  ? 
65 NE2 ? A HIS 118 ? A HIS 205 ? 1_555 ZN ? B ZN . ? A ZN 257 ? 1_555 O4  ? G L04 .   ? A L04 256 ? 1_555 88.2  ? 
66 NE2 ? A HIS 124 ? A HIS 211 ? 1_555 ZN ? B ZN . ? A ZN 257 ? 1_555 O4  ? G L04 .   ? A L04 256 ? 1_555 154.4 ? 
67 O5  ? G L04 .   ? A L04 256 ? 1_555 ZN ? B ZN . ? A ZN 257 ? 1_555 O4  ? G L04 .   ? A L04 256 ? 1_555 54.4  ? 
# 
_struct_sheet.id               1 
_struct_sheet.type             ? 
_struct_sheet.number_strands   5 
_struct_sheet.details          ? 
# 
loop_
_struct_sheet_order.sheet_id 
_struct_sheet_order.range_id_1 
_struct_sheet_order.range_id_2 
_struct_sheet_order.offset 
_struct_sheet_order.sense 
1 1 2 ? parallel      
1 2 3 ? parallel      
1 3 4 ? parallel      
1 4 5 ? anti-parallel 
# 
loop_
_struct_sheet_range.sheet_id 
_struct_sheet_range.id 
_struct_sheet_range.beg_label_comp_id 
_struct_sheet_range.beg_label_asym_id 
_struct_sheet_range.beg_label_seq_id 
_struct_sheet_range.pdbx_beg_PDB_ins_code 
_struct_sheet_range.end_label_comp_id 
_struct_sheet_range.end_label_asym_id 
_struct_sheet_range.end_label_seq_id 
_struct_sheet_range.pdbx_end_PDB_ins_code 
_struct_sheet_range.beg_auth_comp_id 
_struct_sheet_range.beg_auth_asym_id 
_struct_sheet_range.beg_auth_seq_id 
_struct_sheet_range.end_auth_comp_id 
_struct_sheet_range.end_auth_asym_id 
_struct_sheet_range.end_auth_seq_id 
1 1 THR A 44 ? ARG A 47 ? THR A 131 ARG A 134 
1 2 HIS A 9  ? ILE A 14 ? HIS A 96  ILE A 101 
1 3 ILE A 55 ? ALA A 60 ? ILE A 142 ALA A 147 
1 4 ASP A 90 ? ASP A 94 ? ASP A 177 ASP A 181 
1 5 ALA A 78 ? TYR A 81 ? ALA A 165 TYR A 168 
# 
loop_
_pdbx_struct_sheet_hbond.sheet_id 
_pdbx_struct_sheet_hbond.range_id_1 
_pdbx_struct_sheet_hbond.range_id_2 
_pdbx_struct_sheet_hbond.range_1_label_atom_id 
_pdbx_struct_sheet_hbond.range_1_label_comp_id 
_pdbx_struct_sheet_hbond.range_1_label_asym_id 
_pdbx_struct_sheet_hbond.range_1_label_seq_id 
_pdbx_struct_sheet_hbond.range_1_PDB_ins_code 
_pdbx_struct_sheet_hbond.range_1_auth_atom_id 
_pdbx_struct_sheet_hbond.range_1_auth_comp_id 
_pdbx_struct_sheet_hbond.range_1_auth_asym_id 
_pdbx_struct_sheet_hbond.range_1_auth_seq_id 
_pdbx_struct_sheet_hbond.range_2_label_atom_id 
_pdbx_struct_sheet_hbond.range_2_label_comp_id 
_pdbx_struct_sheet_hbond.range_2_label_asym_id 
_pdbx_struct_sheet_hbond.range_2_label_seq_id 
_pdbx_struct_sheet_hbond.range_2_PDB_ins_code 
_pdbx_struct_sheet_hbond.range_2_auth_atom_id 
_pdbx_struct_sheet_hbond.range_2_auth_comp_id 
_pdbx_struct_sheet_hbond.range_2_auth_asym_id 
_pdbx_struct_sheet_hbond.range_2_auth_seq_id 
1 1 2 N THR A 44 ? N THR A 131 O LEU A 10 ? O LEU A 97  
1 2 3 N ARG A 13 ? N ARG A 100 O ILE A 55 ? O ILE A 142 
1 3 4 N SER A 58 ? N SER A 145 O ALA A 91 ? O ALA A 178 
1 4 5 N HIS A 92 ? N HIS A 179 O HIS A 79 ? O HIS A 166 
# 
loop_
_struct_site.id 
_struct_site.pdbx_evidence_code 
_struct_site.pdbx_auth_asym_id 
_struct_site.pdbx_auth_comp_id 
_struct_site.pdbx_auth_seq_id 
_struct_site.pdbx_auth_ins_code 
_struct_site.pdbx_num_residues 
_struct_site.details 
L04 Unknown  ? ?   ?   ? 22 'BINDING SITE FOR THE INHIBITOR L-764,004, DENOTED L04 256.' 
ZN1 Unknown  ? ?   ?   ? 4  'LIGANDS OF THE CATALYTIC (ZN 257) ZINC ION.'                
ZN2 Unknown  ? ?   ?   ? 4  'LIGANDS OF THE STRUCTURAL (ZN 258) ZINC ION.'               
CA1 Unknown  ? ?   ?   ? 6  'LIGANDS OF THE CALCIUM ION CA 259.'                         
CA2 Unknown  ? ?   ?   ? 6  'LIGANDS OF THE CALCIUM ION CA 260.'                         
CA3 Unknown  ? ?   ?   ? 5  'LIGANDS OF THE CALCIUM ION CA 261.'                         
AC1 Software A ZN  257 ? 4  'BINDING SITE FOR RESIDUE ZN A 257'                          
AC2 Software A ZN  258 ? 4  'BINDING SITE FOR RESIDUE ZN A 258'                          
AC3 Software A CA  259 ? 6  'BINDING SITE FOR RESIDUE CA A 259'                          
AC4 Software A CA  260 ? 6  'BINDING SITE FOR RESIDUE CA A 260'                          
AC5 Software A CA  261 ? 5  'BINDING SITE FOR RESIDUE CA A 261'                          
AC6 Software A L04 256 ? 24 'BINDING SITE FOR RESIDUE L04 A 256'                         
# 
loop_
_struct_site_gen.id 
_struct_site_gen.site_id 
_struct_site_gen.pdbx_num_res 
_struct_site_gen.label_comp_id 
_struct_site_gen.label_asym_id 
_struct_site_gen.label_seq_id 
_struct_site_gen.pdbx_auth_ins_code 
_struct_site_gen.auth_comp_id 
_struct_site_gen.auth_asym_id 
_struct_site_gen.auth_seq_id 
_struct_site_gen.label_atom_id 
_struct_site_gen.label_alt_id 
_struct_site_gen.symmetry 
_struct_site_gen.details 
1  L04 22 TYR A 68  ? TYR A 155 . ? 1_555 ? 
2  L04 22 ASN A 75  ? ASN A 162 . ? 1_555 ? 
3  L04 22 VAL A 76  ? VAL A 163 . ? 1_555 ? 
4  L04 22 LEU A 77  ? LEU A 164 . ? 1_555 ? 
5  L04 22 ALA A 78  ? ALA A 165 . ? 1_555 ? 
6  L04 22 HIS A 79  ? HIS A 166 . ? 1_555 ? 
7  L04 22 TYR A 81  ? TYR A 168 . ? 1_555 ? 
8  L04 22 LEU A 110 ? LEU A 197 . ? 1_555 ? 
9  L04 22 VAL A 111 ? VAL A 198 . ? 1_555 ? 
10 L04 22 HIS A 114 ? HIS A 201 . ? 1_555 ? 
11 L04 22 GLU A 115 ? GLU A 202 . ? 1_555 ? 
12 L04 22 HIS A 118 ? HIS A 205 . ? 1_555 ? 
13 L04 22 HIS A 124 ? HIS A 211 . ? 1_555 ? 
14 L04 22 ALA A 130 ? ALA A 217 . ? 1_555 ? 
15 L04 22 LEU A 131 ? LEU A 218 . ? 1_555 ? 
16 L04 22 TYR A 133 ? TYR A 220 . ? 1_555 ? 
17 L04 22 PRO A 134 ? PRO A 221 . ? 1_555 ? 
18 L04 22 LEU A 135 ? LEU A 222 . ? 1_555 ? 
19 L04 22 TYR A 136 ? TYR A 223 . ? 1_555 ? 
20 L04 22 HIS A 137 ? HIS A 224 . ? 1_555 ? 
21 L04 22 LEU A 139 ? LEU A 226 . ? 1_555 ? 
22 L04 22 ZN  B .   ? ZN  A 257 . ? 1_555 ? 
23 ZN1 4  HIS A 114 ? HIS A 201 . ? 1_555 ? 
24 ZN1 4  HIS A 118 ? HIS A 205 . ? 1_555 ? 
25 ZN1 4  HIS A 124 ? HIS A 211 . ? 1_555 ? 
26 ZN1 4  L04 G .   ? L04 A 256 . ? 1_555 ? 
27 ZN2 4  HIS A 64  ? HIS A 151 . ? 1_555 ? 
28 ZN2 4  ASP A 66  ? ASP A 153 . ? 1_555 ? 
29 ZN2 4  HIS A 79  ? HIS A 166 . ? 1_555 ? 
30 ZN2 4  HIS A 92  ? HIS A 179 . ? 1_555 ? 
31 CA1 6  ASP A 71  ? ASP A 158 . ? 1_555 ? 
32 CA1 6  GLY A 72  ? GLY A 159 . ? 1_555 ? 
33 CA1 6  GLY A 74  ? GLY A 161 . ? 1_555 ? 
34 CA1 6  VAL A 76  ? VAL A 163 . ? 1_555 ? 
35 CA1 6  ASP A 94  ? ASP A 181 . ? 1_555 ? 
36 CA1 6  GLU A 97  ? GLU A 184 . ? 1_555 ? 
37 CA2 6  ASP A 54  ? ASP A 141 . ? 1_555 ? 
38 CA2 6  GLY A 86  ? GLY A 173 . ? 1_555 ? 
39 CA2 6  ASN A 88  ? ASN A 175 . ? 1_555 ? 
40 CA2 6  ASP A 90  ? ASP A 177 . ? 1_555 ? 
41 CA2 6  HOH H .   ? HOH A 306 . ? 1_555 ? 
42 CA2 6  HOH H .   ? HOH A 312 . ? 1_555 ? 
43 CA3 5  ASP A 20  ? ASP A 107 . ? 1_555 ? 
44 CA3 5  ASP A 95  ? ASP A 182 . ? 1_555 ? 
45 CA3 5  GLU A 97  ? GLU A 184 . ? 1_555 ? 
46 CA3 5  HOH H .   ? HOH A 313 . ? 1_555 ? 
47 CA3 5  HOH H .   ? HOH A 332 . ? 1_555 ? 
48 AC1 4  HIS A 114 ? HIS A 201 . ? 1_555 ? 
49 AC1 4  HIS A 118 ? HIS A 205 . ? 1_555 ? 
50 AC1 4  HIS A 124 ? HIS A 211 . ? 1_555 ? 
51 AC1 4  L04 G .   ? L04 A 256 . ? 1_555 ? 
52 AC2 4  HIS A 64  ? HIS A 151 . ? 1_555 ? 
53 AC2 4  ASP A 66  ? ASP A 153 . ? 1_555 ? 
54 AC2 4  HIS A 79  ? HIS A 166 . ? 1_555 ? 
55 AC2 4  HIS A 92  ? HIS A 179 . ? 1_555 ? 
56 AC3 6  ASP A 71  ? ASP A 158 . ? 1_555 ? 
57 AC3 6  GLY A 72  ? GLY A 159 . ? 1_555 ? 
58 AC3 6  GLY A 74  ? GLY A 161 . ? 1_555 ? 
59 AC3 6  VAL A 76  ? VAL A 163 . ? 1_555 ? 
60 AC3 6  ASP A 94  ? ASP A 181 . ? 1_555 ? 
61 AC3 6  GLU A 97  ? GLU A 184 . ? 1_555 ? 
62 AC4 6  ASP A 54  ? ASP A 141 . ? 1_555 ? 
63 AC4 6  GLY A 86  ? GLY A 173 . ? 1_555 ? 
64 AC4 6  ASN A 88  ? ASN A 175 . ? 1_555 ? 
65 AC4 6  ASP A 90  ? ASP A 177 . ? 1_555 ? 
66 AC4 6  HOH H .   ? HOH A 306 . ? 1_555 ? 
67 AC4 6  HOH H .   ? HOH A 312 . ? 1_555 ? 
68 AC5 5  ASP A 20  ? ASP A 107 . ? 1_555 ? 
69 AC5 5  ASP A 95  ? ASP A 182 . ? 1_555 ? 
70 AC5 5  GLU A 97  ? GLU A 184 . ? 1_555 ? 
71 AC5 5  HOH H .   ? HOH A 313 . ? 1_555 ? 
72 AC5 5  HOH H .   ? HOH A 332 . ? 1_555 ? 
73 AC6 24 TYR A 68  ? TYR A 155 . ? 1_555 ? 
74 AC6 24 ASN A 75  ? ASN A 162 . ? 1_555 ? 
75 AC6 24 VAL A 76  ? VAL A 163 . ? 1_555 ? 
76 AC6 24 LEU A 77  ? LEU A 164 . ? 1_555 ? 
77 AC6 24 ALA A 78  ? ALA A 165 . ? 1_555 ? 
78 AC6 24 HIS A 79  ? HIS A 166 . ? 1_555 ? 
79 AC6 24 ALA A 80  ? ALA A 167 . ? 1_555 ? 
80 AC6 24 TYR A 81  ? TYR A 168 . ? 1_555 ? 
81 AC6 24 HIS A 114 ? HIS A 201 . ? 1_555 ? 
82 AC6 24 GLU A 115 ? GLU A 202 . ? 1_555 ? 
83 AC6 24 HIS A 118 ? HIS A 205 . ? 1_555 ? 
84 AC6 24 HIS A 124 ? HIS A 211 . ? 1_555 ? 
85 AC6 24 LEU A 131 ? LEU A 218 . ? 1_555 ? 
86 AC6 24 TYR A 133 ? TYR A 220 . ? 1_555 ? 
87 AC6 24 PRO A 134 ? PRO A 221 . ? 1_555 ? 
88 AC6 24 LEU A 135 ? LEU A 222 . ? 1_555 ? 
89 AC6 24 TYR A 136 ? TYR A 223 . ? 1_555 ? 
90 AC6 24 HIS A 137 ? HIS A 224 . ? 1_555 ? 
91 AC6 24 LEU A 139 ? LEU A 226 . ? 1_555 ? 
92 AC6 24 ZN  B .   ? ZN  A 257 . ? 1_555 ? 
93 AC6 24 HOH H .   ? HOH A 301 . ? 1_555 ? 
94 AC6 24 HOH H .   ? HOH A 307 . ? 4_566 ? 
95 AC6 24 HOH H .   ? HOH A 323 . ? 1_555 ? 
96 AC6 24 HOH H .   ? HOH A 329 . ? 1_555 ? 
# 
loop_
_pdbx_validate_torsion.id 
_pdbx_validate_torsion.PDB_model_num 
_pdbx_validate_torsion.auth_comp_id 
_pdbx_validate_torsion.auth_asym_id 
_pdbx_validate_torsion.auth_seq_id 
_pdbx_validate_torsion.PDB_ins_code 
_pdbx_validate_torsion.label_alt_id 
_pdbx_validate_torsion.phi 
_pdbx_validate_torsion.psi 
1 1 ILE A 89  ? ? 39.24   87.98   
2 1 ARG A 149 ? ? 49.96   -132.51 
3 1 ASN A 162 ? ? 54.21   -123.82 
4 1 ASP A 189 ? ? -115.67 -165.24 
5 1 TYR A 246 ? ? -110.18 -81.16  
# 
loop_
_pdbx_struct_special_symmetry.id 
_pdbx_struct_special_symmetry.PDB_model_num 
_pdbx_struct_special_symmetry.auth_asym_id 
_pdbx_struct_special_symmetry.auth_comp_id 
_pdbx_struct_special_symmetry.auth_seq_id 
_pdbx_struct_special_symmetry.PDB_ins_code 
_pdbx_struct_special_symmetry.label_asym_id 
_pdbx_struct_special_symmetry.label_comp_id 
_pdbx_struct_special_symmetry.label_seq_id 
1 1 A HOH 433 ? H HOH . 
2 1 A HOH 468 ? H HOH . 
# 
loop_
_chem_comp_atom.comp_id 
_chem_comp_atom.atom_id 
_chem_comp_atom.type_symbol 
_chem_comp_atom.pdbx_aromatic_flag 
_chem_comp_atom.pdbx_stereo_config 
_chem_comp_atom.pdbx_ordinal 
ALA N    N  N N 1   
ALA CA   C  N S 2   
ALA C    C  N N 3   
ALA O    O  N N 4   
ALA CB   C  N N 5   
ALA OXT  O  N N 6   
ALA H    H  N N 7   
ALA H2   H  N N 8   
ALA HA   H  N N 9   
ALA HB1  H  N N 10  
ALA HB2  H  N N 11  
ALA HB3  H  N N 12  
ALA HXT  H  N N 13  
ARG N    N  N N 14  
ARG CA   C  N S 15  
ARG C    C  N N 16  
ARG O    O  N N 17  
ARG CB   C  N N 18  
ARG CG   C  N N 19  
ARG CD   C  N N 20  
ARG NE   N  N N 21  
ARG CZ   C  N N 22  
ARG NH1  N  N N 23  
ARG NH2  N  N N 24  
ARG OXT  O  N N 25  
ARG H    H  N N 26  
ARG H2   H  N N 27  
ARG HA   H  N N 28  
ARG HB2  H  N N 29  
ARG HB3  H  N N 30  
ARG HG2  H  N N 31  
ARG HG3  H  N N 32  
ARG HD2  H  N N 33  
ARG HD3  H  N N 34  
ARG HE   H  N N 35  
ARG HH11 H  N N 36  
ARG HH12 H  N N 37  
ARG HH21 H  N N 38  
ARG HH22 H  N N 39  
ARG HXT  H  N N 40  
ASN N    N  N N 41  
ASN CA   C  N S 42  
ASN C    C  N N 43  
ASN O    O  N N 44  
ASN CB   C  N N 45  
ASN CG   C  N N 46  
ASN OD1  O  N N 47  
ASN ND2  N  N N 48  
ASN OXT  O  N N 49  
ASN H    H  N N 50  
ASN H2   H  N N 51  
ASN HA   H  N N 52  
ASN HB2  H  N N 53  
ASN HB3  H  N N 54  
ASN HD21 H  N N 55  
ASN HD22 H  N N 56  
ASN HXT  H  N N 57  
ASP N    N  N N 58  
ASP CA   C  N S 59  
ASP C    C  N N 60  
ASP O    O  N N 61  
ASP CB   C  N N 62  
ASP CG   C  N N 63  
ASP OD1  O  N N 64  
ASP OD2  O  N N 65  
ASP OXT  O  N N 66  
ASP H    H  N N 67  
ASP H2   H  N N 68  
ASP HA   H  N N 69  
ASP HB2  H  N N 70  
ASP HB3  H  N N 71  
ASP HD2  H  N N 72  
ASP HXT  H  N N 73  
CA  CA   CA N N 74  
GLN N    N  N N 75  
GLN CA   C  N S 76  
GLN C    C  N N 77  
GLN O    O  N N 78  
GLN CB   C  N N 79  
GLN CG   C  N N 80  
GLN CD   C  N N 81  
GLN OE1  O  N N 82  
GLN NE2  N  N N 83  
GLN OXT  O  N N 84  
GLN H    H  N N 85  
GLN H2   H  N N 86  
GLN HA   H  N N 87  
GLN HB2  H  N N 88  
GLN HB3  H  N N 89  
GLN HG2  H  N N 90  
GLN HG3  H  N N 91  
GLN HE21 H  N N 92  
GLN HE22 H  N N 93  
GLN HXT  H  N N 94  
GLU N    N  N N 95  
GLU CA   C  N S 96  
GLU C    C  N N 97  
GLU O    O  N N 98  
GLU CB   C  N N 99  
GLU CG   C  N N 100 
GLU CD   C  N N 101 
GLU OE1  O  N N 102 
GLU OE2  O  N N 103 
GLU OXT  O  N N 104 
GLU H    H  N N 105 
GLU H2   H  N N 106 
GLU HA   H  N N 107 
GLU HB2  H  N N 108 
GLU HB3  H  N N 109 
GLU HG2  H  N N 110 
GLU HG3  H  N N 111 
GLU HE2  H  N N 112 
GLU HXT  H  N N 113 
GLY N    N  N N 114 
GLY CA   C  N N 115 
GLY C    C  N N 116 
GLY O    O  N N 117 
GLY OXT  O  N N 118 
GLY H    H  N N 119 
GLY H2   H  N N 120 
GLY HA2  H  N N 121 
GLY HA3  H  N N 122 
GLY HXT  H  N N 123 
HIS N    N  N N 124 
HIS CA   C  N S 125 
HIS C    C  N N 126 
HIS O    O  N N 127 
HIS CB   C  N N 128 
HIS CG   C  Y N 129 
HIS ND1  N  Y N 130 
HIS CD2  C  Y N 131 
HIS CE1  C  Y N 132 
HIS NE2  N  Y N 133 
HIS OXT  O  N N 134 
HIS H    H  N N 135 
HIS H2   H  N N 136 
HIS HA   H  N N 137 
HIS HB2  H  N N 138 
HIS HB3  H  N N 139 
HIS HD1  H  N N 140 
HIS HD2  H  N N 141 
HIS HE1  H  N N 142 
HIS HE2  H  N N 143 
HIS HXT  H  N N 144 
HOH O    O  N N 145 
HOH H1   H  N N 146 
HOH H2   H  N N 147 
ILE N    N  N N 148 
ILE CA   C  N S 149 
ILE C    C  N N 150 
ILE O    O  N N 151 
ILE CB   C  N S 152 
ILE CG1  C  N N 153 
ILE CG2  C  N N 154 
ILE CD1  C  N N 155 
ILE OXT  O  N N 156 
ILE H    H  N N 157 
ILE H2   H  N N 158 
ILE HA   H  N N 159 
ILE HB   H  N N 160 
ILE HG12 H  N N 161 
ILE HG13 H  N N 162 
ILE HG21 H  N N 163 
ILE HG22 H  N N 164 
ILE HG23 H  N N 165 
ILE HD11 H  N N 166 
ILE HD12 H  N N 167 
ILE HD13 H  N N 168 
ILE HXT  H  N N 169 
L04 C1   C  N N 170 
L04 C2   C  N S 171 
L04 C3   C  N N 172 
L04 C4   C  N N 173 
L04 C5   C  Y N 174 
L04 C6   C  Y N 175 
L04 C7   C  N R 176 
L04 C8   C  N N 177 
L04 C9   C  N N 178 
L04 C10  C  Y N 179 
L04 C11  C  Y N 180 
L04 C12  C  Y N 181 
L04 C13  C  Y N 182 
L04 C14  C  Y N 183 
L04 C15  C  Y N 184 
L04 C16  C  N N 185 
L04 C17  C  Y N 186 
L04 C18  C  N N 187 
L04 C19  C  N S 188 
L04 C20  C  N N 189 
L04 C21  C  N N 190 
L04 C22  C  N N 191 
L04 C23  C  N N 192 
L04 C24  C  N N 193 
L04 C25  C  N N 194 
L04 C26  C  N N 195 
L04 C27  C  N N 196 
L04 C28  C  N N 197 
L04 C29  C  Y N 198 
L04 C30  C  Y N 199 
L04 C31  C  Y N 200 
L04 C32  C  Y N 201 
L04 C33  C  Y N 202 
L04 C34  C  Y N 203 
L04 C35  C  Y N 204 
L04 C36  C  Y N 205 
L04 C37  C  Y N 206 
L04 C38  C  Y N 207 
L04 C39  C  Y N 208 
L04 C40  C  Y N 209 
L04 C41  C  Y N 210 
L04 C42  C  Y N 211 
L04 C43  C  Y N 212 
L04 N1   N  N N 213 
L04 N18  N  N N 214 
L04 N29  N  N N 215 
L04 O1   O  N N 216 
L04 O4   O  N N 217 
L04 O5   O  N N 218 
L04 O17  O  N N 219 
L04 O28  O  N N 220 
L04 F1   F  N N 221 
L04 H11A H  N N 222 
L04 H12A H  N N 223 
L04 H2   H  N N 224 
L04 H41  H  N N 225 
L04 H42A H  N N 226 
L04 H43A H  N N 227 
L04 H6   H  N N 228 
L04 H7   H  N N 229 
L04 H81  H  N N 230 
L04 H82  H  N N 231 
L04 H91  H  N N 232 
L04 H92  H  N N 233 
L04 H11  H  N N 234 
L04 H12  H  N N 235 
L04 H14  H  N N 236 
L04 H15  H  N N 237 
L04 H17  H  N N 238 
L04 H181 H  N N 239 
L04 H182 H  N N 240 
L04 H19  H  N N 241 
L04 H201 H  N N 242 
L04 H202 H  N N 243 
L04 H21  H  N N 244 
L04 H221 H  N N 245 
L04 H222 H  N N 246 
L04 H223 H  N N 247 
L04 H231 H  N N 248 
L04 H232 H  N N 249 
L04 H241 H  N N 250 
L04 H242 H  N N 251 
L04 H251 H  N N 252 
L04 H252 H  N N 253 
L04 H281 H  N N 254 
L04 H282 H  N N 255 
L04 H31  H  N N 256 
L04 H32  H  N N 257 
L04 H33  H  N N 258 
L04 H34  H  N N 259 
L04 H35  H  N N 260 
L04 H37  H  N N 261 
L04 H38  H  N N 262 
L04 H39  H  N N 263 
L04 H40  H  N N 264 
L04 H42  H  N N 265 
L04 H43  H  N N 266 
L04 HN8  H  N N 267 
L04 HN9  H  N N 268 
L04 HO5  H  N N 269 
LEU N    N  N N 270 
LEU CA   C  N S 271 
LEU C    C  N N 272 
LEU O    O  N N 273 
LEU CB   C  N N 274 
LEU CG   C  N N 275 
LEU CD1  C  N N 276 
LEU CD2  C  N N 277 
LEU OXT  O  N N 278 
LEU H    H  N N 279 
LEU H2   H  N N 280 
LEU HA   H  N N 281 
LEU HB2  H  N N 282 
LEU HB3  H  N N 283 
LEU HG   H  N N 284 
LEU HD11 H  N N 285 
LEU HD12 H  N N 286 
LEU HD13 H  N N 287 
LEU HD21 H  N N 288 
LEU HD22 H  N N 289 
LEU HD23 H  N N 290 
LEU HXT  H  N N 291 
LYS N    N  N N 292 
LYS CA   C  N S 293 
LYS C    C  N N 294 
LYS O    O  N N 295 
LYS CB   C  N N 296 
LYS CG   C  N N 297 
LYS CD   C  N N 298 
LYS CE   C  N N 299 
LYS NZ   N  N N 300 
LYS OXT  O  N N 301 
LYS H    H  N N 302 
LYS H2   H  N N 303 
LYS HA   H  N N 304 
LYS HB2  H  N N 305 
LYS HB3  H  N N 306 
LYS HG2  H  N N 307 
LYS HG3  H  N N 308 
LYS HD2  H  N N 309 
LYS HD3  H  N N 310 
LYS HE2  H  N N 311 
LYS HE3  H  N N 312 
LYS HZ1  H  N N 313 
LYS HZ2  H  N N 314 
LYS HZ3  H  N N 315 
LYS HXT  H  N N 316 
MET N    N  N N 317 
MET CA   C  N S 318 
MET C    C  N N 319 
MET O    O  N N 320 
MET CB   C  N N 321 
MET CG   C  N N 322 
MET SD   S  N N 323 
MET CE   C  N N 324 
MET OXT  O  N N 325 
MET H    H  N N 326 
MET H2   H  N N 327 
MET HA   H  N N 328 
MET HB2  H  N N 329 
MET HB3  H  N N 330 
MET HG2  H  N N 331 
MET HG3  H  N N 332 
MET HE1  H  N N 333 
MET HE2  H  N N 334 
MET HE3  H  N N 335 
MET HXT  H  N N 336 
PHE N    N  N N 337 
PHE CA   C  N S 338 
PHE C    C  N N 339 
PHE O    O  N N 340 
PHE CB   C  N N 341 
PHE CG   C  Y N 342 
PHE CD1  C  Y N 343 
PHE CD2  C  Y N 344 
PHE CE1  C  Y N 345 
PHE CE2  C  Y N 346 
PHE CZ   C  Y N 347 
PHE OXT  O  N N 348 
PHE H    H  N N 349 
PHE H2   H  N N 350 
PHE HA   H  N N 351 
PHE HB2  H  N N 352 
PHE HB3  H  N N 353 
PHE HD1  H  N N 354 
PHE HD2  H  N N 355 
PHE HE1  H  N N 356 
PHE HE2  H  N N 357 
PHE HZ   H  N N 358 
PHE HXT  H  N N 359 
PRO N    N  N N 360 
PRO CA   C  N S 361 
PRO C    C  N N 362 
PRO O    O  N N 363 
PRO CB   C  N N 364 
PRO CG   C  N N 365 
PRO CD   C  N N 366 
PRO OXT  O  N N 367 
PRO H    H  N N 368 
PRO HA   H  N N 369 
PRO HB2  H  N N 370 
PRO HB3  H  N N 371 
PRO HG2  H  N N 372 
PRO HG3  H  N N 373 
PRO HD2  H  N N 374 
PRO HD3  H  N N 375 
PRO HXT  H  N N 376 
SER N    N  N N 377 
SER CA   C  N S 378 
SER C    C  N N 379 
SER O    O  N N 380 
SER CB   C  N N 381 
SER OG   O  N N 382 
SER OXT  O  N N 383 
SER H    H  N N 384 
SER H2   H  N N 385 
SER HA   H  N N 386 
SER HB2  H  N N 387 
SER HB3  H  N N 388 
SER HG   H  N N 389 
SER HXT  H  N N 390 
THR N    N  N N 391 
THR CA   C  N S 392 
THR C    C  N N 393 
THR O    O  N N 394 
THR CB   C  N R 395 
THR OG1  O  N N 396 
THR CG2  C  N N 397 
THR OXT  O  N N 398 
THR H    H  N N 399 
THR H2   H  N N 400 
THR HA   H  N N 401 
THR HB   H  N N 402 
THR HG1  H  N N 403 
THR HG21 H  N N 404 
THR HG22 H  N N 405 
THR HG23 H  N N 406 
THR HXT  H  N N 407 
TRP N    N  N N 408 
TRP CA   C  N S 409 
TRP C    C  N N 410 
TRP O    O  N N 411 
TRP CB   C  N N 412 
TRP CG   C  Y N 413 
TRP CD1  C  Y N 414 
TRP CD2  C  Y N 415 
TRP NE1  N  Y N 416 
TRP CE2  C  Y N 417 
TRP CE3  C  Y N 418 
TRP CZ2  C  Y N 419 
TRP CZ3  C  Y N 420 
TRP CH2  C  Y N 421 
TRP OXT  O  N N 422 
TRP H    H  N N 423 
TRP H2   H  N N 424 
TRP HA   H  N N 425 
TRP HB2  H  N N 426 
TRP HB3  H  N N 427 
TRP HD1  H  N N 428 
TRP HE1  H  N N 429 
TRP HE3  H  N N 430 
TRP HZ2  H  N N 431 
TRP HZ3  H  N N 432 
TRP HH2  H  N N 433 
TRP HXT  H  N N 434 
TYR N    N  N N 435 
TYR CA   C  N S 436 
TYR C    C  N N 437 
TYR O    O  N N 438 
TYR CB   C  N N 439 
TYR CG   C  Y N 440 
TYR CD1  C  Y N 441 
TYR CD2  C  Y N 442 
TYR CE1  C  Y N 443 
TYR CE2  C  Y N 444 
TYR CZ   C  Y N 445 
TYR OH   O  N N 446 
TYR OXT  O  N N 447 
TYR H    H  N N 448 
TYR H2   H  N N 449 
TYR HA   H  N N 450 
TYR HB2  H  N N 451 
TYR HB3  H  N N 452 
TYR HD1  H  N N 453 
TYR HD2  H  N N 454 
TYR HE1  H  N N 455 
TYR HE2  H  N N 456 
TYR HH   H  N N 457 
TYR HXT  H  N N 458 
VAL N    N  N N 459 
VAL CA   C  N S 460 
VAL C    C  N N 461 
VAL O    O  N N 462 
VAL CB   C  N N 463 
VAL CG1  C  N N 464 
VAL CG2  C  N N 465 
VAL OXT  O  N N 466 
VAL H    H  N N 467 
VAL H2   H  N N 468 
VAL HA   H  N N 469 
VAL HB   H  N N 470 
VAL HG11 H  N N 471 
VAL HG12 H  N N 472 
VAL HG13 H  N N 473 
VAL HG21 H  N N 474 
VAL HG22 H  N N 475 
VAL HG23 H  N N 476 
VAL HXT  H  N N 477 
ZN  ZN   ZN N N 478 
# 
loop_
_chem_comp_bond.comp_id 
_chem_comp_bond.atom_id_1 
_chem_comp_bond.atom_id_2 
_chem_comp_bond.value_order 
_chem_comp_bond.pdbx_aromatic_flag 
_chem_comp_bond.pdbx_stereo_config 
_chem_comp_bond.pdbx_ordinal 
ALA N   CA   sing N N 1   
ALA N   H    sing N N 2   
ALA N   H2   sing N N 3   
ALA CA  C    sing N N 4   
ALA CA  CB   sing N N 5   
ALA CA  HA   sing N N 6   
ALA C   O    doub N N 7   
ALA C   OXT  sing N N 8   
ALA CB  HB1  sing N N 9   
ALA CB  HB2  sing N N 10  
ALA CB  HB3  sing N N 11  
ALA OXT HXT  sing N N 12  
ARG N   CA   sing N N 13  
ARG N   H    sing N N 14  
ARG N   H2   sing N N 15  
ARG CA  C    sing N N 16  
ARG CA  CB   sing N N 17  
ARG CA  HA   sing N N 18  
ARG C   O    doub N N 19  
ARG C   OXT  sing N N 20  
ARG CB  CG   sing N N 21  
ARG CB  HB2  sing N N 22  
ARG CB  HB3  sing N N 23  
ARG CG  CD   sing N N 24  
ARG CG  HG2  sing N N 25  
ARG CG  HG3  sing N N 26  
ARG CD  NE   sing N N 27  
ARG CD  HD2  sing N N 28  
ARG CD  HD3  sing N N 29  
ARG NE  CZ   sing N N 30  
ARG NE  HE   sing N N 31  
ARG CZ  NH1  sing N N 32  
ARG CZ  NH2  doub N N 33  
ARG NH1 HH11 sing N N 34  
ARG NH1 HH12 sing N N 35  
ARG NH2 HH21 sing N N 36  
ARG NH2 HH22 sing N N 37  
ARG OXT HXT  sing N N 38  
ASN N   CA   sing N N 39  
ASN N   H    sing N N 40  
ASN N   H2   sing N N 41  
ASN CA  C    sing N N 42  
ASN CA  CB   sing N N 43  
ASN CA  HA   sing N N 44  
ASN C   O    doub N N 45  
ASN C   OXT  sing N N 46  
ASN CB  CG   sing N N 47  
ASN CB  HB2  sing N N 48  
ASN CB  HB3  sing N N 49  
ASN CG  OD1  doub N N 50  
ASN CG  ND2  sing N N 51  
ASN ND2 HD21 sing N N 52  
ASN ND2 HD22 sing N N 53  
ASN OXT HXT  sing N N 54  
ASP N   CA   sing N N 55  
ASP N   H    sing N N 56  
ASP N   H2   sing N N 57  
ASP CA  C    sing N N 58  
ASP CA  CB   sing N N 59  
ASP CA  HA   sing N N 60  
ASP C   O    doub N N 61  
ASP C   OXT  sing N N 62  
ASP CB  CG   sing N N 63  
ASP CB  HB2  sing N N 64  
ASP CB  HB3  sing N N 65  
ASP CG  OD1  doub N N 66  
ASP CG  OD2  sing N N 67  
ASP OD2 HD2  sing N N 68  
ASP OXT HXT  sing N N 69  
GLN N   CA   sing N N 70  
GLN N   H    sing N N 71  
GLN N   H2   sing N N 72  
GLN CA  C    sing N N 73  
GLN CA  CB   sing N N 74  
GLN CA  HA   sing N N 75  
GLN C   O    doub N N 76  
GLN C   OXT  sing N N 77  
GLN CB  CG   sing N N 78  
GLN CB  HB2  sing N N 79  
GLN CB  HB3  sing N N 80  
GLN CG  CD   sing N N 81  
GLN CG  HG2  sing N N 82  
GLN CG  HG3  sing N N 83  
GLN CD  OE1  doub N N 84  
GLN CD  NE2  sing N N 85  
GLN NE2 HE21 sing N N 86  
GLN NE2 HE22 sing N N 87  
GLN OXT HXT  sing N N 88  
GLU N   CA   sing N N 89  
GLU N   H    sing N N 90  
GLU N   H2   sing N N 91  
GLU CA  C    sing N N 92  
GLU CA  CB   sing N N 93  
GLU CA  HA   sing N N 94  
GLU C   O    doub N N 95  
GLU C   OXT  sing N N 96  
GLU CB  CG   sing N N 97  
GLU CB  HB2  sing N N 98  
GLU CB  HB3  sing N N 99  
GLU CG  CD   sing N N 100 
GLU CG  HG2  sing N N 101 
GLU CG  HG3  sing N N 102 
GLU CD  OE1  doub N N 103 
GLU CD  OE2  sing N N 104 
GLU OE2 HE2  sing N N 105 
GLU OXT HXT  sing N N 106 
GLY N   CA   sing N N 107 
GLY N   H    sing N N 108 
GLY N   H2   sing N N 109 
GLY CA  C    sing N N 110 
GLY CA  HA2  sing N N 111 
GLY CA  HA3  sing N N 112 
GLY C   O    doub N N 113 
GLY C   OXT  sing N N 114 
GLY OXT HXT  sing N N 115 
HIS N   CA   sing N N 116 
HIS N   H    sing N N 117 
HIS N   H2   sing N N 118 
HIS CA  C    sing N N 119 
HIS CA  CB   sing N N 120 
HIS CA  HA   sing N N 121 
HIS C   O    doub N N 122 
HIS C   OXT  sing N N 123 
HIS CB  CG   sing N N 124 
HIS CB  HB2  sing N N 125 
HIS CB  HB3  sing N N 126 
HIS CG  ND1  sing Y N 127 
HIS CG  CD2  doub Y N 128 
HIS ND1 CE1  doub Y N 129 
HIS ND1 HD1  sing N N 130 
HIS CD2 NE2  sing Y N 131 
HIS CD2 HD2  sing N N 132 
HIS CE1 NE2  sing Y N 133 
HIS CE1 HE1  sing N N 134 
HIS NE2 HE2  sing N N 135 
HIS OXT HXT  sing N N 136 
HOH O   H1   sing N N 137 
HOH O   H2   sing N N 138 
ILE N   CA   sing N N 139 
ILE N   H    sing N N 140 
ILE N   H2   sing N N 141 
ILE CA  C    sing N N 142 
ILE CA  CB   sing N N 143 
ILE CA  HA   sing N N 144 
ILE C   O    doub N N 145 
ILE C   OXT  sing N N 146 
ILE CB  CG1  sing N N 147 
ILE CB  CG2  sing N N 148 
ILE CB  HB   sing N N 149 
ILE CG1 CD1  sing N N 150 
ILE CG1 HG12 sing N N 151 
ILE CG1 HG13 sing N N 152 
ILE CG2 HG21 sing N N 153 
ILE CG2 HG22 sing N N 154 
ILE CG2 HG23 sing N N 155 
ILE CD1 HD11 sing N N 156 
ILE CD1 HD12 sing N N 157 
ILE CD1 HD13 sing N N 158 
ILE OXT HXT  sing N N 159 
L04 C1  C2   sing N N 160 
L04 C1  C23  sing N N 161 
L04 C1  H11A sing N N 162 
L04 C1  H12A sing N N 163 
L04 C2  C3   sing N N 164 
L04 C2  C18  sing N N 165 
L04 C2  H2   sing N N 166 
L04 C3  O4   doub N N 167 
L04 C3  O5   sing N N 168 
L04 C4  C21  sing N N 169 
L04 C4  H41  sing N N 170 
L04 C4  H42A sing N N 171 
L04 C4  H43A sing N N 172 
L04 C5  C6   doub Y N 173 
L04 C5  C13  sing Y N 174 
L04 C5  C43  sing Y N 175 
L04 C6  C17  sing Y N 176 
L04 C6  H6   sing N N 177 
L04 C7  C8   sing N N 178 
L04 C7  C16  sing N N 179 
L04 C7  C18  sing N N 180 
L04 C7  H7   sing N N 181 
L04 C8  C9   sing N N 182 
L04 C8  H81  sing N N 183 
L04 C8  H82  sing N N 184 
L04 C9  C10  sing N N 185 
L04 C9  H91  sing N N 186 
L04 C9  H92  sing N N 187 
L04 C10 C11  doub Y N 188 
L04 C10 C15  sing Y N 189 
L04 C11 C12  sing Y N 190 
L04 C11 H11  sing N N 191 
L04 C12 C13  doub Y N 192 
L04 C12 H12  sing N N 193 
L04 C13 C14  sing Y N 194 
L04 C14 C15  doub Y N 195 
L04 C14 H14  sing N N 196 
L04 C15 H15  sing N N 197 
L04 C16 N18  sing N N 198 
L04 C16 O17  doub N N 199 
L04 C17 C41  doub Y N 200 
L04 C17 H17  sing N N 201 
L04 C18 H181 sing N N 202 
L04 C18 H182 sing N N 203 
L04 C19 C20  sing N N 204 
L04 C19 C27  sing N N 205 
L04 C19 N18  sing N N 206 
L04 C19 H19  sing N N 207 
L04 C20 C21  sing N N 208 
L04 C20 H201 sing N N 209 
L04 C20 H202 sing N N 210 
L04 C21 C22  sing N N 211 
L04 C21 H21  sing N N 212 
L04 C22 H221 sing N N 213 
L04 C22 H222 sing N N 214 
L04 C22 H223 sing N N 215 
L04 C23 C24  sing N N 216 
L04 C23 H231 sing N N 217 
L04 C23 H232 sing N N 218 
L04 C24 C25  sing N N 219 
L04 C24 H241 sing N N 220 
L04 C24 H242 sing N N 221 
L04 C25 N1   sing N N 222 
L04 C25 H251 sing N N 223 
L04 C25 H252 sing N N 224 
L04 C26 C29  sing N N 225 
L04 C26 N1   sing N N 226 
L04 C26 O1   doub N N 227 
L04 C27 N29  sing N N 228 
L04 C27 O28  doub N N 229 
L04 C28 C36  sing N N 230 
L04 C28 N1   sing N N 231 
L04 C28 H281 sing N N 232 
L04 C28 H282 sing N N 233 
L04 C29 C36  doub Y N 234 
L04 C29 C37  sing Y N 235 
L04 C30 C31  doub Y N 236 
L04 C30 C35  sing Y N 237 
L04 C30 N29  sing N N 238 
L04 C31 C32  sing Y N 239 
L04 C31 H31  sing N N 240 
L04 C32 C33  doub Y N 241 
L04 C32 H32  sing N N 242 
L04 C33 C34  sing Y N 243 
L04 C33 H33  sing N N 244 
L04 C34 C35  doub Y N 245 
L04 C34 H34  sing N N 246 
L04 C35 H35  sing N N 247 
L04 C36 C38  sing Y N 248 
L04 C37 C40  doub Y N 249 
L04 C37 H37  sing N N 250 
L04 C38 C39  doub Y N 251 
L04 C38 H38  sing N N 252 
L04 C39 C40  sing Y N 253 
L04 C39 H39  sing N N 254 
L04 C40 H40  sing N N 255 
L04 C41 C42  sing Y N 256 
L04 C41 F1   sing N N 257 
L04 C42 C43  doub Y N 258 
L04 C42 H42  sing N N 259 
L04 C43 H43  sing N N 260 
L04 N18 HN8  sing N N 261 
L04 N29 HN9  sing N N 262 
L04 O5  HO5  sing N N 263 
LEU N   CA   sing N N 264 
LEU N   H    sing N N 265 
LEU N   H2   sing N N 266 
LEU CA  C    sing N N 267 
LEU CA  CB   sing N N 268 
LEU CA  HA   sing N N 269 
LEU C   O    doub N N 270 
LEU C   OXT  sing N N 271 
LEU CB  CG   sing N N 272 
LEU CB  HB2  sing N N 273 
LEU CB  HB3  sing N N 274 
LEU CG  CD1  sing N N 275 
LEU CG  CD2  sing N N 276 
LEU CG  HG   sing N N 277 
LEU CD1 HD11 sing N N 278 
LEU CD1 HD12 sing N N 279 
LEU CD1 HD13 sing N N 280 
LEU CD2 HD21 sing N N 281 
LEU CD2 HD22 sing N N 282 
LEU CD2 HD23 sing N N 283 
LEU OXT HXT  sing N N 284 
LYS N   CA   sing N N 285 
LYS N   H    sing N N 286 
LYS N   H2   sing N N 287 
LYS CA  C    sing N N 288 
LYS CA  CB   sing N N 289 
LYS CA  HA   sing N N 290 
LYS C   O    doub N N 291 
LYS C   OXT  sing N N 292 
LYS CB  CG   sing N N 293 
LYS CB  HB2  sing N N 294 
LYS CB  HB3  sing N N 295 
LYS CG  CD   sing N N 296 
LYS CG  HG2  sing N N 297 
LYS CG  HG3  sing N N 298 
LYS CD  CE   sing N N 299 
LYS CD  HD2  sing N N 300 
LYS CD  HD3  sing N N 301 
LYS CE  NZ   sing N N 302 
LYS CE  HE2  sing N N 303 
LYS CE  HE3  sing N N 304 
LYS NZ  HZ1  sing N N 305 
LYS NZ  HZ2  sing N N 306 
LYS NZ  HZ3  sing N N 307 
LYS OXT HXT  sing N N 308 
MET N   CA   sing N N 309 
MET N   H    sing N N 310 
MET N   H2   sing N N 311 
MET CA  C    sing N N 312 
MET CA  CB   sing N N 313 
MET CA  HA   sing N N 314 
MET C   O    doub N N 315 
MET C   OXT  sing N N 316 
MET CB  CG   sing N N 317 
MET CB  HB2  sing N N 318 
MET CB  HB3  sing N N 319 
MET CG  SD   sing N N 320 
MET CG  HG2  sing N N 321 
MET CG  HG3  sing N N 322 
MET SD  CE   sing N N 323 
MET CE  HE1  sing N N 324 
MET CE  HE2  sing N N 325 
MET CE  HE3  sing N N 326 
MET OXT HXT  sing N N 327 
PHE N   CA   sing N N 328 
PHE N   H    sing N N 329 
PHE N   H2   sing N N 330 
PHE CA  C    sing N N 331 
PHE CA  CB   sing N N 332 
PHE CA  HA   sing N N 333 
PHE C   O    doub N N 334 
PHE C   OXT  sing N N 335 
PHE CB  CG   sing N N 336 
PHE CB  HB2  sing N N 337 
PHE CB  HB3  sing N N 338 
PHE CG  CD1  doub Y N 339 
PHE CG  CD2  sing Y N 340 
PHE CD1 CE1  sing Y N 341 
PHE CD1 HD1  sing N N 342 
PHE CD2 CE2  doub Y N 343 
PHE CD2 HD2  sing N N 344 
PHE CE1 CZ   doub Y N 345 
PHE CE1 HE1  sing N N 346 
PHE CE2 CZ   sing Y N 347 
PHE CE2 HE2  sing N N 348 
PHE CZ  HZ   sing N N 349 
PHE OXT HXT  sing N N 350 
PRO N   CA   sing N N 351 
PRO N   CD   sing N N 352 
PRO N   H    sing N N 353 
PRO CA  C    sing N N 354 
PRO CA  CB   sing N N 355 
PRO CA  HA   sing N N 356 
PRO C   O    doub N N 357 
PRO C   OXT  sing N N 358 
PRO CB  CG   sing N N 359 
PRO CB  HB2  sing N N 360 
PRO CB  HB3  sing N N 361 
PRO CG  CD   sing N N 362 
PRO CG  HG2  sing N N 363 
PRO CG  HG3  sing N N 364 
PRO CD  HD2  sing N N 365 
PRO CD  HD3  sing N N 366 
PRO OXT HXT  sing N N 367 
SER N   CA   sing N N 368 
SER N   H    sing N N 369 
SER N   H2   sing N N 370 
SER CA  C    sing N N 371 
SER CA  CB   sing N N 372 
SER CA  HA   sing N N 373 
SER C   O    doub N N 374 
SER C   OXT  sing N N 375 
SER CB  OG   sing N N 376 
SER CB  HB2  sing N N 377 
SER CB  HB3  sing N N 378 
SER OG  HG   sing N N 379 
SER OXT HXT  sing N N 380 
THR N   CA   sing N N 381 
THR N   H    sing N N 382 
THR N   H2   sing N N 383 
THR CA  C    sing N N 384 
THR CA  CB   sing N N 385 
THR CA  HA   sing N N 386 
THR C   O    doub N N 387 
THR C   OXT  sing N N 388 
THR CB  OG1  sing N N 389 
THR CB  CG2  sing N N 390 
THR CB  HB   sing N N 391 
THR OG1 HG1  sing N N 392 
THR CG2 HG21 sing N N 393 
THR CG2 HG22 sing N N 394 
THR CG2 HG23 sing N N 395 
THR OXT HXT  sing N N 396 
TRP N   CA   sing N N 397 
TRP N   H    sing N N 398 
TRP N   H2   sing N N 399 
TRP CA  C    sing N N 400 
TRP CA  CB   sing N N 401 
TRP CA  HA   sing N N 402 
TRP C   O    doub N N 403 
TRP C   OXT  sing N N 404 
TRP CB  CG   sing N N 405 
TRP CB  HB2  sing N N 406 
TRP CB  HB3  sing N N 407 
TRP CG  CD1  doub Y N 408 
TRP CG  CD2  sing Y N 409 
TRP CD1 NE1  sing Y N 410 
TRP CD1 HD1  sing N N 411 
TRP CD2 CE2  doub Y N 412 
TRP CD2 CE3  sing Y N 413 
TRP NE1 CE2  sing Y N 414 
TRP NE1 HE1  sing N N 415 
TRP CE2 CZ2  sing Y N 416 
TRP CE3 CZ3  doub Y N 417 
TRP CE3 HE3  sing N N 418 
TRP CZ2 CH2  doub Y N 419 
TRP CZ2 HZ2  sing N N 420 
TRP CZ3 CH2  sing Y N 421 
TRP CZ3 HZ3  sing N N 422 
TRP CH2 HH2  sing N N 423 
TRP OXT HXT  sing N N 424 
TYR N   CA   sing N N 425 
TYR N   H    sing N N 426 
TYR N   H2   sing N N 427 
TYR CA  C    sing N N 428 
TYR CA  CB   sing N N 429 
TYR CA  HA   sing N N 430 
TYR C   O    doub N N 431 
TYR C   OXT  sing N N 432 
TYR CB  CG   sing N N 433 
TYR CB  HB2  sing N N 434 
TYR CB  HB3  sing N N 435 
TYR CG  CD1  doub Y N 436 
TYR CG  CD2  sing Y N 437 
TYR CD1 CE1  sing Y N 438 
TYR CD1 HD1  sing N N 439 
TYR CD2 CE2  doub Y N 440 
TYR CD2 HD2  sing N N 441 
TYR CE1 CZ   doub Y N 442 
TYR CE1 HE1  sing N N 443 
TYR CE2 CZ   sing Y N 444 
TYR CE2 HE2  sing N N 445 
TYR CZ  OH   sing N N 446 
TYR OH  HH   sing N N 447 
TYR OXT HXT  sing N N 448 
VAL N   CA   sing N N 449 
VAL N   H    sing N N 450 
VAL N   H2   sing N N 451 
VAL CA  C    sing N N 452 
VAL CA  CB   sing N N 453 
VAL CA  HA   sing N N 454 
VAL C   O    doub N N 455 
VAL C   OXT  sing N N 456 
VAL CB  CG1  sing N N 457 
VAL CB  CG2  sing N N 458 
VAL CB  HB   sing N N 459 
VAL CG1 HG11 sing N N 460 
VAL CG1 HG12 sing N N 461 
VAL CG1 HG13 sing N N 462 
VAL CG2 HG21 sing N N 463 
VAL CG2 HG22 sing N N 464 
VAL CG2 HG23 sing N N 465 
VAL OXT HXT  sing N N 466 
# 
_atom_sites.entry_id                    1HFS 
_atom_sites.fract_transf_matrix[1][1]   0.01000446 
_atom_sites.fract_transf_matrix[1][2]   -0.00593084 
_atom_sites.fract_transf_matrix[1][3]   -0.00244726 
_atom_sites.fract_transf_matrix[2][1]   -0.00599321 
_atom_sites.fract_transf_matrix[2][2]   -0.01006653 
_atom_sites.fract_transf_matrix[2][3]   -0.00010455 
_atom_sites.fract_transf_matrix[3][1]   -0.00312100 
_atom_sites.fract_transf_matrix[3][2]   0.00204202 
_atom_sites.fract_transf_matrix[3][3]   -0.01770748 
_atom_sites.fract_transf_vector[1]      0.343428 
_atom_sites.fract_transf_vector[2]      0.335791 
_atom_sites.fract_transf_vector[3]      0.497547 
# 
loop_
_atom_type.symbol 
C  
CA 
F  
N  
O  
S  
ZN 
# 
loop_
_atom_site.group_PDB 
_atom_site.id 
_atom_site.type_symbol 
_atom_site.label_atom_id 
_atom_site.label_alt_id 
_atom_site.label_comp_id 
_atom_site.label_asym_id 
_atom_site.label_entity_id 
_atom_site.label_seq_id 
_atom_site.pdbx_PDB_ins_code 
_atom_site.Cartn_x 
_atom_site.Cartn_y 
_atom_site.Cartn_z 
_atom_site.occupancy 
_atom_site.B_iso_or_equiv 
_atom_site.pdbx_formal_charge 
_atom_site.auth_seq_id 
_atom_site.auth_comp_id 
_atom_site.auth_asym_id 
_atom_site.auth_atom_id 
_atom_site.pdbx_PDB_model_num 
ATOM   1    N  N   . GLY A 1 1   ? -21.718 -7.194  -6.269  1.00 56.81 ? 88  GLY A N   1 
ATOM   2    C  CA  . GLY A 1 1   ? -20.424 -7.310  -5.538  1.00 56.53 ? 88  GLY A CA  1 
ATOM   3    C  C   . GLY A 1 1   ? -19.532 -6.124  -5.849  1.00 56.46 ? 88  GLY A C   1 
ATOM   4    O  O   . GLY A 1 1   ? -19.887 -4.993  -5.514  1.00 57.13 ? 88  GLY A O   1 
ATOM   5    N  N   . ILE A 1 2   ? -18.410 -6.382  -6.526  1.00 54.84 ? 89  ILE A N   1 
ATOM   6    C  CA  . ILE A 1 2   ? -17.425 -5.361  -6.923  1.00 52.57 ? 89  ILE A CA  1 
ATOM   7    C  C   . ILE A 1 2   ? -17.155 -4.258  -5.881  1.00 49.16 ? 89  ILE A C   1 
ATOM   8    O  O   . ILE A 1 2   ? -17.796 -3.202  -5.882  1.00 48.41 ? 89  ILE A O   1 
ATOM   9    C  CB  . ILE A 1 2   ? -17.753 -4.752  -8.346  1.00 53.57 ? 89  ILE A CB  1 
ATOM   10   C  CG1 . ILE A 1 2   ? -16.683 -3.734  -8.761  1.00 54.74 ? 89  ILE A CG1 1 
ATOM   11   C  CG2 . ILE A 1 2   ? -19.141 -4.116  -8.380  1.00 54.96 ? 89  ILE A CG2 1 
ATOM   12   C  CD1 . ILE A 1 2   ? -16.980 -3.024  -10.081 1.00 55.47 ? 89  ILE A CD1 1 
ATOM   13   N  N   . PRO A 1 3   ? -16.196 -4.506  -4.969  1.00 46.75 ? 90  PRO A N   1 
ATOM   14   C  CA  . PRO A 1 3   ? -15.832 -3.548  -3.917  1.00 43.51 ? 90  PRO A CA  1 
ATOM   15   C  C   . PRO A 1 3   ? -14.929 -2.436  -4.454  1.00 39.57 ? 90  PRO A C   1 
ATOM   16   O  O   . PRO A 1 3   ? -13.771 -2.674  -4.797  1.00 38.36 ? 90  PRO A O   1 
ATOM   17   C  CB  . PRO A 1 3   ? -15.099 -4.429  -2.907  1.00 44.67 ? 90  PRO A CB  1 
ATOM   18   C  CG  . PRO A 1 3   ? -14.355 -5.384  -3.804  1.00 45.45 ? 90  PRO A CG  1 
ATOM   19   C  CD  . PRO A 1 3   ? -15.400 -5.745  -4.854  1.00 46.57 ? 90  PRO A CD  1 
ATOM   20   N  N   . LYS A 1 4   ? -15.470 -1.229  -4.556  1.00 35.85 ? 91  LYS A N   1 
ATOM   21   C  CA  . LYS A 1 4   ? -14.692 -0.103  -5.048  1.00 32.22 ? 91  LYS A CA  1 
ATOM   22   C  C   . LYS A 1 4   ? -15.196 1.215   -4.477  1.00 28.80 ? 91  LYS A C   1 
ATOM   23   O  O   . LYS A 1 4   ? -16.317 1.298   -3.970  1.00 27.60 ? 91  LYS A O   1 
ATOM   24   C  CB  . LYS A 1 4   ? -14.691 -0.062  -6.586  1.00 33.40 ? 91  LYS A CB  1 
ATOM   25   C  CG  . LYS A 1 4   ? -16.019 0.281   -7.249  1.00 35.49 ? 91  LYS A CG  1 
ATOM   26   C  CD  . LYS A 1 4   ? -15.805 0.541   -8.735  1.00 37.42 ? 91  LYS A CD  1 
ATOM   27   C  CE  . LYS A 1 4   ? -17.017 1.175   -9.390  1.00 39.99 ? 91  LYS A CE  1 
ATOM   28   N  NZ  . LYS A 1 4   ? -16.698 1.627   -10.779 1.00 41.25 ? 91  LYS A NZ  1 
ATOM   29   N  N   . TRP A 1 5   ? -14.334 2.225   -4.495  1.00 24.51 ? 92  TRP A N   1 
ATOM   30   C  CA  . TRP A 1 5   ? -14.693 3.542   -3.995  1.00 23.22 ? 92  TRP A CA  1 
ATOM   31   C  C   . TRP A 1 5   ? -15.719 4.161   -4.936  1.00 24.38 ? 92  TRP A C   1 
ATOM   32   O  O   . TRP A 1 5   ? -15.615 4.015   -6.157  1.00 23.08 ? 92  TRP A O   1 
ATOM   33   C  CB  . TRP A 1 5   ? -13.453 4.435   -3.917  1.00 19.80 ? 92  TRP A CB  1 
ATOM   34   C  CG  . TRP A 1 5   ? -12.430 3.970   -2.915  1.00 17.06 ? 92  TRP A CG  1 
ATOM   35   C  CD1 . TRP A 1 5   ? -11.289 3.261   -3.173  1.00 15.30 ? 92  TRP A CD1 1 
ATOM   36   C  CD2 . TRP A 1 5   ? -12.449 4.195   -1.499  1.00 15.55 ? 92  TRP A CD2 1 
ATOM   37   N  NE1 . TRP A 1 5   ? -10.599 3.035   -2.009  1.00 15.30 ? 92  TRP A NE1 1 
ATOM   38   C  CE2 . TRP A 1 5   ? -11.288 3.596   -0.964  1.00 14.66 ? 92  TRP A CE2 1 
ATOM   39   C  CE3 . TRP A 1 5   ? -13.336 4.848   -0.627  1.00 13.91 ? 92  TRP A CE3 1 
ATOM   40   C  CZ2 . TRP A 1 5   ? -10.988 3.624   0.400   1.00 14.97 ? 92  TRP A CZ2 1 
ATOM   41   C  CZ3 . TRP A 1 5   ? -13.038 4.878   0.732   1.00 13.18 ? 92  TRP A CZ3 1 
ATOM   42   C  CH2 . TRP A 1 5   ? -11.873 4.268   1.231   1.00 14.44 ? 92  TRP A CH2 1 
ATOM   43   N  N   . ARG A 1 6   ? -16.720 4.827   -4.368  1.00 27.06 ? 93  ARG A N   1 
ATOM   44   C  CA  . ARG A 1 6   ? -17.763 5.472   -5.165  1.00 31.08 ? 93  ARG A CA  1 
ATOM   45   C  C   . ARG A 1 6   ? -17.323 6.861   -5.642  1.00 29.90 ? 93  ARG A C   1 
ATOM   46   O  O   . ARG A 1 6   ? -18.102 7.599   -6.249  1.00 32.04 ? 93  ARG A O   1 
ATOM   47   C  CB  . ARG A 1 6   ? -19.068 5.588   -4.365  1.00 35.11 ? 93  ARG A CB  1 
ATOM   48   C  CG  . ARG A 1 6   ? -19.602 4.274   -3.803  1.00 42.79 ? 93  ARG A CG  1 
ATOM   49   C  CD  . ARG A 1 6   ? -21.037 4.448   -3.311  1.00 49.66 ? 93  ARG A CD  1 
ATOM   50   N  NE  . ARG A 1 6   ? -21.435 3.453   -2.313  1.00 55.79 ? 93  ARG A NE  1 
ATOM   51   C  CZ  . ARG A 1 6   ? -21.867 2.222   -2.587  1.00 58.65 ? 93  ARG A CZ  1 
ATOM   52   N  NH1 . ARG A 1 6   ? -21.968 1.792   -3.842  1.00 59.99 ? 93  ARG A NH1 1 
ATOM   53   N  NH2 . ARG A 1 6   ? -22.241 1.425   -1.592  1.00 60.58 ? 93  ARG A NH2 1 
ATOM   54   N  N   . LYS A 1 7   ? -16.079 7.217   -5.347  1.00 28.12 ? 94  LYS A N   1 
ATOM   55   C  CA  . LYS A 1 7   ? -15.528 8.506   -5.743  1.00 27.31 ? 94  LYS A CA  1 
ATOM   56   C  C   . LYS A 1 7   ? -14.137 8.277   -6.311  1.00 26.41 ? 94  LYS A C   1 
ATOM   57   O  O   . LYS A 1 7   ? -13.546 7.211   -6.107  1.00 25.82 ? 94  LYS A O   1 
ATOM   58   C  CB  . LYS A 1 7   ? -15.465 9.455   -4.541  1.00 28.14 ? 94  LYS A CB  1 
ATOM   59   C  CG  . LYS A 1 7   ? -14.694 8.904   -3.358  1.00 28.87 ? 94  LYS A CG  1 
ATOM   60   C  CD  . LYS A 1 7   ? -14.811 9.821   -2.162  1.00 31.06 ? 94  LYS A CD  1 
ATOM   61   C  CE  . LYS A 1 7   ? -14.233 9.170   -0.923  1.00 30.47 ? 94  LYS A CE  1 
ATOM   62   N  NZ  . LYS A 1 7   ? -14.394 10.045  0.269   1.00 32.33 ? 94  LYS A NZ  1 
ATOM   63   N  N   . THR A 1 8   ? -13.619 9.269   -7.027  1.00 23.62 ? 95  THR A N   1 
ATOM   64   C  CA  . THR A 1 8   ? -12.304 9.152   -7.636  1.00 22.79 ? 95  THR A CA  1 
ATOM   65   C  C   . THR A 1 8   ? -11.251 10.058  -7.002  1.00 21.66 ? 95  THR A C   1 
ATOM   66   O  O   . THR A 1 8   ? -10.077 10.010  -7.369  1.00 22.11 ? 95  THR A O   1 
ATOM   67   C  CB  . THR A 1 8   ? -12.384 9.362   -9.166  1.00 22.55 ? 95  THR A CB  1 
ATOM   68   O  OG1 . THR A 1 8   ? -13.151 10.537  -9.455  1.00 23.07 ? 95  THR A OG1 1 
ATOM   69   C  CG2 . THR A 1 8   ? -13.045 8.161   -9.826  1.00 22.72 ? 95  THR A CG2 1 
ATOM   70   N  N   . HIS A 1 9   ? -11.675 10.893  -6.059  1.00 20.36 ? 96  HIS A N   1 
ATOM   71   C  CA  . HIS A 1 9   ? -10.751 11.774  -5.356  1.00 21.72 ? 96  HIS A CA  1 
ATOM   72   C  C   . HIS A 1 9   ? -10.657 11.218  -3.938  1.00 20.14 ? 96  HIS A C   1 
ATOM   73   O  O   . HIS A 1 9   ? -11.622 11.283  -3.170  1.00 18.91 ? 96  HIS A O   1 
ATOM   74   C  CB  . HIS A 1 9   ? -11.264 13.219  -5.337  1.00 25.77 ? 96  HIS A CB  1 
ATOM   75   C  CG  . HIS A 1 9   ? -10.292 14.198  -4.749  1.00 32.47 ? 96  HIS A CG  1 
ATOM   76   N  ND1 . HIS A 1 9   ? -10.255 15.525  -5.123  1.00 36.34 ? 96  HIS A ND1 1 
ATOM   77   C  CD2 . HIS A 1 9   ? -9.329  14.049  -3.807  1.00 34.29 ? 96  HIS A CD2 1 
ATOM   78   C  CE1 . HIS A 1 9   ? -9.316  16.150  -4.436  1.00 38.01 ? 96  HIS A CE1 1 
ATOM   79   N  NE2 . HIS A 1 9   ? -8.738  15.276  -3.630  1.00 36.41 ? 96  HIS A NE2 1 
ATOM   80   N  N   . LEU A 1 10  ? -9.496  10.669  -3.596  1.00 17.99 ? 97  LEU A N   1 
ATOM   81   C  CA  . LEU A 1 10  ? -9.297  10.071  -2.283  1.00 16.84 ? 97  LEU A CA  1 
ATOM   82   C  C   . LEU A 1 10  ? -8.278  10.819  -1.444  1.00 14.60 ? 97  LEU A C   1 
ATOM   83   O  O   . LEU A 1 10  ? -7.366  11.453  -1.968  1.00 15.60 ? 97  LEU A O   1 
ATOM   84   C  CB  . LEU A 1 10  ? -8.856  8.615   -2.441  1.00 16.76 ? 97  LEU A CB  1 
ATOM   85   C  CG  . LEU A 1 10  ? -9.790  7.696   -3.232  1.00 18.41 ? 97  LEU A CG  1 
ATOM   86   C  CD1 . LEU A 1 10  ? -9.115  6.357   -3.473  1.00 20.25 ? 97  LEU A CD1 1 
ATOM   87   C  CD2 . LEU A 1 10  ? -11.096 7.519   -2.480  1.00 18.89 ? 97  LEU A CD2 1 
ATOM   88   N  N   . THR A 1 11  ? -8.466  10.776  -0.133  1.00 14.13 ? 98  THR A N   1 
ATOM   89   C  CA  . THR A 1 11  ? -7.542  11.421  0.779   1.00 13.95 ? 98  THR A CA  1 
ATOM   90   C  C   . THR A 1 11  ? -6.801  10.343  1.563   1.00 13.04 ? 98  THR A C   1 
ATOM   91   O  O   . THR A 1 11  ? -7.313  9.235   1.757   1.00 12.64 ? 98  THR A O   1 
ATOM   92   C  CB  . THR A 1 11  ? -8.258  12.376  1.758   1.00 12.83 ? 98  THR A CB  1 
ATOM   93   O  OG1 . THR A 1 11  ? -9.238  11.658  2.518   1.00 14.14 ? 98  THR A OG1 1 
ATOM   94   C  CG2 . THR A 1 11  ? -8.933  13.513  0.998   1.00 15.03 ? 98  THR A CG2 1 
ATOM   95   N  N   . TYR A 1 12  ? -5.585  10.654  1.977   1.00 12.72 ? 99  TYR A N   1 
ATOM   96   C  CA  . TYR A 1 12  ? -4.790  9.720   2.751   1.00 12.38 ? 99  TYR A CA  1 
ATOM   97   C  C   . TYR A 1 12  ? -4.071  10.506  3.824   1.00 12.57 ? 99  TYR A C   1 
ATOM   98   O  O   . TYR A 1 12  ? -3.900  11.724  3.707   1.00 12.46 ? 99  TYR A O   1 
ATOM   99   C  CB  . TYR A 1 12  ? -3.775  8.985   1.870   1.00 10.41 ? 99  TYR A CB  1 
ATOM   100  C  CG  . TYR A 1 12  ? -2.635  9.832   1.365   1.00 11.24 ? 99  TYR A CG  1 
ATOM   101  C  CD1 . TYR A 1 12  ? -2.799  10.673  0.263   1.00 12.87 ? 99  TYR A CD1 1 
ATOM   102  C  CD2 . TYR A 1 12  ? -1.379  9.768   1.963   1.00 11.25 ? 99  TYR A CD2 1 
ATOM   103  C  CE1 . TYR A 1 12  ? -1.737  11.425  -0.233  1.00 14.41 ? 99  TYR A CE1 1 
ATOM   104  C  CE2 . TYR A 1 12  ? -0.307  10.515  1.475   1.00 13.88 ? 99  TYR A CE2 1 
ATOM   105  C  CZ  . TYR A 1 12  ? -0.493  11.339  0.378   1.00 14.56 ? 99  TYR A CZ  1 
ATOM   106  O  OH  . TYR A 1 12  ? 0.564   12.065  -0.117  1.00 18.65 ? 99  TYR A OH  1 
ATOM   107  N  N   . ARG A 1 13  ? -3.660  9.809   4.871   1.00 11.99 ? 100 ARG A N   1 
ATOM   108  C  CA  . ARG A 1 13  ? -2.947  10.436  5.966   1.00 12.33 ? 100 ARG A CA  1 
ATOM   109  C  C   . ARG A 1 13  ? -1.951  9.444   6.538   1.00 11.67 ? 100 ARG A C   1 
ATOM   110  O  O   . ARG A 1 13  ? -2.281  8.276   6.744   1.00 11.88 ? 100 ARG A O   1 
ATOM   111  C  CB  . ARG A 1 13  ? -3.920  10.879  7.067   1.00 11.40 ? 100 ARG A CB  1 
ATOM   112  C  CG  . ARG A 1 13  ? -3.224  11.491  8.271   1.00 11.51 ? 100 ARG A CG  1 
ATOM   113  C  CD  . ARG A 1 13  ? -4.171  11.825  9.409   1.00 11.20 ? 100 ARG A CD  1 
ATOM   114  N  NE  . ARG A 1 13  ? -3.405  12.183  10.602  1.00 12.29 ? 100 ARG A NE  1 
ATOM   115  C  CZ  . ARG A 1 13  ? -3.813  11.998  11.853  1.00 12.11 ? 100 ARG A CZ  1 
ATOM   116  N  NH1 . ARG A 1 13  ? -5.003  11.470  12.104  1.00 11.53 ? 100 ARG A NH1 1 
ATOM   117  N  NH2 . ARG A 1 13  ? -2.989  12.260  12.857  1.00 13.52 ? 100 ARG A NH2 1 
ATOM   118  N  N   . ILE A 1 14  ? -0.712  9.890   6.710   1.00 12.13 ? 101 ILE A N   1 
ATOM   119  C  CA  . ILE A 1 14  ? 0.319   9.051   7.305   1.00 12.78 ? 101 ILE A CA  1 
ATOM   120  C  C   . ILE A 1 14  ? 0.196   9.382   8.797   1.00 12.48 ? 101 ILE A C   1 
ATOM   121  O  O   . ILE A 1 14  ? 0.671   10.420  9.267   1.00 12.58 ? 101 ILE A O   1 
ATOM   122  C  CB  . ILE A 1 14  ? 1.718   9.392   6.752   1.00 13.22 ? 101 ILE A CB  1 
ATOM   123  C  CG1 . ILE A 1 14  ? 1.729   9.201   5.231   1.00 13.36 ? 101 ILE A CG1 1 
ATOM   124  C  CG2 . ILE A 1 14  ? 2.767   8.489   7.382   1.00 14.35 ? 101 ILE A CG2 1 
ATOM   125  C  CD1 . ILE A 1 14  ? 3.066   9.476   4.572   1.00 13.27 ? 101 ILE A CD1 1 
ATOM   126  N  N   . VAL A 1 15  ? -0.553  8.536   9.494   1.00 11.31 ? 102 VAL A N   1 
ATOM   127  C  CA  . VAL A 1 15  ? -0.853  8.688   10.910  1.00 11.63 ? 102 VAL A CA  1 
ATOM   128  C  C   . VAL A 1 15  ? 0.372   8.702   11.817  1.00 12.06 ? 102 VAL A C   1 
ATOM   129  O  O   . VAL A 1 15  ? 0.395   9.409   12.822  1.00 12.94 ? 102 VAL A O   1 
ATOM   130  C  CB  . VAL A 1 15  ? -1.861  7.603   11.362  1.00 11.23 ? 102 VAL A CB  1 
ATOM   131  C  CG1 . VAL A 1 15  ? -2.251  7.787   12.820  1.00 10.85 ? 102 VAL A CG1 1 
ATOM   132  C  CG2 . VAL A 1 15  ? -3.095  7.646   10.466  1.00 11.25 ? 102 VAL A CG2 1 
ATOM   133  N  N   . ASN A 1 16  ? 1.381   7.915   11.474  1.00 12.46 ? 103 ASN A N   1 
ATOM   134  C  CA  . ASN A 1 16  ? 2.604   7.868   12.260  1.00 12.99 ? 103 ASN A CA  1 
ATOM   135  C  C   . ASN A 1 16  ? 3.743   7.360   11.386  1.00 13.79 ? 103 ASN A C   1 
ATOM   136  O  O   . ASN A 1 16  ? 3.518   6.930   10.252  1.00 13.79 ? 103 ASN A O   1 
ATOM   137  C  CB  . ASN A 1 16  ? 2.428   7.004   13.520  1.00 13.44 ? 103 ASN A CB  1 
ATOM   138  C  CG  . ASN A 1 16  ? 2.342   5.516   13.218  1.00 15.89 ? 103 ASN A CG  1 
ATOM   139  O  OD1 . ASN A 1 16  ? 1.724   5.095   12.249  1.00 16.65 ? 103 ASN A OD1 1 
ATOM   140  N  ND2 . ASN A 1 16  ? 2.973   4.714   14.059  1.00 19.54 ? 103 ASN A ND2 1 
ATOM   141  N  N   . TYR A 1 17  ? 4.959   7.409   11.917  1.00 14.39 ? 104 TYR A N   1 
ATOM   142  C  CA  . TYR A 1 17  ? 6.140   6.988   11.179  1.00 15.14 ? 104 TYR A CA  1 
ATOM   143  C  C   . TYR A 1 17  ? 6.925   5.865   11.822  1.00 16.14 ? 104 TYR A C   1 
ATOM   144  O  O   . TYR A 1 17  ? 6.931   5.695   13.044  1.00 17.88 ? 104 TYR A O   1 
ATOM   145  C  CB  . TYR A 1 17  ? 7.096   8.172   11.001  1.00 15.57 ? 104 TYR A CB  1 
ATOM   146  C  CG  . TYR A 1 17  ? 6.598   9.239   10.067  1.00 15.99 ? 104 TYR A CG  1 
ATOM   147  C  CD1 . TYR A 1 17  ? 5.798   10.276  10.531  1.00 16.24 ? 104 TYR A CD1 1 
ATOM   148  C  CD2 . TYR A 1 17  ? 6.906   9.196   8.710   1.00 16.09 ? 104 TYR A CD2 1 
ATOM   149  C  CE1 . TYR A 1 17  ? 5.313   11.242  9.667   1.00 17.87 ? 104 TYR A CE1 1 
ATOM   150  C  CE2 . TYR A 1 17  ? 6.427   10.157  7.839   1.00 16.29 ? 104 TYR A CE2 1 
ATOM   151  C  CZ  . TYR A 1 17  ? 5.631   11.176  8.325   1.00 16.48 ? 104 TYR A CZ  1 
ATOM   152  O  OH  . TYR A 1 17  ? 5.150   12.132  7.468   1.00 19.09 ? 104 TYR A OH  1 
ATOM   153  N  N   . THR A 1 18  ? 7.613   5.116   10.975  1.00 16.19 ? 105 THR A N   1 
ATOM   154  C  CA  . THR A 1 18  ? 8.472   4.032   11.422  1.00 16.18 ? 105 THR A CA  1 
ATOM   155  C  C   . THR A 1 18  ? 9.833   4.671   11.715  1.00 16.85 ? 105 THR A C   1 
ATOM   156  O  O   . THR A 1 18  ? 10.239  5.605   11.026  1.00 18.57 ? 105 THR A O   1 
ATOM   157  C  CB  . THR A 1 18  ? 8.652   2.963   10.316  1.00 14.02 ? 105 THR A CB  1 
ATOM   158  O  OG1 . THR A 1 18  ? 9.701   2.062   10.684  1.00 14.27 ? 105 THR A OG1 1 
ATOM   159  C  CG2 . THR A 1 18  ? 9.004   3.602   8.977   1.00 13.68 ? 105 THR A CG2 1 
ATOM   160  N  N   . PRO A 1 19  ? 10.531  4.219   12.770  1.00 17.40 ? 106 PRO A N   1 
ATOM   161  C  CA  . PRO A 1 19  ? 11.843  4.808   13.062  1.00 17.55 ? 106 PRO A CA  1 
ATOM   162  C  C   . PRO A 1 19  ? 12.952  4.258   12.148  1.00 16.65 ? 106 PRO A C   1 
ATOM   163  O  O   . PRO A 1 19  ? 14.089  4.730   12.186  1.00 17.79 ? 106 PRO A O   1 
ATOM   164  C  CB  . PRO A 1 19  ? 12.071  4.404   14.519  1.00 17.64 ? 106 PRO A CB  1 
ATOM   165  C  CG  . PRO A 1 19  ? 11.400  3.075   14.599  1.00 17.70 ? 106 PRO A CG  1 
ATOM   166  C  CD  . PRO A 1 19  ? 10.098  3.340   13.871  1.00 17.88 ? 106 PRO A CD  1 
ATOM   167  N  N   . ASP A 1 20  ? 12.605  3.289   11.306  1.00 14.49 ? 107 ASP A N   1 
ATOM   168  C  CA  . ASP A 1 20  ? 13.574  2.662   10.411  1.00 13.68 ? 107 ASP A CA  1 
ATOM   169  C  C   . ASP A 1 20  ? 14.124  3.593   9.354   1.00 14.13 ? 107 ASP A C   1 
ATOM   170  O  O   . ASP A 1 20  ? 15.253  3.421   8.899   1.00 16.41 ? 107 ASP A O   1 
ATOM   171  C  CB  . ASP A 1 20  ? 12.953  1.484   9.663   1.00 13.59 ? 107 ASP A CB  1 
ATOM   172  C  CG  . ASP A 1 20  ? 12.329  0.457   10.572  1.00 13.30 ? 107 ASP A CG  1 
ATOM   173  O  OD1 . ASP A 1 20  ? 12.469  0.536   11.807  1.00 15.00 ? 107 ASP A OD1 1 
ATOM   174  O  OD2 . ASP A 1 20  ? 11.674  -0.445  10.027  1.00 15.07 ? 107 ASP A OD2 1 
ATOM   175  N  N   . LEU A 1 21  ? 13.298  4.533   8.917   1.00 15.32 ? 108 LEU A N   1 
ATOM   176  C  CA  . LEU A 1 21  ? 13.671  5.473   7.866   1.00 17.20 ? 108 LEU A CA  1 
ATOM   177  C  C   . LEU A 1 21  ? 13.386  6.916   8.259   1.00 18.22 ? 108 LEU A C   1 
ATOM   178  O  O   . LEU A 1 21  ? 12.535  7.178   9.112   1.00 18.76 ? 108 LEU A O   1 
ATOM   179  C  CB  . LEU A 1 21  ? 12.853  5.167   6.609   1.00 16.88 ? 108 LEU A CB  1 
ATOM   180  C  CG  . LEU A 1 21  ? 13.052  3.844   5.884   1.00 18.44 ? 108 LEU A CG  1 
ATOM   181  C  CD1 . LEU A 1 21  ? 11.870  3.584   4.965   1.00 19.23 ? 108 LEU A CD1 1 
ATOM   182  C  CD2 . LEU A 1 21  ? 14.352  3.888   5.101   1.00 19.43 ? 108 LEU A CD2 1 
ATOM   183  N  N   . PRO A 1 22  ? 14.115  7.873   7.663   1.00 19.12 ? 109 PRO A N   1 
ATOM   184  C  CA  . PRO A 1 22  ? 13.846  9.269   8.013   1.00 19.80 ? 109 PRO A CA  1 
ATOM   185  C  C   . PRO A 1 22  ? 12.478  9.654   7.450   1.00 20.45 ? 109 PRO A C   1 
ATOM   186  O  O   . PRO A 1 22  ? 12.021  9.078   6.460   1.00 18.47 ? 109 PRO A O   1 
ATOM   187  C  CB  . PRO A 1 22  ? 14.986  10.021  7.323   1.00 20.50 ? 109 PRO A CB  1 
ATOM   188  C  CG  . PRO A 1 22  ? 15.352  9.137   6.177   1.00 21.09 ? 109 PRO A CG  1 
ATOM   189  C  CD  . PRO A 1 22  ? 15.297  7.767   6.793   1.00 20.38 ? 109 PRO A CD  1 
ATOM   190  N  N   . LYS A 1 23  ? 11.829  10.614  8.096   1.00 22.16 ? 110 LYS A N   1 
ATOM   191  C  CA  . LYS A 1 23  ? 10.508  11.091  7.699   1.00 25.04 ? 110 LYS A CA  1 
ATOM   192  C  C   . LYS A 1 23  ? 10.347  11.308  6.196   1.00 25.39 ? 110 LYS A C   1 
ATOM   193  O  O   . LYS A 1 23  ? 9.446   10.739  5.572   1.00 24.60 ? 110 LYS A O   1 
ATOM   194  C  CB  . LYS A 1 23  ? 10.178  12.387  8.459   1.00 27.84 ? 110 LYS A CB  1 
ATOM   195  C  CG  . LYS A 1 23  ? 9.039   13.211  7.869   1.00 31.86 ? 110 LYS A CG  1 
ATOM   196  C  CD  . LYS A 1 23  ? 8.887   14.543  8.588   1.00 36.11 ? 110 LYS A CD  1 
ATOM   197  C  CE  . LYS A 1 23  ? 8.058   15.528  7.772   1.00 38.05 ? 110 LYS A CE  1 
ATOM   198  N  NZ  . LYS A 1 23  ? 6.678   15.038  7.501   1.00 39.46 ? 110 LYS A NZ  1 
ATOM   199  N  N   . ASP A 1 24  ? 11.227  12.113  5.611   1.00 25.80 ? 111 ASP A N   1 
ATOM   200  C  CA  . ASP A 1 24  ? 11.153  12.411  4.186   1.00 25.51 ? 111 ASP A CA  1 
ATOM   201  C  C   . ASP A 1 24  ? 11.159  11.159  3.308   1.00 23.56 ? 111 ASP A C   1 
ATOM   202  O  O   . ASP A 1 24  ? 10.506  11.132  2.262   1.00 22.42 ? 111 ASP A O   1 
ATOM   203  C  CB  . ASP A 1 24  ? 12.272  13.378  3.772   1.00 31.25 ? 111 ASP A CB  1 
ATOM   204  C  CG  . ASP A 1 24  ? 13.661  12.787  3.948   1.00 36.57 ? 111 ASP A CG  1 
ATOM   205  O  OD1 . ASP A 1 24  ? 14.049  12.499  5.103   1.00 40.21 ? 111 ASP A OD1 1 
ATOM   206  O  OD2 . ASP A 1 24  ? 14.364  12.612  2.927   1.00 40.89 ? 111 ASP A OD2 1 
ATOM   207  N  N   . ALA A 1 25  ? 11.849  10.113  3.754   1.00 20.73 ? 112 ALA A N   1 
ATOM   208  C  CA  . ALA A 1 25  ? 11.926  8.859   3.003   1.00 19.36 ? 112 ALA A CA  1 
ATOM   209  C  C   . ALA A 1 25  ? 10.598  8.093   3.028   1.00 17.77 ? 112 ALA A C   1 
ATOM   210  O  O   . ALA A 1 25  ? 10.247  7.411   2.060   1.00 16.87 ? 112 ALA A O   1 
ATOM   211  C  CB  . ALA A 1 25  ? 13.051  7.989   3.540   1.00 19.62 ? 112 ALA A CB  1 
ATOM   212  N  N   . VAL A 1 26  ? 9.879   8.183   4.143   1.00 15.86 ? 113 VAL A N   1 
ATOM   213  C  CA  . VAL A 1 26  ? 8.582   7.525   4.275   1.00 14.33 ? 113 VAL A CA  1 
ATOM   214  C  C   . VAL A 1 26  ? 7.583   8.263   3.379   1.00 13.79 ? 113 VAL A C   1 
ATOM   215  O  O   . VAL A 1 26  ? 6.828   7.639   2.633   1.00 14.01 ? 113 VAL A O   1 
ATOM   216  C  CB  . VAL A 1 26  ? 8.104   7.515   5.750   1.00 13.67 ? 113 VAL A CB  1 
ATOM   217  C  CG1 . VAL A 1 26  ? 6.667   7.005   5.854   1.00 13.70 ? 113 VAL A CG1 1 
ATOM   218  C  CG2 . VAL A 1 26  ? 9.035   6.647   6.588   1.00 14.16 ? 113 VAL A CG2 1 
ATOM   219  N  N   . ASP A 1 27  ? 7.620   9.593   3.415   1.00 15.18 ? 114 ASP A N   1 
ATOM   220  C  CA  . ASP A 1 27  ? 6.730   10.420  2.592   1.00 16.55 ? 114 ASP A CA  1 
ATOM   221  C  C   . ASP A 1 27  ? 6.935   10.152  1.102   1.00 16.11 ? 114 ASP A C   1 
ATOM   222  O  O   . ASP A 1 27  ? 5.976   10.029  0.347   1.00 16.19 ? 114 ASP A O   1 
ATOM   223  C  CB  . ASP A 1 27  ? 6.965   11.911  2.866   1.00 16.48 ? 114 ASP A CB  1 
ATOM   224  C  CG  . ASP A 1 27  ? 6.422   12.358  4.210   1.00 18.34 ? 114 ASP A CG  1 
ATOM   225  O  OD1 . ASP A 1 27  ? 5.857   11.525  4.950   1.00 20.16 ? 114 ASP A OD1 1 
ATOM   226  O  OD2 . ASP A 1 27  ? 6.555   13.558  4.526   1.00 20.99 ? 114 ASP A OD2 1 
ATOM   227  N  N   . SER A 1 28  ? 8.198   10.067  0.697   1.00 16.45 ? 115 SER A N   1 
ATOM   228  C  CA  . SER A 1 28  ? 8.574   9.815   -0.690  1.00 17.06 ? 115 SER A CA  1 
ATOM   229  C  C   . SER A 1 28  ? 8.085   8.442   -1.159  1.00 16.69 ? 115 SER A C   1 
ATOM   230  O  O   . SER A 1 28  ? 7.526   8.315   -2.248  1.00 16.95 ? 115 SER A O   1 
ATOM   231  C  CB  . SER A 1 28  ? 10.099  9.914   -0.831  1.00 18.73 ? 115 SER A CB  1 
ATOM   232  O  OG  . SER A 1 28  ? 10.529  9.617   -2.146  1.00 27.89 ? 115 SER A OG  1 
ATOM   233  N  N   . ALA A 1 29  ? 8.280   7.423   -0.326  1.00 15.49 ? 116 ALA A N   1 
ATOM   234  C  CA  . ALA A 1 29  ? 7.863   6.060   -0.651  1.00 16.16 ? 116 ALA A CA  1 
ATOM   235  C  C   . ALA A 1 29  ? 6.354   5.966   -0.844  1.00 15.61 ? 116 ALA A C   1 
ATOM   236  O  O   . ALA A 1 29  ? 5.882   5.358   -1.808  1.00 15.77 ? 116 ALA A O   1 
ATOM   237  C  CB  . ALA A 1 29  ? 8.320   5.086   0.435   1.00 15.82 ? 116 ALA A CB  1 
ATOM   238  N  N   . VAL A 1 30  ? 5.601   6.568   0.076   1.00 15.10 ? 117 VAL A N   1 
ATOM   239  C  CA  . VAL A 1 30  ? 4.142   6.558   0.011   1.00 14.06 ? 117 VAL A CA  1 
ATOM   240  C  C   . VAL A 1 30  ? 3.660   7.357   -1.200  1.00 14.39 ? 117 VAL A C   1 
ATOM   241  O  O   . VAL A 1 30  ? 2.758   6.927   -1.919  1.00 12.62 ? 117 VAL A O   1 
ATOM   242  C  CB  . VAL A 1 30  ? 3.517   7.114   1.317   1.00 14.64 ? 117 VAL A CB  1 
ATOM   243  C  CG1 . VAL A 1 30  ? 2.016   7.316   1.151   1.00 15.46 ? 117 VAL A CG1 1 
ATOM   244  C  CG2 . VAL A 1 30  ? 3.783   6.155   2.473   1.00 14.40 ? 117 VAL A CG2 1 
ATOM   245  N  N   . GLU A 1 31  ? 4.281   8.510   -1.431  1.00 15.31 ? 118 GLU A N   1 
ATOM   246  C  CA  . GLU A 1 31  ? 3.929   9.354   -2.562  1.00 18.12 ? 118 GLU A CA  1 
ATOM   247  C  C   . GLU A 1 31  ? 4.149   8.602   -3.873  1.00 16.14 ? 118 GLU A C   1 
ATOM   248  O  O   . GLU A 1 31  ? 3.276   8.596   -4.741  1.00 16.01 ? 118 GLU A O   1 
ATOM   249  C  CB  . GLU A 1 31  ? 4.757   10.636  -2.541  1.00 22.44 ? 118 GLU A CB  1 
ATOM   250  C  CG  . GLU A 1 31  ? 4.533   11.534  -3.745  1.00 33.80 ? 118 GLU A CG  1 
ATOM   251  C  CD  . GLU A 1 31  ? 5.388   12.793  -3.723  1.00 39.23 ? 118 GLU A CD  1 
ATOM   252  O  OE1 . GLU A 1 31  ? 6.325   12.884  -2.892  1.00 42.11 ? 118 GLU A OE1 1 
ATOM   253  O  OE2 . GLU A 1 31  ? 5.118   13.693  -4.549  1.00 43.04 ? 118 GLU A OE2 1 
ATOM   254  N  N   . LYS A 1 32  ? 5.299   7.946   -3.994  1.00 15.71 ? 119 LYS A N   1 
ATOM   255  C  CA  . LYS A 1 32  ? 5.631   7.177   -5.192  1.00 17.90 ? 119 LYS A CA  1 
ATOM   256  C  C   . LYS A 1 32  ? 4.650   6.038   -5.420  1.00 15.76 ? 119 LYS A C   1 
ATOM   257  O  O   . LYS A 1 32  ? 4.248   5.779   -6.554  1.00 15.13 ? 119 LYS A O   1 
ATOM   258  C  CB  . LYS A 1 32  ? 7.046   6.604   -5.107  1.00 21.72 ? 119 LYS A CB  1 
ATOM   259  C  CG  . LYS A 1 32  ? 8.159   7.608   -5.297  1.00 30.02 ? 119 LYS A CG  1 
ATOM   260  C  CD  . LYS A 1 32  ? 9.514   6.931   -5.148  1.00 36.78 ? 119 LYS A CD  1 
ATOM   261  C  CE  . LYS A 1 32  ? 10.656  7.946   -5.136  1.00 41.86 ? 119 LYS A CE  1 
ATOM   262  N  NZ  . LYS A 1 32  ? 11.984  7.291   -4.908  1.00 46.05 ? 119 LYS A NZ  1 
ATOM   263  N  N   . ALA A 1 33  ? 4.280   5.348   -4.346  1.00 14.00 ? 120 ALA A N   1 
ATOM   264  C  CA  . ALA A 1 33  ? 3.345   4.233   -4.436  1.00 13.79 ? 120 ALA A CA  1 
ATOM   265  C  C   . ALA A 1 33  ? 1.987   4.698   -4.964  1.00 14.83 ? 120 ALA A C   1 
ATOM   266  O  O   . ALA A 1 33  ? 1.358   4.009   -5.771  1.00 14.98 ? 120 ALA A O   1 
ATOM   267  C  CB  . ALA A 1 33  ? 3.194   3.563   -3.079  1.00 12.40 ? 120 ALA A CB  1 
ATOM   268  N  N   . LEU A 1 34  ? 1.549   5.880   -4.530  1.00 14.33 ? 121 LEU A N   1 
ATOM   269  C  CA  . LEU A 1 34  ? 0.271   6.429   -4.973  1.00 13.76 ? 121 LEU A CA  1 
ATOM   270  C  C   . LEU A 1 34  ? 0.347   6.845   -6.434  1.00 13.58 ? 121 LEU A C   1 
ATOM   271  O  O   . LEU A 1 34  ? -0.590  6.606   -7.195  1.00 13.89 ? 121 LEU A O   1 
ATOM   272  C  CB  . LEU A 1 34  ? -0.143  7.625   -4.107  1.00 14.18 ? 121 LEU A CB  1 
ATOM   273  C  CG  . LEU A 1 34  ? -0.426  7.353   -2.621  1.00 14.80 ? 121 LEU A CG  1 
ATOM   274  C  CD1 . LEU A 1 34  ? -0.592  8.668   -1.894  1.00 15.23 ? 121 LEU A CD1 1 
ATOM   275  C  CD2 . LEU A 1 34  ? -1.656  6.477   -2.435  1.00 13.98 ? 121 LEU A CD2 1 
ATOM   276  N  N   . LYS A 1 35  ? 1.472   7.439   -6.827  1.00 14.21 ? 122 LYS A N   1 
ATOM   277  C  CA  . LYS A 1 35  ? 1.661   7.886   -8.206  1.00 16.56 ? 122 LYS A CA  1 
ATOM   278  C  C   . LYS A 1 35  ? 1.594   6.724   -9.188  1.00 15.95 ? 122 LYS A C   1 
ATOM   279  O  O   . LYS A 1 35  ? 1.144   6.892   -10.324 1.00 15.40 ? 122 LYS A O   1 
ATOM   280  C  CB  . LYS A 1 35  ? 2.985   8.638   -8.367  1.00 20.17 ? 122 LYS A CB  1 
ATOM   281  C  CG  . LYS A 1 35  ? 3.049   9.950   -7.595  1.00 28.23 ? 122 LYS A CG  1 
ATOM   282  C  CD  . LYS A 1 35  ? 1.856   10.844  -7.918  1.00 33.93 ? 122 LYS A CD  1 
ATOM   283  C  CE  . LYS A 1 35  ? 1.807   12.074  -7.017  1.00 37.56 ? 122 LYS A CE  1 
ATOM   284  N  NZ  . LYS A 1 35  ? 0.571   12.883  -7.246  1.00 39.60 ? 122 LYS A NZ  1 
ATOM   285  N  N   . VAL A 1 36  ? 2.033   5.550   -8.738  1.00 15.45 ? 123 VAL A N   1 
ATOM   286  C  CA  . VAL A 1 36  ? 2.014   4.335   -9.551  1.00 15.03 ? 123 VAL A CA  1 
ATOM   287  C  C   . VAL A 1 36  ? 0.592   4.079   -10.057 1.00 14.29 ? 123 VAL A C   1 
ATOM   288  O  O   . VAL A 1 36  ? 0.388   3.778   -11.237 1.00 14.33 ? 123 VAL A O   1 
ATOM   289  C  CB  . VAL A 1 36  ? 2.524   3.108   -8.735  1.00 15.21 ? 123 VAL A CB  1 
ATOM   290  C  CG1 . VAL A 1 36  ? 2.122   1.810   -9.401  1.00 18.40 ? 123 VAL A CG1 1 
ATOM   291  C  CG2 . VAL A 1 36  ? 4.033   3.161   -8.603  1.00 15.21 ? 123 VAL A CG2 1 
ATOM   292  N  N   . TRP A 1 37  ? -0.385  4.245   -9.170  1.00 12.99 ? 124 TRP A N   1 
ATOM   293  C  CA  . TRP A 1 37  ? -1.785  4.034   -9.514  1.00 13.18 ? 124 TRP A CA  1 
ATOM   294  C  C   . TRP A 1 37  ? -2.424  5.227   -10.240 1.00 13.37 ? 124 TRP A C   1 
ATOM   295  O  O   . TRP A 1 37  ? -3.270  5.035   -11.114 1.00 13.78 ? 124 TRP A O   1 
ATOM   296  C  CB  . TRP A 1 37  ? -2.590  3.639   -8.270  1.00 12.72 ? 124 TRP A CB  1 
ATOM   297  C  CG  . TRP A 1 37  ? -2.110  2.349   -7.634  1.00 12.84 ? 124 TRP A CG  1 
ATOM   298  C  CD1 . TRP A 1 37  ? -1.455  2.218   -6.441  1.00 12.66 ? 124 TRP A CD1 1 
ATOM   299  C  CD2 . TRP A 1 37  ? -2.225  1.018   -8.174  1.00 13.92 ? 124 TRP A CD2 1 
ATOM   300  N  NE1 . TRP A 1 37  ? -1.153  0.897   -6.207  1.00 12.99 ? 124 TRP A NE1 1 
ATOM   301  C  CE2 . TRP A 1 37  ? -1.613  0.139   -7.250  1.00 13.82 ? 124 TRP A CE2 1 
ATOM   302  C  CE3 . TRP A 1 37  ? -2.780  0.488   -9.347  1.00 13.76 ? 124 TRP A CE3 1 
ATOM   303  C  CZ2 . TRP A 1 37  ? -1.540  -1.245  -7.462  1.00 12.95 ? 124 TRP A CZ2 1 
ATOM   304  C  CZ3 . TRP A 1 37  ? -2.705  -0.893  -9.559  1.00 14.55 ? 124 TRP A CZ3 1 
ATOM   305  C  CH2 . TRP A 1 37  ? -2.088  -1.740  -8.617  1.00 13.32 ? 124 TRP A CH2 1 
ATOM   306  N  N   . GLU A 1 38  ? -2.005  6.448   -9.904  1.00 13.65 ? 125 GLU A N   1 
ATOM   307  C  CA  . GLU A 1 38  ? -2.538  7.653   -10.554 1.00 14.49 ? 125 GLU A CA  1 
ATOM   308  C  C   . GLU A 1 38  ? -2.187  7.682   -12.041 1.00 14.48 ? 125 GLU A C   1 
ATOM   309  O  O   . GLU A 1 38  ? -2.920  8.234   -12.858 1.00 13.77 ? 125 GLU A O   1 
ATOM   310  C  CB  . GLU A 1 38  ? -1.977  8.923   -9.907  1.00 16.02 ? 125 GLU A CB  1 
ATOM   311  C  CG  . GLU A 1 38  ? -2.662  9.360   -8.623  1.00 20.48 ? 125 GLU A CG  1 
ATOM   312  C  CD  . GLU A 1 38  ? -2.253  10.764  -8.178  1.00 25.11 ? 125 GLU A CD  1 
ATOM   313  O  OE1 . GLU A 1 38  ? -1.641  11.503  -8.980  1.00 28.97 ? 125 GLU A OE1 1 
ATOM   314  O  OE2 . GLU A 1 38  ? -2.554  11.138  -7.026  1.00 27.06 ? 125 GLU A OE2 1 
ATOM   315  N  N   . GLU A 1 39  ? -1.051  7.088   -12.376 1.00 14.76 ? 126 GLU A N   1 
ATOM   316  C  CA  . GLU A 1 39  ? -0.562  7.052   -13.743 1.00 16.82 ? 126 GLU A CA  1 
ATOM   317  C  C   . GLU A 1 39  ? -1.425  6.233   -14.707 1.00 15.56 ? 126 GLU A C   1 
ATOM   318  O  O   . GLU A 1 39  ? -1.432  6.495   -15.912 1.00 14.57 ? 126 GLU A O   1 
ATOM   319  C  CB  . GLU A 1 39  ? 0.878   6.526   -13.740 1.00 20.76 ? 126 GLU A CB  1 
ATOM   320  C  CG  . GLU A 1 39  ? 1.626   6.718   -15.045 1.00 30.79 ? 126 GLU A CG  1 
ATOM   321  C  CD  . GLU A 1 39  ? 3.094   6.317   -14.962 1.00 35.73 ? 126 GLU A CD  1 
ATOM   322  O  OE1 . GLU A 1 39  ? 3.567   5.945   -13.860 1.00 37.99 ? 126 GLU A OE1 1 
ATOM   323  O  OE2 . GLU A 1 39  ? 3.775   6.383   -16.011 1.00 38.96 ? 126 GLU A OE2 1 
ATOM   324  N  N   . VAL A 1 40  ? -2.182  5.273   -14.183 1.00 13.78 ? 127 VAL A N   1 
ATOM   325  C  CA  . VAL A 1 40  ? -3.003  4.419   -15.037 1.00 14.13 ? 127 VAL A CA  1 
ATOM   326  C  C   . VAL A 1 40  ? -4.507  4.473   -14.768 1.00 13.98 ? 127 VAL A C   1 
ATOM   327  O  O   . VAL A 1 40  ? -5.264  3.639   -15.280 1.00 13.81 ? 127 VAL A O   1 
ATOM   328  C  CB  . VAL A 1 40  ? -2.523  2.939   -14.969 1.00 15.13 ? 127 VAL A CB  1 
ATOM   329  C  CG1 . VAL A 1 40  ? -1.093  2.820   -15.493 1.00 15.15 ? 127 VAL A CG1 1 
ATOM   330  C  CG2 . VAL A 1 40  ? -2.606  2.415   -13.536 1.00 14.54 ? 127 VAL A CG2 1 
ATOM   331  N  N   . THR A 1 41  ? -4.944  5.449   -13.979 1.00 12.52 ? 128 THR A N   1 
ATOM   332  C  CA  . THR A 1 41  ? -6.362  5.592   -13.652 1.00 13.03 ? 128 THR A CA  1 
ATOM   333  C  C   . THR A 1 41  ? -6.699  7.073   -13.532 1.00 12.19 ? 128 THR A C   1 
ATOM   334  O  O   . THR A 1 41  ? -5.812  7.924   -13.607 1.00 12.87 ? 128 THR A O   1 
ATOM   335  C  CB  . THR A 1 41  ? -6.708  4.955   -12.274 1.00 14.05 ? 128 THR A CB  1 
ATOM   336  O  OG1 . THR A 1 41  ? -6.012  5.651   -11.232 1.00 15.54 ? 128 THR A OG1 1 
ATOM   337  C  CG2 . THR A 1 41  ? -6.347  3.477   -12.232 1.00 14.80 ? 128 THR A CG2 1 
ATOM   338  N  N   . PRO A 1 42  ? -7.995  7.403   -13.405 1.00 12.64 ? 129 PRO A N   1 
ATOM   339  C  CA  . PRO A 1 42  ? -8.365  8.814   -13.266 1.00 13.34 ? 129 PRO A CA  1 
ATOM   340  C  C   . PRO A 1 42  ? -8.435  9.215   -11.778 1.00 13.53 ? 129 PRO A C   1 
ATOM   341  O  O   . PRO A 1 42  ? -9.052  10.216  -11.420 1.00 14.72 ? 129 PRO A O   1 
ATOM   342  C  CB  . PRO A 1 42  ? -9.729  8.872   -13.952 1.00 14.70 ? 129 PRO A CB  1 
ATOM   343  C  CG  . PRO A 1 42  ? -10.320 7.547   -13.622 1.00 15.08 ? 129 PRO A CG  1 
ATOM   344  C  CD  . PRO A 1 42  ? -9.162  6.588   -13.806 1.00 12.19 ? 129 PRO A CD  1 
ATOM   345  N  N   . LEU A 1 43  ? -7.799  8.426   -10.920 1.00 13.08 ? 130 LEU A N   1 
ATOM   346  C  CA  . LEU A 1 43  ? -7.799  8.696   -9.486  1.00 14.85 ? 130 LEU A CA  1 
ATOM   347  C  C   . LEU A 1 43  ? -6.743  9.720   -9.084  1.00 14.03 ? 130 LEU A C   1 
ATOM   348  O  O   . LEU A 1 43  ? -5.671  9.797   -9.688  1.00 15.18 ? 130 LEU A O   1 
ATOM   349  C  CB  . LEU A 1 43  ? -7.525  7.409   -8.701  1.00 16.55 ? 130 LEU A CB  1 
ATOM   350  C  CG  . LEU A 1 43  ? -8.455  6.200   -8.820  1.00 16.34 ? 130 LEU A CG  1 
ATOM   351  C  CD1 . LEU A 1 43  ? -7.851  5.047   -8.040  1.00 17.24 ? 130 LEU A CD1 1 
ATOM   352  C  CD2 . LEU A 1 43  ? -9.832  6.541   -8.292  1.00 17.18 ? 130 LEU A CD2 1 
ATOM   353  N  N   . THR A 1 44  ? -7.048  10.492  -8.049  1.00 14.63 ? 131 THR A N   1 
ATOM   354  C  CA  . THR A 1 44  ? -6.111  11.471  -7.517  1.00 16.25 ? 131 THR A CA  1 
ATOM   355  C  C   . THR A 1 44  ? -6.160  11.339  -6.004  1.00 16.61 ? 131 THR A C   1 
ATOM   356  O  O   . THR A 1 44  ? -7.196  10.974  -5.433  1.00 16.23 ? 131 THR A O   1 
ATOM   357  C  CB  . THR A 1 44  ? -6.445  12.923  -7.932  1.00 18.76 ? 131 THR A CB  1 
ATOM   358  O  OG1 . THR A 1 44  ? -7.815  13.218  -7.632  1.00 22.28 ? 131 THR A OG1 1 
ATOM   359  C  CG2 . THR A 1 44  ? -6.177  13.136  -9.411  1.00 19.59 ? 131 THR A CG2 1 
ATOM   360  N  N   . PHE A 1 45  ? -5.029  11.595  -5.360  1.00 16.40 ? 132 PHE A N   1 
ATOM   361  C  CA  . PHE A 1 45  ? -4.928  11.491  -3.912  1.00 16.95 ? 132 PHE A CA  1 
ATOM   362  C  C   . PHE A 1 45  ? -4.474  12.816  -3.301  1.00 18.28 ? 132 PHE A C   1 
ATOM   363  O  O   . PHE A 1 45  ? -3.562  13.468  -3.818  1.00 19.37 ? 132 PHE A O   1 
ATOM   364  C  CB  . PHE A 1 45  ? -3.931  10.388  -3.536  1.00 16.64 ? 132 PHE A CB  1 
ATOM   365  C  CG  . PHE A 1 45  ? -4.260  9.047   -4.125  1.00 16.00 ? 132 PHE A CG  1 
ATOM   366  C  CD1 . PHE A 1 45  ? -5.118  8.176   -3.466  1.00 17.12 ? 132 PHE A CD1 1 
ATOM   367  C  CD2 . PHE A 1 45  ? -3.723  8.659   -5.347  1.00 16.36 ? 132 PHE A CD2 1 
ATOM   368  C  CE1 . PHE A 1 45  ? -5.437  6.937   -4.018  1.00 18.11 ? 132 PHE A CE1 1 
ATOM   369  C  CE2 . PHE A 1 45  ? -4.035  7.424   -5.907  1.00 18.20 ? 132 PHE A CE2 1 
ATOM   370  C  CZ  . PHE A 1 45  ? -4.895  6.560   -5.241  1.00 18.37 ? 132 PHE A CZ  1 
ATOM   371  N  N   . SER A 1 46  ? -5.124  13.212  -2.212  1.00 17.40 ? 133 SER A N   1 
ATOM   372  C  CA  . SER A 1 46  ? -4.779  14.438  -1.504  1.00 17.38 ? 133 SER A CA  1 
ATOM   373  C  C   . SER A 1 46  ? -4.386  14.052  -0.088  1.00 15.75 ? 133 SER A C   1 
ATOM   374  O  O   . SER A 1 46  ? -5.031  13.211  0.535   1.00 16.01 ? 133 SER A O   1 
ATOM   375  C  CB  . SER A 1 46  ? -5.960  15.409  -1.479  1.00 18.75 ? 133 SER A CB  1 
ATOM   376  O  OG  . SER A 1 46  ? -6.243  15.884  -2.786  1.00 25.43 ? 133 SER A OG  1 
ATOM   377  N  N   . ARG A 1 47  ? -3.326  14.658  0.416   1.00 14.93 ? 134 ARG A N   1 
ATOM   378  C  CA  . ARG A 1 47  ? -2.850  14.351  1.750   1.00 14.85 ? 134 ARG A CA  1 
ATOM   379  C  C   . ARG A 1 47  ? -3.497  15.205  2.842   1.00 15.84 ? 134 ARG A C   1 
ATOM   380  O  O   . ARG A 1 47  ? -3.721  16.399  2.649   1.00 16.32 ? 134 ARG A O   1 
ATOM   381  C  CB  . ARG A 1 47  ? -1.334  14.508  1.785   1.00 13.78 ? 134 ARG A CB  1 
ATOM   382  C  CG  . ARG A 1 47  ? -0.699  14.057  3.069   1.00 15.13 ? 134 ARG A CG  1 
ATOM   383  C  CD  . ARG A 1 47  ? 0.801   14.072  2.948   1.00 15.21 ? 134 ARG A CD  1 
ATOM   384  N  NE  . ARG A 1 47  ? 1.426   13.692  4.209   1.00 17.93 ? 134 ARG A NE  1 
ATOM   385  C  CZ  . ARG A 1 47  ? 2.738   13.657  4.414   1.00 18.47 ? 134 ARG A CZ  1 
ATOM   386  N  NH1 . ARG A 1 47  ? 3.575   13.975  3.437   1.00 19.95 ? 134 ARG A NH1 1 
ATOM   387  N  NH2 . ARG A 1 47  ? 3.211   13.320  5.605   1.00 19.78 ? 134 ARG A NH2 1 
ATOM   388  N  N   . LEU A 1 48  ? -3.851  14.569  3.957   1.00 14.68 ? 135 LEU A N   1 
ATOM   389  C  CA  . LEU A 1 48  ? -4.431  15.261  5.107   1.00 15.63 ? 135 LEU A CA  1 
ATOM   390  C  C   . LEU A 1 48  ? -3.436  15.109  6.249   1.00 15.59 ? 135 LEU A C   1 
ATOM   391  O  O   . LEU A 1 48  ? -2.767  14.080  6.360   1.00 14.62 ? 135 LEU A O   1 
ATOM   392  C  CB  . LEU A 1 48  ? -5.776  14.659  5.524   1.00 16.07 ? 135 LEU A CB  1 
ATOM   393  C  CG  . LEU A 1 48  ? -6.945  14.749  4.545   1.00 18.56 ? 135 LEU A CG  1 
ATOM   394  C  CD1 . LEU A 1 48  ? -8.227  14.316  5.244   1.00 18.12 ? 135 LEU A CD1 1 
ATOM   395  C  CD2 . LEU A 1 48  ? -7.073  16.173  4.017   1.00 19.89 ? 135 LEU A CD2 1 
ATOM   396  N  N   . TYR A 1 49  ? -3.325  16.136  7.083   1.00 16.30 ? 136 TYR A N   1 
ATOM   397  C  CA  . TYR A 1 49  ? -2.396  16.106  8.212   1.00 16.57 ? 136 TYR A CA  1 
ATOM   398  C  C   . TYR A 1 49  ? -3.109  16.008  9.556   1.00 17.36 ? 136 TYR A C   1 
ATOM   399  O  O   . TYR A 1 49  ? -2.478  16.063  10.612  1.00 17.92 ? 136 TYR A O   1 
ATOM   400  C  CB  . TYR A 1 49  ? -1.471  17.329  8.179   1.00 16.85 ? 136 TYR A CB  1 
ATOM   401  C  CG  . TYR A 1 49  ? -0.541  17.335  6.986   1.00 18.03 ? 136 TYR A CG  1 
ATOM   402  C  CD1 . TYR A 1 49  ? -0.937  17.891  5.771   1.00 19.78 ? 136 TYR A CD1 1 
ATOM   403  C  CD2 . TYR A 1 49  ? 0.723   16.748  7.061   1.00 19.39 ? 136 TYR A CD2 1 
ATOM   404  C  CE1 . TYR A 1 49  ? -0.099  17.863  4.659   1.00 21.34 ? 136 TYR A CE1 1 
ATOM   405  C  CE2 . TYR A 1 49  ? 1.568   16.714  5.953   1.00 21.25 ? 136 TYR A CE2 1 
ATOM   406  C  CZ  . TYR A 1 49  ? 1.148   17.273  4.756   1.00 21.36 ? 136 TYR A CZ  1 
ATOM   407  O  OH  . TYR A 1 49  ? 1.971   17.246  3.654   1.00 26.53 ? 136 TYR A OH  1 
ATOM   408  N  N   . GLU A 1 50  ? -4.426  15.844  9.513   1.00 18.04 ? 137 GLU A N   1 
ATOM   409  C  CA  . GLU A 1 50  ? -5.216  15.733  10.728  1.00 19.64 ? 137 GLU A CA  1 
ATOM   410  C  C   . GLU A 1 50  ? -6.544  15.052  10.438  1.00 18.35 ? 137 GLU A C   1 
ATOM   411  O  O   . GLU A 1 50  ? -6.980  14.985  9.285   1.00 18.81 ? 137 GLU A O   1 
ATOM   412  C  CB  . GLU A 1 50  ? -5.464  17.120  11.333  1.00 22.28 ? 137 GLU A CB  1 
ATOM   413  C  CG  . GLU A 1 50  ? -6.242  18.061  10.431  1.00 27.63 ? 137 GLU A CG  1 
ATOM   414  C  CD  . GLU A 1 50  ? -6.304  19.471  10.977  1.00 32.49 ? 137 GLU A CD  1 
ATOM   415  O  OE1 . GLU A 1 50  ? -7.176  19.743  11.831  1.00 34.12 ? 137 GLU A OE1 1 
ATOM   416  O  OE2 . GLU A 1 50  ? -5.478  20.307  10.551  1.00 35.74 ? 137 GLU A OE2 1 
ATOM   417  N  N   . GLY A 1 51  ? -7.165  14.531  11.487  1.00 17.05 ? 138 GLY A N   1 
ATOM   418  C  CA  . GLY A 1 51  ? -8.449  13.876  11.346  1.00 16.98 ? 138 GLY A CA  1 
ATOM   419  C  C   . GLY A 1 51  ? -8.407  12.564  10.598  1.00 17.03 ? 138 GLY A C   1 
ATOM   420  O  O   . GLY A 1 51  ? -7.367  11.907  10.508  1.00 15.90 ? 138 GLY A O   1 
ATOM   421  N  N   . GLU A 1 52  ? -9.552  12.194  10.044  1.00 18.35 ? 139 GLU A N   1 
ATOM   422  C  CA  . GLU A 1 52  ? -9.681  10.950  9.316   1.00 18.74 ? 139 GLU A CA  1 
ATOM   423  C  C   . GLU A 1 52  ? -9.694  11.135  7.806   1.00 18.07 ? 139 GLU A C   1 
ATOM   424  O  O   . GLU A 1 52  ? -10.493 11.899  7.259   1.00 19.24 ? 139 GLU A O   1 
ATOM   425  C  CB  . GLU A 1 52  ? -10.946 10.220  9.764   1.00 21.89 ? 139 GLU A CB  1 
ATOM   426  C  CG  . GLU A 1 52  ? -11.123 8.856   9.132   1.00 28.71 ? 139 GLU A CG  1 
ATOM   427  C  CD  . GLU A 1 52  ? -12.334 8.113   9.656   1.00 33.91 ? 139 GLU A CD  1 
ATOM   428  O  OE1 . GLU A 1 52  ? -13.229 8.755   10.252  1.00 37.99 ? 139 GLU A OE1 1 
ATOM   429  O  OE2 . GLU A 1 52  ? -12.390 6.878   9.469   1.00 36.23 ? 139 GLU A OE2 1 
ATOM   430  N  N   . ALA A 1 53  ? -8.776  10.447  7.143   1.00 14.86 ? 140 ALA A N   1 
ATOM   431  C  CA  . ALA A 1 53  ? -8.682  10.476  5.697   1.00 13.30 ? 140 ALA A CA  1 
ATOM   432  C  C   . ALA A 1 53  ? -9.274  9.144   5.251   1.00 13.39 ? 140 ALA A C   1 
ATOM   433  O  O   . ALA A 1 53  ? -9.467  8.248   6.076   1.00 14.86 ? 140 ALA A O   1 
ATOM   434  C  CB  . ALA A 1 53  ? -7.234  10.573  5.279   1.00 13.30 ? 140 ALA A CB  1 
ATOM   435  N  N   . ASP A 1 54  ? -9.591  9.007   3.968   1.00 12.58 ? 141 ASP A N   1 
ATOM   436  C  CA  . ASP A 1 54  ? -10.146 7.752   3.463   1.00 12.28 ? 141 ASP A CA  1 
ATOM   437  C  C   . ASP A 1 54  ? -9.145  6.621   3.703   1.00 11.95 ? 141 ASP A C   1 
ATOM   438  O  O   . ASP A 1 54  ? -9.494  5.548   4.216   1.00 13.24 ? 141 ASP A O   1 
ATOM   439  C  CB  . ASP A 1 54  ? -10.428 7.846   1.960   1.00 13.49 ? 141 ASP A CB  1 
ATOM   440  C  CG  . ASP A 1 54  ? -11.442 8.920   1.614   1.00 15.07 ? 141 ASP A CG  1 
ATOM   441  O  OD1 . ASP A 1 54  ? -12.535 8.932   2.216   1.00 16.84 ? 141 ASP A OD1 1 
ATOM   442  O  OD2 . ASP A 1 54  ? -11.141 9.749   0.731   1.00 16.10 ? 141 ASP A OD2 1 
ATOM   443  N  N   . ILE A 1 55  ? -7.896  6.877   3.345   1.00 10.62 ? 142 ILE A N   1 
ATOM   444  C  CA  . ILE A 1 55  ? -6.839  5.897   3.494   1.00 11.63 ? 142 ILE A CA  1 
ATOM   445  C  C   . ILE A 1 55  ? -5.890  6.299   4.622   1.00 11.17 ? 142 ILE A C   1 
ATOM   446  O  O   . ILE A 1 55  ? -5.050  7.184   4.454   1.00 13.39 ? 142 ILE A O   1 
ATOM   447  C  CB  . ILE A 1 55  ? -6.066  5.748   2.167   1.00 11.82 ? 142 ILE A CB  1 
ATOM   448  C  CG1 . ILE A 1 55  ? -7.032  5.305   1.060   1.00 12.24 ? 142 ILE A CG1 1 
ATOM   449  C  CG2 . ILE A 1 55  ? -4.922  4.744   2.316   1.00 12.03 ? 142 ILE A CG2 1 
ATOM   450  C  CD1 . ILE A 1 55  ? -6.429  5.313   -0.322  1.00 13.87 ? 142 ILE A CD1 1 
ATOM   451  N  N   . MET A 1 56  ? -6.071  5.684   5.786   1.00 11.08 ? 143 MET A N   1 
ATOM   452  C  CA  . MET A 1 56  ? -5.223  5.953   6.949   1.00 10.97 ? 143 MET A CA  1 
ATOM   453  C  C   . MET A 1 56  ? -4.047  4.983   6.903   1.00 11.43 ? 143 MET A C   1 
ATOM   454  O  O   . MET A 1 56  ? -4.238  3.763   6.883   1.00 12.14 ? 143 MET A O   1 
ATOM   455  C  CB  . MET A 1 56  ? -6.014  5.763   8.244   1.00 10.93 ? 143 MET A CB  1 
ATOM   456  C  CG  . MET A 1 56  ? -7.171  6.736   8.408   1.00 12.17 ? 143 MET A CG  1 
ATOM   457  S  SD  . MET A 1 56  ? -6.621  8.414   8.757   1.00 15.71 ? 143 MET A SD  1 
ATOM   458  C  CE  . MET A 1 56  ? -6.639  8.374   10.533  1.00 13.96 ? 143 MET A CE  1 
ATOM   459  N  N   . ILE A 1 57  ? -2.840  5.532   6.877   1.00 11.15 ? 144 ILE A N   1 
ATOM   460  C  CA  . ILE A 1 57  ? -1.619  4.743   6.813   1.00 11.24 ? 144 ILE A CA  1 
ATOM   461  C  C   . ILE A 1 57  ? -0.888  4.776   8.147   1.00 11.57 ? 144 ILE A C   1 
ATOM   462  O  O   . ILE A 1 57  ? -0.610  5.849   8.679   1.00 11.88 ? 144 ILE A O   1 
ATOM   463  C  CB  . ILE A 1 57  ? -0.695  5.284   5.702   1.00 11.46 ? 144 ILE A CB  1 
ATOM   464  C  CG1 . ILE A 1 57  ? -1.360  5.089   4.340   1.00 12.22 ? 144 ILE A CG1 1 
ATOM   465  C  CG2 . ILE A 1 57  ? 0.668   4.604   5.750   1.00 12.49 ? 144 ILE A CG2 1 
ATOM   466  C  CD1 . ILE A 1 57  ? -0.631  5.753   3.211   1.00 14.72 ? 144 ILE A CD1 1 
ATOM   467  N  N   . SER A 1 58  ? -0.575  3.604   8.688   1.00 10.72 ? 145 SER A N   1 
ATOM   468  C  CA  . SER A 1 58  ? 0.132   3.545   9.957   1.00 12.04 ? 145 SER A CA  1 
ATOM   469  C  C   . SER A 1 58  ? 1.100   2.372   10.081  1.00 11.17 ? 145 SER A C   1 
ATOM   470  O  O   . SER A 1 58  ? 1.033   1.399   9.326   1.00 11.61 ? 145 SER A O   1 
ATOM   471  C  CB  . SER A 1 58  ? -0.857  3.539   11.122  1.00 11.55 ? 145 SER A CB  1 
ATOM   472  O  OG  . SER A 1 58  ? -1.710  2.415   11.069  1.00 16.34 ? 145 SER A OG  1 
ATOM   473  N  N   . PHE A 1 59  ? 2.031   2.512   11.015  1.00 11.40 ? 146 PHE A N   1 
ATOM   474  C  CA  . PHE A 1 59  ? 3.035   1.499   11.304  1.00 12.65 ? 146 PHE A CA  1 
ATOM   475  C  C   . PHE A 1 59  ? 2.750   1.030   12.716  1.00 13.36 ? 146 PHE A C   1 
ATOM   476  O  O   . PHE A 1 59  ? 2.645   1.838   13.640  1.00 13.66 ? 146 PHE A O   1 
ATOM   477  C  CB  . PHE A 1 59  ? 4.446   2.091   11.227  1.00 12.44 ? 146 PHE A CB  1 
ATOM   478  C  CG  . PHE A 1 59  ? 4.848   2.494   9.849   1.00 13.04 ? 146 PHE A CG  1 
ATOM   479  C  CD1 . PHE A 1 59  ? 4.505   3.748   9.349   1.00 14.31 ? 146 PHE A CD1 1 
ATOM   480  C  CD2 . PHE A 1 59  ? 5.530   1.609   9.027   1.00 13.14 ? 146 PHE A CD2 1 
ATOM   481  C  CE1 . PHE A 1 59  ? 4.832   4.109   8.048   1.00 14.99 ? 146 PHE A CE1 1 
ATOM   482  C  CE2 . PHE A 1 59  ? 5.859   1.963   7.725   1.00 15.19 ? 146 PHE A CE2 1 
ATOM   483  C  CZ  . PHE A 1 59  ? 5.510   3.212   7.235   1.00 14.29 ? 146 PHE A CZ  1 
ATOM   484  N  N   . ALA A 1 60  ? 2.647   -0.277  12.890  1.00 13.80 ? 147 ALA A N   1 
ATOM   485  C  CA  . ALA A 1 60  ? 2.342   -0.827  14.193  1.00 15.23 ? 147 ALA A CA  1 
ATOM   486  C  C   . ALA A 1 60  ? 2.987   -2.188  14.368  1.00 16.19 ? 147 ALA A C   1 
ATOM   487  O  O   . ALA A 1 60  ? 3.492   -2.774  13.413  1.00 15.74 ? 147 ALA A O   1 
ATOM   488  C  CB  . ALA A 1 60  ? 0.833   -0.940  14.352  1.00 15.79 ? 147 ALA A CB  1 
ATOM   489  N  N   . VAL A 1 61  ? 3.005   -2.673  15.606  1.00 17.87 ? 148 VAL A N   1 
ATOM   490  C  CA  . VAL A 1 61  ? 3.568   -3.987  15.914  1.00 18.95 ? 148 VAL A CA  1 
ATOM   491  C  C   . VAL A 1 61  ? 2.569   -4.765  16.774  1.00 18.03 ? 148 VAL A C   1 
ATOM   492  O  O   . VAL A 1 61  ? 1.822   -4.168  17.555  1.00 17.97 ? 148 VAL A O   1 
ATOM   493  C  CB  . VAL A 1 61  ? 4.925   -3.887  16.674  1.00 19.66 ? 148 VAL A CB  1 
ATOM   494  C  CG1 . VAL A 1 61  ? 5.953   -3.147  15.838  1.00 20.41 ? 148 VAL A CG1 1 
ATOM   495  C  CG2 . VAL A 1 61  ? 4.741   -3.196  18.015  1.00 21.34 ? 148 VAL A CG2 1 
ATOM   496  N  N   . ARG A 1 62  ? 2.524   -6.082  16.581  1.00 17.63 ? 149 ARG A N   1 
ATOM   497  C  CA  . ARG A 1 62  ? 1.635   -6.963  17.342  1.00 17.98 ? 149 ARG A CA  1 
ATOM   498  C  C   . ARG A 1 62  ? 0.185   -6.453  17.356  1.00 17.98 ? 149 ARG A C   1 
ATOM   499  O  O   . ARG A 1 62  ? -0.357  -6.106  16.306  1.00 17.24 ? 149 ARG A O   1 
ATOM   500  C  CB  . ARG A 1 62  ? 2.172   -7.150  18.771  1.00 19.05 ? 149 ARG A CB  1 
ATOM   501  C  CG  . ARG A 1 62  ? 3.596   -7.692  18.859  1.00 21.49 ? 149 ARG A CG  1 
ATOM   502  C  CD  . ARG A 1 62  ? 3.684   -9.127  18.376  1.00 24.02 ? 149 ARG A CD  1 
ATOM   503  N  NE  . ARG A 1 62  ? 5.064   -9.608  18.323  1.00 26.32 ? 149 ARG A NE  1 
ATOM   504  C  CZ  . ARG A 1 62  ? 5.410   -10.863 18.052  1.00 27.08 ? 149 ARG A CZ  1 
ATOM   505  N  NH1 . ARG A 1 62  ? 4.479   -11.780 17.812  1.00 27.29 ? 149 ARG A NH1 1 
ATOM   506  N  NH2 . ARG A 1 62  ? 6.695   -11.199 17.999  1.00 28.84 ? 149 ARG A NH2 1 
ATOM   507  N  N   . GLU A 1 63  ? -0.447  -6.418  18.528  1.00 19.09 ? 150 GLU A N   1 
ATOM   508  C  CA  . GLU A 1 63  ? -1.825  -5.945  18.637  1.00 22.28 ? 150 GLU A CA  1 
ATOM   509  C  C   . GLU A 1 63  ? -1.850  -4.429  18.483  1.00 21.06 ? 150 GLU A C   1 
ATOM   510  O  O   . GLU A 1 63  ? -1.229  -3.705  19.262  1.00 21.68 ? 150 GLU A O   1 
ATOM   511  C  CB  . GLU A 1 63  ? -2.437  -6.395  19.966  1.00 27.17 ? 150 GLU A CB  1 
ATOM   512  C  CG  . GLU A 1 63  ? -2.334  -7.906  20.155  1.00 37.36 ? 150 GLU A CG  1 
ATOM   513  C  CD  . GLU A 1 63  ? -3.212  -8.444  21.270  1.00 44.26 ? 150 GLU A CD  1 
ATOM   514  O  OE1 . GLU A 1 63  ? -2.860  -8.245  22.457  1.00 49.75 ? 150 GLU A OE1 1 
ATOM   515  O  OE2 . GLU A 1 63  ? -4.245  -9.088  20.952  1.00 46.98 ? 150 GLU A OE2 1 
ATOM   516  N  N   . HIS A 1 64  ? -2.582  -3.955  17.479  1.00 19.16 ? 151 HIS A N   1 
ATOM   517  C  CA  . HIS A 1 64  ? -2.638  -2.530  17.191  1.00 17.74 ? 151 HIS A CA  1 
ATOM   518  C  C   . HIS A 1 64  ? -4.020  -1.896  17.028  1.00 17.81 ? 151 HIS A C   1 
ATOM   519  O  O   . HIS A 1 64  ? -4.189  -0.974  16.232  1.00 18.42 ? 151 HIS A O   1 
ATOM   520  C  CB  . HIS A 1 64  ? -1.777  -2.231  15.960  1.00 15.04 ? 151 HIS A CB  1 
ATOM   521  C  CG  . HIS A 1 64  ? -2.156  -3.024  14.746  1.00 13.83 ? 151 HIS A CG  1 
ATOM   522  N  ND1 . HIS A 1 64  ? -1.754  -4.318  14.512  1.00 12.55 ? 151 HIS A ND1 1 
ATOM   523  C  CD2 . HIS A 1 64  ? -2.918  -2.679  13.678  1.00 12.64 ? 151 HIS A CD2 1 
ATOM   524  C  CE1 . HIS A 1 64  ? -2.270  -4.713  13.341  1.00 13.25 ? 151 HIS A CE1 1 
ATOM   525  N  NE2 . HIS A 1 64  ? -2.994  -3.755  12.781  1.00 15.00 ? 151 HIS A NE2 1 
ATOM   526  N  N   . GLY A 1 65  ? -5.011  -2.393  17.757  1.00 18.04 ? 152 GLY A N   1 
ATOM   527  C  CA  . GLY A 1 65  ? -6.332  -1.799  17.668  1.00 18.77 ? 152 GLY A CA  1 
ATOM   528  C  C   . GLY A 1 65  ? -7.340  -2.415  16.718  1.00 20.31 ? 152 GLY A C   1 
ATOM   529  O  O   . GLY A 1 65  ? -8.480  -1.953  16.666  1.00 22.25 ? 152 GLY A O   1 
ATOM   530  N  N   . ASP A 1 66  ? -6.939  -3.405  15.927  1.00 19.72 ? 153 ASP A N   1 
ATOM   531  C  CA  . ASP A 1 66  ? -7.894  -4.047  15.031  1.00 19.06 ? 153 ASP A CA  1 
ATOM   532  C  C   . ASP A 1 66  ? -7.982  -5.540  15.333  1.00 19.52 ? 153 ASP A C   1 
ATOM   533  O  O   . ASP A 1 66  ? -7.324  -6.024  16.257  1.00 21.29 ? 153 ASP A O   1 
ATOM   534  C  CB  . ASP A 1 66  ? -7.623  -3.738  13.537  1.00 17.16 ? 153 ASP A CB  1 
ATOM   535  C  CG  . ASP A 1 66  ? -6.281  -4.252  13.037  1.00 15.71 ? 153 ASP A CG  1 
ATOM   536  O  OD1 . ASP A 1 66  ? -5.609  -5.033  13.733  1.00 15.09 ? 153 ASP A OD1 1 
ATOM   537  O  OD2 . ASP A 1 66  ? -5.903  -3.871  11.911  1.00 16.96 ? 153 ASP A OD2 1 
ATOM   538  N  N   . PHE A 1 67  ? -8.772  -6.263  14.547  1.00 19.73 ? 154 PHE A N   1 
ATOM   539  C  CA  . PHE A 1 67  ? -8.982  -7.695  14.754  1.00 20.07 ? 154 PHE A CA  1 
ATOM   540  C  C   . PHE A 1 67  ? -7.796  -8.597  14.394  1.00 19.35 ? 154 PHE A C   1 
ATOM   541  O  O   . PHE A 1 67  ? -7.729  -9.738  14.848  1.00 19.49 ? 154 PHE A O   1 
ATOM   542  C  CB  . PHE A 1 67  ? -10.226 -8.120  13.961  1.00 21.67 ? 154 PHE A CB  1 
ATOM   543  C  CG  . PHE A 1 67  ? -10.814 -9.436  14.386  1.00 25.09 ? 154 PHE A CG  1 
ATOM   544  C  CD1 . PHE A 1 67  ? -11.530 -9.542  15.575  1.00 26.94 ? 154 PHE A CD1 1 
ATOM   545  C  CD2 . PHE A 1 67  ? -10.694 -10.561 13.576  1.00 26.98 ? 154 PHE A CD2 1 
ATOM   546  C  CE1 . PHE A 1 67  ? -12.118 -10.750 15.949  1.00 27.53 ? 154 PHE A CE1 1 
ATOM   547  C  CE2 . PHE A 1 67  ? -11.277 -11.773 13.941  1.00 28.50 ? 154 PHE A CE2 1 
ATOM   548  C  CZ  . PHE A 1 67  ? -11.990 -11.866 15.129  1.00 28.80 ? 154 PHE A CZ  1 
ATOM   549  N  N   . TYR A 1 68  ? -6.844  -8.077  13.621  1.00 19.28 ? 155 TYR A N   1 
ATOM   550  C  CA  . TYR A 1 68  ? -5.698  -8.867  13.165  1.00 17.47 ? 155 TYR A CA  1 
ATOM   551  C  C   . TYR A 1 68  ? -4.333  -8.391  13.652  1.00 16.38 ? 155 TYR A C   1 
ATOM   552  O  O   . TYR A 1 68  ? -3.687  -7.551  13.017  1.00 16.65 ? 155 TYR A O   1 
ATOM   553  C  CB  . TYR A 1 68  ? -5.711  -8.937  11.636  1.00 16.80 ? 155 TYR A CB  1 
ATOM   554  C  CG  . TYR A 1 68  ? -7.034  -9.401  11.080  1.00 18.94 ? 155 TYR A CG  1 
ATOM   555  C  CD1 . TYR A 1 68  ? -7.294  -10.757 10.893  1.00 18.70 ? 155 TYR A CD1 1 
ATOM   556  C  CD2 . TYR A 1 68  ? -8.037  -8.483  10.760  1.00 20.14 ? 155 TYR A CD2 1 
ATOM   557  C  CE1 . TYR A 1 68  ? -8.521  -11.190 10.403  1.00 20.65 ? 155 TYR A CE1 1 
ATOM   558  C  CE2 . TYR A 1 68  ? -9.269  -8.906  10.269  1.00 21.37 ? 155 TYR A CE2 1 
ATOM   559  C  CZ  . TYR A 1 68  ? -9.504  -10.261 10.095  1.00 21.57 ? 155 TYR A CZ  1 
ATOM   560  O  OH  . TYR A 1 68  ? -10.725 -10.687 9.626   1.00 23.34 ? 155 TYR A OH  1 
ATOM   561  N  N   . PRO A 1 69  ? -3.865  -8.930  14.787  1.00 16.33 ? 156 PRO A N   1 
ATOM   562  C  CA  . PRO A 1 69  ? -2.563  -8.534  15.332  1.00 15.99 ? 156 PRO A CA  1 
ATOM   563  C  C   . PRO A 1 69  ? -1.418  -8.930  14.401  1.00 15.20 ? 156 PRO A C   1 
ATOM   564  O  O   . PRO A 1 69  ? -1.527  -9.917  13.664  1.00 15.24 ? 156 PRO A O   1 
ATOM   565  C  CB  . PRO A 1 69  ? -2.490  -9.330  16.639  1.00 17.50 ? 156 PRO A CB  1 
ATOM   566  C  CG  . PRO A 1 69  ? -3.932  -9.559  16.999  1.00 17.52 ? 156 PRO A CG  1 
ATOM   567  C  CD  . PRO A 1 69  ? -4.531  -9.899  15.674  1.00 15.96 ? 156 PRO A CD  1 
ATOM   568  N  N   . PHE A 1 70  ? -0.351  -8.137  14.389  1.00 15.41 ? 157 PHE A N   1 
ATOM   569  C  CA  . PHE A 1 70  ? 0.808   -8.471  13.574  1.00 14.70 ? 157 PHE A CA  1 
ATOM   570  C  C   . PHE A 1 70  ? 1.565   -9.614  14.263  1.00 14.96 ? 157 PHE A C   1 
ATOM   571  O  O   . PHE A 1 70  ? 1.341   -9.895  15.444  1.00 14.65 ? 157 PHE A O   1 
ATOM   572  C  CB  . PHE A 1 70  ? 1.676   -7.242  13.281  1.00 12.80 ? 157 PHE A CB  1 
ATOM   573  C  CG  . PHE A 1 70  ? 1.167   -6.410  12.125  1.00 13.16 ? 157 PHE A CG  1 
ATOM   574  C  CD1 . PHE A 1 70  ? 0.816   -7.017  10.916  1.00 12.71 ? 157 PHE A CD1 1 
ATOM   575  C  CD2 . PHE A 1 70  ? 1.014   -5.030  12.249  1.00 12.97 ? 157 PHE A CD2 1 
ATOM   576  C  CE1 . PHE A 1 70  ? 0.319   -6.263  9.851   1.00 12.88 ? 157 PHE A CE1 1 
ATOM   577  C  CE2 . PHE A 1 70  ? 0.517   -4.265  11.191  1.00 12.99 ? 157 PHE A CE2 1 
ATOM   578  C  CZ  . PHE A 1 70  ? 0.169   -4.882  9.988   1.00 12.88 ? 157 PHE A CZ  1 
ATOM   579  N  N   . ASP A 1 71  ? 2.463   -10.255 13.528  1.00 15.61 ? 158 ASP A N   1 
ATOM   580  C  CA  . ASP A 1 71  ? 3.174   -11.435 14.015  1.00 15.30 ? 158 ASP A CA  1 
ATOM   581  C  C   . ASP A 1 71  ? 4.685   -11.382 14.220  1.00 15.71 ? 158 ASP A C   1 
ATOM   582  O  O   . ASP A 1 71  ? 5.342   -12.423 14.153  1.00 16.63 ? 158 ASP A O   1 
ATOM   583  C  CB  . ASP A 1 71  ? 2.858   -12.588 13.054  1.00 14.53 ? 158 ASP A CB  1 
ATOM   584  C  CG  . ASP A 1 71  ? 3.121   -12.219 11.590  1.00 14.64 ? 158 ASP A CG  1 
ATOM   585  O  OD1 . ASP A 1 71  ? 3.802   -11.213 11.333  1.00 13.62 ? 158 ASP A OD1 1 
ATOM   586  O  OD2 . ASP A 1 71  ? 2.641   -12.921 10.684  1.00 16.52 ? 158 ASP A OD2 1 
ATOM   587  N  N   . GLY A 1 72  ? 5.246   -10.202 14.456  1.00 14.36 ? 159 GLY A N   1 
ATOM   588  C  CA  . GLY A 1 72  ? 6.685   -10.112 14.644  1.00 14.71 ? 159 GLY A CA  1 
ATOM   589  C  C   . GLY A 1 72  ? 7.446   -10.112 13.329  1.00 15.08 ? 159 GLY A C   1 
ATOM   590  O  O   . GLY A 1 72  ? 6.831   -9.984  12.259  1.00 15.21 ? 159 GLY A O   1 
ATOM   591  N  N   . PRO A 1 73  ? 8.782   -10.210 13.360  1.00 15.89 ? 160 PRO A N   1 
ATOM   592  C  CA  . PRO A 1 73  ? 9.608   -10.215 12.148  1.00 15.51 ? 160 PRO A CA  1 
ATOM   593  C  C   . PRO A 1 73  ? 9.213   -11.321 11.167  1.00 15.20 ? 160 PRO A C   1 
ATOM   594  O  O   . PRO A 1 73  ? 8.928   -12.448 11.575  1.00 16.60 ? 160 PRO A O   1 
ATOM   595  C  CB  . PRO A 1 73  ? 11.019  -10.430 12.700  1.00 16.19 ? 160 PRO A CB  1 
ATOM   596  C  CG  . PRO A 1 73  ? 10.945  -9.828  14.072  1.00 16.44 ? 160 PRO A CG  1 
ATOM   597  C  CD  . PRO A 1 73  ? 9.623   -10.334 14.565  1.00 15.43 ? 160 PRO A CD  1 
ATOM   598  N  N   . GLY A 1 74  ? 9.181   -10.990 9.879   1.00 14.43 ? 161 GLY A N   1 
ATOM   599  C  CA  . GLY A 1 74  ? 8.813   -11.965 8.862   1.00 14.40 ? 161 GLY A CA  1 
ATOM   600  C  C   . GLY A 1 74  ? 7.322   -12.242 8.745   1.00 13.59 ? 161 GLY A C   1 
ATOM   601  O  O   . GLY A 1 74  ? 6.493   -11.504 9.306   1.00 12.66 ? 161 GLY A O   1 
ATOM   602  N  N   . ASN A 1 75  ? 6.990   -13.314 8.024   1.00 14.04 ? 162 ASN A N   1 
ATOM   603  C  CA  . ASN A 1 75  ? 5.607   -13.738 7.790   1.00 14.43 ? 162 ASN A CA  1 
ATOM   604  C  C   . ASN A 1 75  ? 4.786   -12.584 7.200   1.00 12.87 ? 162 ASN A C   1 
ATOM   605  O  O   . ASN A 1 75  ? 5.172   -12.043 6.164   1.00 14.09 ? 162 ASN A O   1 
ATOM   606  C  CB  . ASN A 1 75  ? 4.987   -14.310 9.072   1.00 15.09 ? 162 ASN A CB  1 
ATOM   607  C  CG  . ASN A 1 75  ? 5.611   -15.638 9.483   1.00 18.25 ? 162 ASN A CG  1 
ATOM   608  O  OD1 . ASN A 1 75  ? 5.939   -15.846 10.650  1.00 23.00 ? 162 ASN A OD1 1 
ATOM   609  N  ND2 . ASN A 1 75  ? 5.776   -16.538 8.528   1.00 17.50 ? 162 ASN A ND2 1 
ATOM   610  N  N   . VAL A 1 76  ? 3.678   -12.199 7.832   1.00 11.52 ? 163 VAL A N   1 
ATOM   611  C  CA  . VAL A 1 76  ? 2.863   -11.089 7.325   1.00 11.61 ? 163 VAL A CA  1 
ATOM   612  C  C   . VAL A 1 76  ? 3.641   -9.766  7.456   1.00 11.27 ? 163 VAL A C   1 
ATOM   613  O  O   . VAL A 1 76  ? 4.120   -9.414  8.551   1.00 12.14 ? 163 VAL A O   1 
ATOM   614  C  CB  . VAL A 1 76  ? 1.507   -10.989 8.070   1.00 10.37 ? 163 VAL A CB  1 
ATOM   615  C  CG1 . VAL A 1 76  ? 0.727   -9.766  7.602   1.00 11.74 ? 163 VAL A CG1 1 
ATOM   616  C  CG2 . VAL A 1 76  ? 0.688   -12.244 7.828   1.00 11.66 ? 163 VAL A CG2 1 
ATOM   617  N  N   . LEU A 1 77  ? 3.799   -9.064  6.338   1.00 10.20 ? 164 LEU A N   1 
ATOM   618  C  CA  . LEU A 1 77  ? 4.532   -7.802  6.297   1.00 10.79 ? 164 LEU A CA  1 
ATOM   619  C  C   . LEU A 1 77  ? 3.640   -6.584  6.517   1.00 11.67 ? 164 LEU A C   1 
ATOM   620  O  O   . LEU A 1 77  ? 4.089   -5.561  7.032   1.00 11.66 ? 164 LEU A O   1 
ATOM   621  C  CB  . LEU A 1 77  ? 5.251   -7.654  4.954   1.00 10.91 ? 164 LEU A CB  1 
ATOM   622  C  CG  . LEU A 1 77  ? 6.199   -8.777  4.531   1.00 12.51 ? 164 LEU A CG  1 
ATOM   623  C  CD1 . LEU A 1 77  ? 6.794   -8.450  3.174   1.00 13.51 ? 164 LEU A CD1 1 
ATOM   624  C  CD2 . LEU A 1 77  ? 7.294   -8.959  5.564   1.00 13.95 ? 164 LEU A CD2 1 
ATOM   625  N  N   . ALA A 1 78  ? 2.381   -6.701  6.125   1.00 11.00 ? 165 ALA A N   1 
ATOM   626  C  CA  . ALA A 1 78  ? 1.429   -5.607  6.255   1.00 11.07 ? 165 ALA A CA  1 
ATOM   627  C  C   . ALA A 1 78  ? 0.055   -6.125  5.863   1.00 11.72 ? 165 ALA A C   1 
ATOM   628  O  O   . ALA A 1 78  ? -0.078  -7.267  5.413   1.00 11.32 ? 165 ALA A O   1 
ATOM   629  C  CB  . ALA A 1 78  ? 1.834   -4.465  5.317   1.00 11.57 ? 165 ALA A CB  1 
ATOM   630  N  N   . HIS A 1 79  ? -0.971  -5.306  6.083   1.00 11.52 ? 166 HIS A N   1 
ATOM   631  C  CA  . HIS A 1 79  ? -2.329  -5.658  5.685   1.00 10.90 ? 166 HIS A CA  1 
ATOM   632  C  C   . HIS A 1 79  ? -3.140  -4.409  5.380   1.00 10.38 ? 166 HIS A C   1 
ATOM   633  O  O   . HIS A 1 79  ? -2.921  -3.357  5.979   1.00 10.54 ? 166 HIS A O   1 
ATOM   634  C  CB  . HIS A 1 79  ? -3.045  -6.615  6.674   1.00 11.51 ? 166 HIS A CB  1 
ATOM   635  C  CG  . HIS A 1 79  ? -3.181  -6.113  8.085   1.00 11.81 ? 166 HIS A CG  1 
ATOM   636  N  ND1 . HIS A 1 79  ? -2.989  -6.909  9.194   1.00 11.27 ? 166 HIS A ND1 1 
ATOM   637  C  CD2 . HIS A 1 79  ? -3.575  -4.906  8.570   1.00 11.50 ? 166 HIS A CD2 1 
ATOM   638  C  CE1 . HIS A 1 79  ? -3.268  -6.194  10.289  1.00 12.12 ? 166 HIS A CE1 1 
ATOM   639  N  NE2 . HIS A 1 79  ? -3.633  -4.959  9.984   1.00 13.32 ? 166 HIS A NE2 1 
ATOM   640  N  N   . ALA A 1 80  ? -4.007  -4.505  4.382   1.00 11.62 ? 167 ALA A N   1 
ATOM   641  C  CA  . ALA A 1 80  ? -4.836  -3.379  3.983   1.00 11.25 ? 167 ALA A CA  1 
ATOM   642  C  C   . ALA A 1 80  ? -6.261  -3.854  3.786   1.00 12.03 ? 167 ALA A C   1 
ATOM   643  O  O   . ALA A 1 80  ? -6.497  -4.999  3.400   1.00 12.54 ? 167 ALA A O   1 
ATOM   644  C  CB  . ALA A 1 80  ? -4.300  -2.743  2.706   1.00 10.94 ? 167 ALA A CB  1 
ATOM   645  N  N   . TYR A 1 81  ? -7.207  -2.964  4.052   1.00 11.64 ? 168 TYR A N   1 
ATOM   646  C  CA  . TYR A 1 81  ? -8.621  -3.276  3.932   1.00 12.16 ? 168 TYR A CA  1 
ATOM   647  C  C   . TYR A 1 81  ? -9.239  -2.748  2.643   1.00 11.92 ? 168 TYR A C   1 
ATOM   648  O  O   . TYR A 1 81  ? -8.859  -1.688  2.144   1.00 12.91 ? 168 TYR A O   1 
ATOM   649  C  CB  . TYR A 1 81  ? -9.374  -2.718  5.141   1.00 12.22 ? 168 TYR A CB  1 
ATOM   650  C  CG  . TYR A 1 81  ? -8.909  -3.292  6.463   1.00 12.89 ? 168 TYR A CG  1 
ATOM   651  C  CD1 . TYR A 1 81  ? -7.864  -2.702  7.177   1.00 11.79 ? 168 TYR A CD1 1 
ATOM   652  C  CD2 . TYR A 1 81  ? -9.523  -4.421  7.006   1.00 13.24 ? 168 TYR A CD2 1 
ATOM   653  C  CE1 . TYR A 1 81  ? -7.448  -3.221  8.405   1.00 12.46 ? 168 TYR A CE1 1 
ATOM   654  C  CE2 . TYR A 1 81  ? -9.113  -4.947  8.234   1.00 15.52 ? 168 TYR A CE2 1 
ATOM   655  C  CZ  . TYR A 1 81  ? -8.076  -4.341  8.926   1.00 13.35 ? 168 TYR A CZ  1 
ATOM   656  O  OH  . TYR A 1 81  ? -7.684  -4.850  10.141  1.00 13.42 ? 168 TYR A OH  1 
ATOM   657  N  N   . ALA A 1 82  ? -10.201 -3.496  2.117   1.00 13.22 ? 169 ALA A N   1 
ATOM   658  C  CA  . ALA A 1 82  ? -10.899 -3.127  0.890   1.00 13.98 ? 169 ALA A CA  1 
ATOM   659  C  C   . ALA A 1 82  ? -11.665 -1.812  1.082   1.00 14.83 ? 169 ALA A C   1 
ATOM   660  O  O   . ALA A 1 82  ? -11.920 -1.394  2.219   1.00 14.93 ? 169 ALA A O   1 
ATOM   661  C  CB  . ALA A 1 82  ? -11.853 -4.251  0.484   1.00 13.60 ? 169 ALA A CB  1 
ATOM   662  N  N   . PRO A 1 83  ? -12.045 -1.146  -0.022  1.00 15.19 ? 170 PRO A N   1 
ATOM   663  C  CA  . PRO A 1 83  ? -12.781 0.124   0.020   1.00 16.08 ? 170 PRO A CA  1 
ATOM   664  C  C   . PRO A 1 83  ? -14.003 0.122   0.930   1.00 15.45 ? 170 PRO A C   1 
ATOM   665  O  O   . PRO A 1 83  ? -14.709 -0.883  1.049   1.00 16.47 ? 170 PRO A O   1 
ATOM   666  C  CB  . PRO A 1 83  ? -13.182 0.332   -1.439  1.00 16.34 ? 170 PRO A CB  1 
ATOM   667  C  CG  . PRO A 1 83  ? -12.041 -0.280  -2.185  1.00 15.74 ? 170 PRO A CG  1 
ATOM   668  C  CD  . PRO A 1 83  ? -11.799 -1.559  -1.417  1.00 14.98 ? 170 PRO A CD  1 
ATOM   669  N  N   . GLY A 1 84  ? -14.251 1.271   1.550   1.00 17.52 ? 171 GLY A N   1 
ATOM   670  C  CA  . GLY A 1 84  ? -15.383 1.431   2.446   1.00 17.10 ? 171 GLY A CA  1 
ATOM   671  C  C   . GLY A 1 84  ? -15.071 2.451   3.527   1.00 17.47 ? 171 GLY A C   1 
ATOM   672  O  O   . GLY A 1 84  ? -13.970 3.004   3.546   1.00 17.31 ? 171 GLY A O   1 
ATOM   673  N  N   . PRO A 1 85  ? -16.024 2.746   4.425   1.00 19.06 ? 172 PRO A N   1 
ATOM   674  C  CA  . PRO A 1 85  ? -15.832 3.715   5.512   1.00 18.17 ? 172 PRO A CA  1 
ATOM   675  C  C   . PRO A 1 85  ? -15.056 3.138   6.691   1.00 17.09 ? 172 PRO A C   1 
ATOM   676  O  O   . PRO A 1 85  ? -14.801 1.932   6.754   1.00 17.34 ? 172 PRO A O   1 
ATOM   677  C  CB  . PRO A 1 85  ? -17.266 4.049   5.917   1.00 19.48 ? 172 PRO A CB  1 
ATOM   678  C  CG  . PRO A 1 85  ? -17.960 2.734   5.735   1.00 19.81 ? 172 PRO A CG  1 
ATOM   679  C  CD  . PRO A 1 85  ? -17.417 2.262   4.396   1.00 19.87 ? 172 PRO A CD  1 
ATOM   680  N  N   . GLY A 1 86  ? -14.668 4.011   7.614   1.00 16.36 ? 173 GLY A N   1 
ATOM   681  C  CA  . GLY A 1 86  ? -13.944 3.586   8.795   1.00 16.78 ? 173 GLY A CA  1 
ATOM   682  C  C   . GLY A 1 86  ? -12.611 2.923   8.517   1.00 16.44 ? 173 GLY A C   1 
ATOM   683  O  O   . GLY A 1 86  ? -11.777 3.453   7.769   1.00 17.10 ? 173 GLY A O   1 
ATOM   684  N  N   . ILE A 1 87  ? -12.407 1.752   9.107   1.00 15.90 ? 174 ILE A N   1 
ATOM   685  C  CA  . ILE A 1 87  ? -11.161 1.019   8.928   1.00 16.13 ? 174 ILE A CA  1 
ATOM   686  C  C   . ILE A 1 87  ? -10.957 0.560   7.478   1.00 15.32 ? 174 ILE A C   1 
ATOM   687  O  O   . ILE A 1 87  ? -9.828  0.349   7.037   1.00 14.50 ? 174 ILE A O   1 
ATOM   688  C  CB  . ILE A 1 87  ? -11.067 -0.183  9.898   1.00 15.88 ? 174 ILE A CB  1 
ATOM   689  C  CG1 . ILE A 1 87  ? -9.622  -0.679  9.968   1.00 17.07 ? 174 ILE A CG1 1 
ATOM   690  C  CG2 . ILE A 1 87  ? -12.009 -1.297  9.463   1.00 16.67 ? 174 ILE A CG2 1 
ATOM   691  C  CD1 . ILE A 1 87  ? -9.403  -1.797  10.954  1.00 18.75 ? 174 ILE A CD1 1 
ATOM   692  N  N   . ASN A 1 88  ? -12.041 0.436   6.722   1.00 14.11 ? 175 ASN A N   1 
ATOM   693  C  CA  . ASN A 1 88  ? -11.919 0.016   5.338   1.00 14.49 ? 175 ASN A CA  1 
ATOM   694  C  C   . ASN A 1 88  ? -11.082 1.018   4.548   1.00 13.56 ? 175 ASN A C   1 
ATOM   695  O  O   . ASN A 1 88  ? -11.145 2.234   4.789   1.00 13.23 ? 175 ASN A O   1 
ATOM   696  C  CB  . ASN A 1 88  ? -13.295 -0.195  4.718   1.00 15.88 ? 175 ASN A CB  1 
ATOM   697  C  CG  . ASN A 1 88  ? -13.958 -1.468  5.210   1.00 19.68 ? 175 ASN A CG  1 
ATOM   698  O  OD1 . ASN A 1 88  ? -14.675 -1.466  6.211   1.00 22.34 ? 175 ASN A OD1 1 
ATOM   699  N  ND2 . ASN A 1 88  ? -13.697 -2.571  4.522   1.00 23.27 ? 175 ASN A ND2 1 
ATOM   700  N  N   . GLY A 1 89  ? -10.227 0.498   3.676   1.00 11.91 ? 176 GLY A N   1 
ATOM   701  C  CA  . GLY A 1 89  ? -9.355  1.346   2.887   1.00 12.12 ? 176 GLY A CA  1 
ATOM   702  C  C   . GLY A 1 89  ? -8.030  1.630   3.579   1.00 11.96 ? 176 GLY A C   1 
ATOM   703  O  O   . GLY A 1 89  ? -7.093  2.090   2.935   1.00 12.48 ? 176 GLY A O   1 
ATOM   704  N  N   . ASP A 1 90  ? -7.941  1.358   4.879   1.00 11.96 ? 177 ASP A N   1 
ATOM   705  C  CA  . ASP A 1 90  ? -6.714  1.612   5.639   1.00 12.32 ? 177 ASP A CA  1 
ATOM   706  C  C   . ASP A 1 90  ? -5.609  0.591   5.359   1.00 12.00 ? 177 ASP A C   1 
ATOM   707  O  O   . ASP A 1 90  ? -5.882  -0.545  4.959   1.00 12.39 ? 177 ASP A O   1 
ATOM   708  C  CB  . ASP A 1 90  ? -7.001  1.678   7.145   1.00 10.94 ? 177 ASP A CB  1 
ATOM   709  C  CG  . ASP A 1 90  ? -7.927  2.830   7.522   1.00 12.11 ? 177 ASP A CG  1 
ATOM   710  O  OD1 . ASP A 1 90  ? -8.294  3.635   6.644   1.00 13.45 ? 177 ASP A OD1 1 
ATOM   711  O  OD2 . ASP A 1 90  ? -8.283  2.940   8.708   1.00 13.77 ? 177 ASP A OD2 1 
ATOM   712  N  N   . ALA A 1 91  ? -4.366  1.015   5.558   1.00 11.38 ? 178 ALA A N   1 
ATOM   713  C  CA  . ALA A 1 91  ? -3.200  0.170   5.324   1.00 12.07 ? 178 ALA A CA  1 
ATOM   714  C  C   . ALA A 1 91  ? -2.281  0.231   6.538   1.00 12.30 ? 178 ALA A C   1 
ATOM   715  O  O   . ALA A 1 91  ? -1.876  1.318   6.963   1.00 13.22 ? 178 ALA A O   1 
ATOM   716  C  CB  . ALA A 1 91  ? -2.454  0.639   4.073   1.00 12.58 ? 178 ALA A CB  1 
ATOM   717  N  N   . HIS A 1 92  ? -1.980  -0.932  7.108   1.00 12.14 ? 179 HIS A N   1 
ATOM   718  C  CA  . HIS A 1 92  ? -1.112  -1.025  8.281   1.00 11.35 ? 179 HIS A CA  1 
ATOM   719  C  C   . HIS A 1 92  ? 0.146   -1.779  7.894   1.00 11.02 ? 179 HIS A C   1 
ATOM   720  O  O   . HIS A 1 92  ? 0.071   -2.806  7.218   1.00 11.27 ? 179 HIS A O   1 
ATOM   721  C  CB  . HIS A 1 92  ? -1.814  -1.774  9.423   1.00 11.20 ? 179 HIS A CB  1 
ATOM   722  C  CG  . HIS A 1 92  ? -3.133  -1.188  9.817   1.00 12.36 ? 179 HIS A CG  1 
ATOM   723  N  ND1 . HIS A 1 92  ? -4.077  -1.925  10.496  1.00 13.71 ? 179 HIS A ND1 1 
ATOM   724  C  CD2 . HIS A 1 92  ? -3.622  0.057   9.582   1.00 11.37 ? 179 HIS A CD2 1 
ATOM   725  C  CE1 . HIS A 1 92  ? -5.110  -1.113  10.654  1.00 13.13 ? 179 HIS A CE1 1 
ATOM   726  N  NE2 . HIS A 1 92  ? -4.879  0.091   10.118  1.00 12.76 ? 179 HIS A NE2 1 
ATOM   727  N  N   . PHE A 1 93  ? 1.293   -1.271  8.334   1.00 10.95 ? 180 PHE A N   1 
ATOM   728  C  CA  . PHE A 1 93  ? 2.583   -1.883  8.049   1.00 11.12 ? 180 PHE A CA  1 
ATOM   729  C  C   . PHE A 1 93  ? 3.195   -2.417  9.337   1.00 12.04 ? 180 PHE A C   1 
ATOM   730  O  O   . PHE A 1 93  ? 3.224   -1.713  10.354  1.00 12.01 ? 180 PHE A O   1 
ATOM   731  C  CB  . PHE A 1 93  ? 3.522   -0.860  7.402   1.00 11.58 ? 180 PHE A CB  1 
ATOM   732  C  CG  . PHE A 1 93  ? 3.051   -0.376  6.060   1.00 12.47 ? 180 PHE A CG  1 
ATOM   733  C  CD1 . PHE A 1 93  ? 2.099   0.633   5.966   1.00 13.84 ? 180 PHE A CD1 1 
ATOM   734  C  CD2 . PHE A 1 93  ? 3.533   -0.956  4.891   1.00 12.23 ? 180 PHE A CD2 1 
ATOM   735  C  CE1 . PHE A 1 93  ? 1.630   1.054   4.728   1.00 13.55 ? 180 PHE A CE1 1 
ATOM   736  C  CE2 . PHE A 1 93  ? 3.073   -0.542  3.650   1.00 11.47 ? 180 PHE A CE2 1 
ATOM   737  C  CZ  . PHE A 1 93  ? 2.119   0.464   3.569   1.00 14.81 ? 180 PHE A CZ  1 
ATOM   738  N  N   . ASP A 1 94  ? 3.661   -3.664  9.299   1.00 11.17 ? 181 ASP A N   1 
ATOM   739  C  CA  . ASP A 1 94  ? 4.263   -4.289  10.470  1.00 10.84 ? 181 ASP A CA  1 
ATOM   740  C  C   . ASP A 1 94  ? 5.629   -3.668  10.751  1.00 11.09 ? 181 ASP A C   1 
ATOM   741  O  O   . ASP A 1 94  ? 6.590   -3.892  10.012  1.00 10.69 ? 181 ASP A O   1 
ATOM   742  C  CB  . ASP A 1 94  ? 4.407   -5.801  10.258  1.00 11.16 ? 181 ASP A CB  1 
ATOM   743  C  CG  . ASP A 1 94  ? 4.728   -6.553  11.546  1.00 10.89 ? 181 ASP A CG  1 
ATOM   744  O  OD1 . ASP A 1 94  ? 5.161   -5.939  12.540  1.00 11.57 ? 181 ASP A OD1 1 
ATOM   745  O  OD2 . ASP A 1 94  ? 4.524   -7.778  11.570  1.00 12.28 ? 181 ASP A OD2 1 
ATOM   746  N  N   . ASP A 1 95  ? 5.731   -2.913  11.839  1.00 11.96 ? 182 ASP A N   1 
ATOM   747  C  CA  . ASP A 1 95  ? 6.993   -2.279  12.160  1.00 13.02 ? 182 ASP A CA  1 
ATOM   748  C  C   . ASP A 1 95  ? 8.035   -3.229  12.742  1.00 13.69 ? 182 ASP A C   1 
ATOM   749  O  O   . ASP A 1 95  ? 9.153   -2.810  13.039  1.00 13.49 ? 182 ASP A O   1 
ATOM   750  C  CB  . ASP A 1 95  ? 6.808   -1.032  13.028  1.00 11.34 ? 182 ASP A CB  1 
ATOM   751  C  CG  . ASP A 1 95  ? 7.762   0.095   12.643  1.00 11.71 ? 182 ASP A CG  1 
ATOM   752  O  OD1 . ASP A 1 95  ? 8.679   -0.128  11.819  1.00 12.92 ? 182 ASP A OD1 1 
ATOM   753  O  OD2 . ASP A 1 95  ? 7.597   1.214   13.161  1.00 15.17 ? 182 ASP A OD2 1 
ATOM   754  N  N   . ASP A 1 96  ? 7.690   -4.498  12.918  1.00 13.20 ? 183 ASP A N   1 
ATOM   755  C  CA  . ASP A 1 96  ? 8.694   -5.438  13.385  1.00 13.90 ? 183 ASP A CA  1 
ATOM   756  C  C   . ASP A 1 96  ? 9.564   -5.814  12.180  1.00 14.24 ? 183 ASP A C   1 
ATOM   757  O  O   . ASP A 1 96  ? 10.548  -6.540  12.313  1.00 15.14 ? 183 ASP A O   1 
ATOM   758  C  CB  . ASP A 1 96  ? 8.082   -6.656  14.074  1.00 14.87 ? 183 ASP A CB  1 
ATOM   759  C  CG  . ASP A 1 96  ? 7.933   -6.460  15.581  1.00 14.82 ? 183 ASP A CG  1 
ATOM   760  O  OD1 . ASP A 1 96  ? 8.760   -5.743  16.184  1.00 15.40 ? 183 ASP A OD1 1 
ATOM   761  O  OD2 . ASP A 1 96  ? 6.987   -7.022  16.165  1.00 15.69 ? 183 ASP A OD2 1 
ATOM   762  N  N   . GLU A 1 97  ? 9.176   -5.327  10.998  1.00 13.48 ? 184 GLU A N   1 
ATOM   763  C  CA  . GLU A 1 97  ? 9.968   -5.530  9.789   1.00 13.06 ? 184 GLU A CA  1 
ATOM   764  C  C   . GLU A 1 97  ? 10.923  -4.346  9.730   1.00 13.25 ? 184 GLU A C   1 
ATOM   765  O  O   . GLU A 1 97  ? 10.648  -3.282  10.307  1.00 13.39 ? 184 GLU A O   1 
ATOM   766  C  CB  . GLU A 1 97  ? 9.123   -5.458  8.508   1.00 13.66 ? 184 GLU A CB  1 
ATOM   767  C  CG  . GLU A 1 97  ? 7.891   -6.318  8.460   1.00 13.42 ? 184 GLU A CG  1 
ATOM   768  C  CD  . GLU A 1 97  ? 8.141   -7.753  8.860   1.00 15.44 ? 184 GLU A CD  1 
ATOM   769  O  OE1 . GLU A 1 97  ? 9.236   -8.308  8.629   1.00 15.41 ? 184 GLU A OE1 1 
ATOM   770  O  OE2 . GLU A 1 97  ? 7.210   -8.332  9.416   1.00 16.23 ? 184 GLU A OE2 1 
ATOM   771  N  N   . GLN A 1 98  ? 12.033  -4.517  9.026   1.00 14.67 ? 185 GLN A N   1 
ATOM   772  C  CA  . GLN A 1 98  ? 12.993  -3.442  8.855   1.00 14.15 ? 185 GLN A CA  1 
ATOM   773  C  C   . GLN A 1 98  ? 12.701  -2.851  7.477   1.00 13.01 ? 185 GLN A C   1 
ATOM   774  O  O   . GLN A 1 98  ? 13.017  -3.448  6.446   1.00 15.09 ? 185 GLN A O   1 
ATOM   775  C  CB  . GLN A 1 98  ? 14.429  -3.969  8.932   1.00 15.55 ? 185 GLN A CB  1 
ATOM   776  C  CG  . GLN A 1 98  ? 15.498  -2.886  8.747   1.00 20.20 ? 185 GLN A CG  1 
ATOM   777  C  CD  . GLN A 1 98  ? 15.471  -1.805  9.826   1.00 22.60 ? 185 GLN A CD  1 
ATOM   778  O  OE1 . GLN A 1 98  ? 14.933  -2.006  10.917  1.00 26.21 ? 185 GLN A OE1 1 
ATOM   779  N  NE2 . GLN A 1 98  ? 16.054  -0.650  9.519   1.00 25.09 ? 185 GLN A NE2 1 
ATOM   780  N  N   . TRP A 1 99  ? 12.010  -1.719  7.476   1.00 12.85 ? 186 TRP A N   1 
ATOM   781  C  CA  . TRP A 1 99  ? 11.637  -1.033  6.250   1.00 13.67 ? 186 TRP A CA  1 
ATOM   782  C  C   . TRP A 1 99  ? 12.816  -0.282  5.656   1.00 15.02 ? 186 TRP A C   1 
ATOM   783  O  O   . TRP A 1 99  ? 13.516  0.455   6.359   1.00 15.60 ? 186 TRP A O   1 
ATOM   784  C  CB  . TRP A 1 99  ? 10.456  -0.094  6.517   1.00 12.28 ? 186 TRP A CB  1 
ATOM   785  C  CG  . TRP A 1 99  ? 9.248   -0.853  6.941   1.00 11.58 ? 186 TRP A CG  1 
ATOM   786  C  CD1 . TRP A 1 99  ? 8.755   -0.975  8.209   1.00 11.47 ? 186 TRP A CD1 1 
ATOM   787  C  CD2 . TRP A 1 99  ? 8.439   -1.693  6.113   1.00 12.62 ? 186 TRP A CD2 1 
ATOM   788  N  NE1 . TRP A 1 99  ? 7.698   -1.853  8.222   1.00 12.17 ? 186 TRP A NE1 1 
ATOM   789  C  CE2 . TRP A 1 99  ? 7.482   -2.311  6.947   1.00 12.04 ? 186 TRP A CE2 1 
ATOM   790  C  CE3 . TRP A 1 99  ? 8.435   -1.993  4.742   1.00 12.67 ? 186 TRP A CE3 1 
ATOM   791  C  CZ2 . TRP A 1 99  ? 6.528   -3.210  6.464   1.00 12.13 ? 186 TRP A CZ2 1 
ATOM   792  C  CZ3 . TRP A 1 99  ? 7.485   -2.886  4.257   1.00 13.97 ? 186 TRP A CZ3 1 
ATOM   793  C  CH2 . TRP A 1 99  ? 6.544   -3.486  5.120   1.00 14.02 ? 186 TRP A CH2 1 
ATOM   794  N  N   . THR A 1 100 ? 13.034  -0.482  4.363   1.00 15.69 ? 187 THR A N   1 
ATOM   795  C  CA  . THR A 1 100 ? 14.139  0.151   3.665   1.00 18.30 ? 187 THR A CA  1 
ATOM   796  C  C   . THR A 1 100 ? 13.677  0.908   2.429   1.00 18.65 ? 187 THR A C   1 
ATOM   797  O  O   . THR A 1 100 ? 12.528  0.792   1.996   1.00 16.38 ? 187 THR A O   1 
ATOM   798  C  CB  . THR A 1 100 ? 15.164  -0.903  3.201   1.00 18.36 ? 187 THR A CB  1 
ATOM   799  O  OG1 . THR A 1 100 ? 14.527  -1.810  2.295   1.00 20.51 ? 187 THR A OG1 1 
ATOM   800  C  CG2 . THR A 1 100 ? 15.710  -1.683  4.381   1.00 20.13 ? 187 THR A CG2 1 
ATOM   801  N  N   . LYS A 1 101 ? 14.581  1.703   1.873   1.00 23.14 ? 188 LYS A N   1 
ATOM   802  C  CA  . LYS A 1 101 ? 14.285  2.453   0.662   1.00 27.32 ? 188 LYS A CA  1 
ATOM   803  C  C   . LYS A 1 101 ? 15.049  1.860   -0.520  1.00 28.27 ? 188 LYS A C   1 
ATOM   804  O  O   . LYS A 1 101 ? 14.898  2.311   -1.652  1.00 29.93 ? 188 LYS A O   1 
ATOM   805  C  CB  . LYS A 1 101 ? 14.597  3.943   0.834   1.00 30.10 ? 188 LYS A CB  1 
ATOM   806  C  CG  . LYS A 1 101 ? 16.053  4.283   1.096   1.00 35.45 ? 188 LYS A CG  1 
ATOM   807  C  CD  . LYS A 1 101 ? 16.243  5.794   1.086   1.00 40.37 ? 188 LYS A CD  1 
ATOM   808  C  CE  . LYS A 1 101 ? 17.704  6.191   1.238   1.00 44.14 ? 188 LYS A CE  1 
ATOM   809  N  NZ  . LYS A 1 101 ? 17.876  7.672   1.130   1.00 46.60 ? 188 LYS A NZ  1 
ATOM   810  N  N   . ASP A 1 102 ? 15.855  0.836   -0.253  1.00 29.96 ? 189 ASP A N   1 
ATOM   811  C  CA  . ASP A 1 102 ? 16.618  0.171   -1.300  1.00 33.92 ? 189 ASP A CA  1 
ATOM   812  C  C   . ASP A 1 102 ? 16.197  -1.290  -1.497  1.00 35.88 ? 189 ASP A C   1 
ATOM   813  O  O   . ASP A 1 102 ? 15.160  -1.720  -0.992  1.00 36.55 ? 189 ASP A O   1 
ATOM   814  C  CB  . ASP A 1 102 ? 18.134  0.290   -1.062  1.00 35.57 ? 189 ASP A CB  1 
ATOM   815  C  CG  . ASP A 1 102 ? 18.581  -0.271  0.284   1.00 38.05 ? 189 ASP A CG  1 
ATOM   816  O  OD1 . ASP A 1 102 ? 17.916  -1.166  0.846   1.00 39.65 ? 189 ASP A OD1 1 
ATOM   817  O  OD2 . ASP A 1 102 ? 19.634  0.187   0.774   1.00 41.03 ? 189 ASP A OD2 1 
ATOM   818  N  N   . THR A 1 103 ? 17.026  -2.049  -2.202  1.00 38.22 ? 190 THR A N   1 
ATOM   819  C  CA  . THR A 1 103 ? 16.753  -3.447  -2.512  1.00 41.53 ? 190 THR A CA  1 
ATOM   820  C  C   . THR A 1 103 ? 16.875  -4.452  -1.360  1.00 41.94 ? 190 THR A C   1 
ATOM   821  O  O   . THR A 1 103 ? 16.336  -5.560  -1.440  1.00 43.00 ? 190 THR A O   1 
ATOM   822  C  CB  . THR A 1 103 ? 17.641  -3.893  -3.688  1.00 43.06 ? 190 THR A CB  1 
ATOM   823  O  OG1 . THR A 1 103 ? 19.006  -3.547  -3.411  1.00 45.45 ? 190 THR A OG1 1 
ATOM   824  C  CG2 . THR A 1 103 ? 17.209  -3.187  -4.976  1.00 42.61 ? 190 THR A CG2 1 
ATOM   825  N  N   . THR A 1 104 ? 17.600  -4.082  -0.309  1.00 41.27 ? 191 THR A N   1 
ATOM   826  C  CA  . THR A 1 104 ? 17.789  -4.962  0.841   1.00 41.16 ? 191 THR A CA  1 
ATOM   827  C  C   . THR A 1 104 ? 16.597  -4.872  1.790   1.00 38.97 ? 191 THR A C   1 
ATOM   828  O  O   . THR A 1 104 ? 15.737  -4.012  1.627   1.00 39.91 ? 191 THR A O   1 
ATOM   829  C  CB  . THR A 1 104 ? 19.069  -4.589  1.619   1.00 42.96 ? 191 THR A CB  1 
ATOM   830  O  OG1 . THR A 1 104 ? 18.915  -3.289  2.212   1.00 43.16 ? 191 THR A OG1 1 
ATOM   831  C  CG2 . THR A 1 104 ? 20.277  -4.578  0.681   1.00 43.94 ? 191 THR A CG2 1 
ATOM   832  N  N   . GLY A 1 105 ? 16.560  -5.748  2.789   1.00 36.39 ? 192 GLY A N   1 
ATOM   833  C  CA  . GLY A 1 105 ? 15.470  -5.732  3.747   1.00 31.83 ? 192 GLY A CA  1 
ATOM   834  C  C   . GLY A 1 105 ? 14.104  -5.782  3.095   1.00 27.63 ? 192 GLY A C   1 
ATOM   835  O  O   . GLY A 1 105 ? 13.901  -6.481  2.101   1.00 28.69 ? 192 GLY A O   1 
ATOM   836  N  N   . THR A 1 106 ? 13.164  -5.042  3.666   1.00 23.79 ? 193 THR A N   1 
ATOM   837  C  CA  . THR A 1 106 ? 11.808  -4.992  3.150   1.00 19.78 ? 193 THR A CA  1 
ATOM   838  C  C   . THR A 1 106 ? 11.568  -3.589  2.608   1.00 16.95 ? 193 THR A C   1 
ATOM   839  O  O   . THR A 1 106 ? 11.448  -2.631  3.371   1.00 16.44 ? 193 THR A O   1 
ATOM   840  C  CB  . THR A 1 106 ? 10.793  -5.308  4.264   1.00 19.98 ? 193 THR A CB  1 
ATOM   841  O  OG1 . THR A 1 106 ? 11.249  -6.445  5.009   1.00 21.68 ? 193 THR A OG1 1 
ATOM   842  C  CG2 . THR A 1 106 ? 9.428   -5.629  3.665   1.00 20.22 ? 193 THR A CG2 1 
ATOM   843  N  N   . ASN A 1 107 ? 11.522  -3.476  1.285   1.00 15.50 ? 194 ASN A N   1 
ATOM   844  C  CA  . ASN A 1 107 ? 11.319  -2.190  0.630   1.00 13.21 ? 194 ASN A CA  1 
ATOM   845  C  C   . ASN A 1 107 ? 9.917   -1.620  0.861   1.00 12.67 ? 194 ASN A C   1 
ATOM   846  O  O   . ASN A 1 107 ? 8.912   -2.224  0.470   1.00 11.77 ? 194 ASN A O   1 
ATOM   847  C  CB  . ASN A 1 107 ? 11.613  -2.311  -0.862  1.00 13.37 ? 194 ASN A CB  1 
ATOM   848  C  CG  . ASN A 1 107 ? 11.566  -0.982  -1.563  1.00 13.90 ? 194 ASN A CG  1 
ATOM   849  O  OD1 . ASN A 1 107 ? 10.508  -0.539  -1.999  1.00 16.20 ? 194 ASN A OD1 1 
ATOM   850  N  ND2 . ASN A 1 107 ? 12.706  -0.320  -1.653  1.00 14.26 ? 194 ASN A ND2 1 
ATOM   851  N  N   . LEU A 1 108 ? 9.863   -0.444  1.480   1.00 12.17 ? 195 LEU A N   1 
ATOM   852  C  CA  . LEU A 1 108 ? 8.591   0.211   1.795   1.00 12.51 ? 195 LEU A CA  1 
ATOM   853  C  C   . LEU A 1 108 ? 7.740   0.577   0.585   1.00 10.59 ? 195 LEU A C   1 
ATOM   854  O  O   . LEU A 1 108 ? 6.539   0.335   0.581   1.00 11.26 ? 195 LEU A O   1 
ATOM   855  C  CB  . LEU A 1 108 ? 8.824   1.454   2.661   1.00 12.72 ? 195 LEU A CB  1 
ATOM   856  C  CG  . LEU A 1 108 ? 7.580   2.225   3.121   1.00 11.64 ? 195 LEU A CG  1 
ATOM   857  C  CD1 . LEU A 1 108 ? 6.589   1.297   3.809   1.00 12.36 ? 195 LEU A CD1 1 
ATOM   858  C  CD2 . LEU A 1 108 ? 8.003   3.342   4.058   1.00 13.43 ? 195 LEU A CD2 1 
ATOM   859  N  N   . PHE A 1 109 ? 8.359   1.174   -0.427  1.00 11.56 ? 196 PHE A N   1 
ATOM   860  C  CA  . PHE A 1 109 ? 7.645   1.571   -1.639  1.00 12.50 ? 196 PHE A CA  1 
ATOM   861  C  C   . PHE A 1 109 ? 6.932   0.389   -2.299  1.00 11.99 ? 196 PHE A C   1 
ATOM   862  O  O   . PHE A 1 109 ? 5.747   0.479   -2.626  1.00 11.76 ? 196 PHE A O   1 
ATOM   863  C  CB  . PHE A 1 109 ? 8.605   2.236   -2.630  1.00 12.88 ? 196 PHE A CB  1 
ATOM   864  C  CG  . PHE A 1 109 ? 8.085   2.281   -4.036  1.00 15.22 ? 196 PHE A CG  1 
ATOM   865  C  CD1 . PHE A 1 109 ? 6.998   3.083   -4.364  1.00 14.79 ? 196 PHE A CD1 1 
ATOM   866  C  CD2 . PHE A 1 109 ? 8.658   1.487   -5.027  1.00 17.36 ? 196 PHE A CD2 1 
ATOM   867  C  CE1 . PHE A 1 109 ? 6.488   3.091   -5.655  1.00 15.96 ? 196 PHE A CE1 1 
ATOM   868  C  CE2 . PHE A 1 109 ? 8.152   1.488   -6.327  1.00 16.96 ? 196 PHE A CE2 1 
ATOM   869  C  CZ  . PHE A 1 109 ? 7.064   2.291   -6.638  1.00 17.68 ? 196 PHE A CZ  1 
ATOM   870  N  N   . LEU A 1 110 ? 7.652   -0.713  -2.482  1.00 12.35 ? 197 LEU A N   1 
ATOM   871  C  CA  . LEU A 1 110 ? 7.084   -1.904  -3.106  1.00 12.93 ? 197 LEU A CA  1 
ATOM   872  C  C   . LEU A 1 110 ? 5.886   -2.436  -2.333  1.00 11.18 ? 197 LEU A C   1 
ATOM   873  O  O   . LEU A 1 110 ? 4.825   -2.677  -2.909  1.00 11.37 ? 197 LEU A O   1 
ATOM   874  C  CB  . LEU A 1 110 ? 8.146   -2.997  -3.260  1.00 13.22 ? 197 LEU A CB  1 
ATOM   875  C  CG  . LEU A 1 110 ? 9.276   -2.650  -4.231  1.00 16.12 ? 197 LEU A CG  1 
ATOM   876  C  CD1 . LEU A 1 110 ? 10.344  -3.739  -4.220  1.00 15.50 ? 197 LEU A CD1 1 
ATOM   877  C  CD2 . LEU A 1 110 ? 8.708   -2.449  -5.629  1.00 16.03 ? 197 LEU A CD2 1 
ATOM   878  N  N   . VAL A 1 111 ? 6.043   -2.603  -1.027  1.00 10.05 ? 198 VAL A N   1 
ATOM   879  C  CA  . VAL A 1 111 ? 4.944   -3.103  -0.218  1.00 10.25 ? 198 VAL A CA  1 
ATOM   880  C  C   . VAL A 1 111 ? 3.796   -2.093  -0.173  1.00 10.48 ? 198 VAL A C   1 
ATOM   881  O  O   . VAL A 1 111 ? 2.633   -2.477  -0.287  1.00 10.49 ? 198 VAL A O   1 
ATOM   882  C  CB  . VAL A 1 111 ? 5.405   -3.479  1.208   1.00 9.95  ? 198 VAL A CB  1 
ATOM   883  C  CG1 . VAL A 1 111 ? 4.233   -4.027  2.016   1.00 9.29  ? 198 VAL A CG1 1 
ATOM   884  C  CG2 . VAL A 1 111 ? 6.524   -4.520  1.138   1.00 8.34  ? 198 VAL A CG2 1 
ATOM   885  N  N   . ALA A 1 112 ? 4.121   -0.806  -0.060  1.00 10.18 ? 199 ALA A N   1 
ATOM   886  C  CA  . ALA A 1 112 ? 3.102   0.238   -0.014  1.00 10.02 ? 199 ALA A CA  1 
ATOM   887  C  C   . ALA A 1 112 ? 2.265   0.249   -1.294  1.00 10.16 ? 199 ALA A C   1 
ATOM   888  O  O   . ALA A 1 112 ? 1.047   0.394   -1.237  1.00 10.78 ? 199 ALA A O   1 
ATOM   889  C  CB  . ALA A 1 112 ? 3.736   1.608   0.227   1.00 10.21 ? 199 ALA A CB  1 
ATOM   890  N  N   . ALA A 1 113 ? 2.915   0.088   -2.443  1.00 10.04 ? 200 ALA A N   1 
ATOM   891  C  CA  . ALA A 1 113 ? 2.211   0.067   -3.726  1.00 10.29 ? 200 ALA A CA  1 
ATOM   892  C  C   . ALA A 1 113 ? 1.219   -1.106  -3.775  1.00 9.89  ? 200 ALA A C   1 
ATOM   893  O  O   . ALA A 1 113 ? 0.079   -0.955  -4.219  1.00 9.82  ? 200 ALA A O   1 
ATOM   894  C  CB  . ALA A 1 113 ? 3.216   -0.027  -4.878  1.00 11.91 ? 200 ALA A CB  1 
ATOM   895  N  N   . HIS A 1 114 ? 1.659   -2.264  -3.296  1.00 9.97  ? 201 HIS A N   1 
ATOM   896  C  CA  . HIS A 1 114 ? 0.827   -3.464  -3.248  1.00 9.82  ? 201 HIS A CA  1 
ATOM   897  C  C   . HIS A 1 114 ? -0.368  -3.231  -2.319  1.00 9.46  ? 201 HIS A C   1 
ATOM   898  O  O   . HIS A 1 114 ? -1.512  -3.473  -2.707  1.00 9.68  ? 201 HIS A O   1 
ATOM   899  C  CB  . HIS A 1 114 ? 1.665   -4.659  -2.763  1.00 10.76 ? 201 HIS A CB  1 
ATOM   900  C  CG  . HIS A 1 114 ? 0.901   -5.947  -2.645  1.00 11.41 ? 201 HIS A CG  1 
ATOM   901  N  ND1 . HIS A 1 114 ? 1.034   -7.005  -3.516  1.00 11.59 ? 201 HIS A ND1 1 
ATOM   902  C  CD2 . HIS A 1 114 ? 0.007   -6.356  -1.709  1.00 11.25 ? 201 HIS A CD2 1 
ATOM   903  C  CE1 . HIS A 1 114 ? 0.238   -8.003  -3.097  1.00 11.02 ? 201 HIS A CE1 1 
ATOM   904  N  NE2 . HIS A 1 114 ? -0.419  -7.670  -1.995  1.00 12.29 ? 201 HIS A NE2 1 
ATOM   905  N  N   . GLU A 1 115 ? -0.105  -2.757  -1.100  1.00 9.52  ? 202 GLU A N   1 
ATOM   906  C  CA  . GLU A 1 115 ? -1.167  -2.500  -0.125  1.00 9.50  ? 202 GLU A CA  1 
ATOM   907  C  C   . GLU A 1 115 ? -2.204  -1.515  -0.652  1.00 9.48  ? 202 GLU A C   1 
ATOM   908  O  O   . GLU A 1 115 ? -3.403  -1.711  -0.457  1.00 10.13 ? 202 GLU A O   1 
ATOM   909  C  CB  . GLU A 1 115 ? -0.599  -1.996  1.213   1.00 9.83  ? 202 GLU A CB  1 
ATOM   910  C  CG  . GLU A 1 115 ? 0.337   -2.967  1.920   1.00 8.92  ? 202 GLU A CG  1 
ATOM   911  C  CD  . GLU A 1 115 ? -0.226  -4.373  2.013   1.00 10.98 ? 202 GLU A CD  1 
ATOM   912  O  OE1 . GLU A 1 115 ? -1.337  -4.542  2.549   1.00 13.48 ? 202 GLU A OE1 1 
ATOM   913  O  OE2 . GLU A 1 115 ? 0.444   -5.311  1.546   1.00 13.44 ? 202 GLU A OE2 1 
ATOM   914  N  N   . ILE A 1 116 ? -1.749  -0.465  -1.329  1.00 10.95 ? 203 ILE A N   1 
ATOM   915  C  CA  . ILE A 1 116 ? -2.667  0.521   -1.893  1.00 11.23 ? 203 ILE A CA  1 
ATOM   916  C  C   . ILE A 1 116 ? -3.557  -0.171  -2.933  1.00 10.04 ? 203 ILE A C   1 
ATOM   917  O  O   . ILE A 1 116 ? -4.738  0.156   -3.058  1.00 10.30 ? 203 ILE A O   1 
ATOM   918  C  CB  . ILE A 1 116 ? -1.915  1.748   -2.504  1.00 11.80 ? 203 ILE A CB  1 
ATOM   919  C  CG1 . ILE A 1 116 ? -1.159  2.510   -1.408  1.00 13.37 ? 203 ILE A CG1 1 
ATOM   920  C  CG2 . ILE A 1 116 ? -2.896  2.695   -3.196  1.00 11.19 ? 203 ILE A CG2 1 
ATOM   921  C  CD1 . ILE A 1 116 ? -2.035  3.047   -0.296  1.00 17.15 ? 203 ILE A CD1 1 
ATOM   922  N  N   . GLY A 1 117 ? -3.001  -1.154  -3.638  1.00 10.50 ? 204 GLY A N   1 
ATOM   923  C  CA  . GLY A 1 117 ? -3.777  -1.904  -4.613  1.00 9.69  ? 204 GLY A CA  1 
ATOM   924  C  C   . GLY A 1 117 ? -4.982  -2.526  -3.927  1.00 9.78  ? 204 GLY A C   1 
ATOM   925  O  O   . GLY A 1 117 ? -6.098  -2.471  -4.444  1.00 9.96  ? 204 GLY A O   1 
ATOM   926  N  N   . HIS A 1 118 ? -4.768  -3.088  -2.737  1.00 10.03 ? 205 HIS A N   1 
ATOM   927  C  CA  . HIS A 1 118 ? -5.847  -3.696  -1.961  1.00 10.16 ? 205 HIS A CA  1 
ATOM   928  C  C   . HIS A 1 118 ? -6.826  -2.625  -1.477  1.00 10.71 ? 205 HIS A C   1 
ATOM   929  O  O   . HIS A 1 118 ? -8.043  -2.832  -1.506  1.00 10.23 ? 205 HIS A O   1 
ATOM   930  C  CB  . HIS A 1 118 ? -5.296  -4.463  -0.753  1.00 10.19 ? 205 HIS A CB  1 
ATOM   931  C  CG  . HIS A 1 118 ? -4.658  -5.776  -1.099  1.00 9.90  ? 205 HIS A CG  1 
ATOM   932  N  ND1 . HIS A 1 118 ? -5.224  -6.719  -1.927  1.00 9.96  ? 205 HIS A ND1 1 
ATOM   933  C  CD2 . HIS A 1 118 ? -3.490  -6.316  -0.678  1.00 10.38 ? 205 HIS A CD2 1 
ATOM   934  C  CE1 . HIS A 1 118 ? -4.409  -7.782  -1.977  1.00 10.16 ? 205 HIS A CE1 1 
ATOM   935  N  NE2 . HIS A 1 118 ? -3.327  -7.599  -1.234  1.00 11.15 ? 205 HIS A NE2 1 
ATOM   936  N  N   . SER A 1 119 ? -6.291  -1.491  -1.023  1.00 11.07 ? 206 SER A N   1 
ATOM   937  C  CA  . SER A 1 119 ? -7.104  -0.373  -0.540  1.00 11.97 ? 206 SER A CA  1 
ATOM   938  C  C   . SER A 1 119 ? -8.026  0.147   -1.639  1.00 11.69 ? 206 SER A C   1 
ATOM   939  O  O   . SER A 1 119 ? -9.074  0.732   -1.354  1.00 12.66 ? 206 SER A O   1 
ATOM   940  C  CB  . SER A 1 119 ? -6.212  0.770   -0.032  1.00 12.11 ? 206 SER A CB  1 
ATOM   941  O  OG  . SER A 1 119 ? -5.458  0.382   1.104   1.00 14.00 ? 206 SER A OG  1 
ATOM   942  N  N   . LEU A 1 120 ? -7.625  -0.061  -2.894  1.00 11.94 ? 207 LEU A N   1 
ATOM   943  C  CA  . LEU A 1 120 ? -8.416  0.364   -4.046  1.00 12.05 ? 207 LEU A CA  1 
ATOM   944  C  C   . LEU A 1 120 ? -9.410  -0.709  -4.509  1.00 12.29 ? 207 LEU A C   1 
ATOM   945  O  O   . LEU A 1 120 ? -10.237 -0.458  -5.380  1.00 12.61 ? 207 LEU A O   1 
ATOM   946  C  CB  . LEU A 1 120 ? -7.502  0.771   -5.200  1.00 10.82 ? 207 LEU A CB  1 
ATOM   947  C  CG  . LEU A 1 120 ? -6.592  1.974   -4.927  1.00 12.07 ? 207 LEU A CG  1 
ATOM   948  C  CD1 . LEU A 1 120 ? -5.765  2.299   -6.163  1.00 13.37 ? 207 LEU A CD1 1 
ATOM   949  C  CD2 . LEU A 1 120 ? -7.427  3.175   -4.507  1.00 14.53 ? 207 LEU A CD2 1 
ATOM   950  N  N   . GLY A 1 121 ? -9.298  -1.912  -3.950  1.00 12.10 ? 208 GLY A N   1 
ATOM   951  C  CA  . GLY A 1 121 ? -10.213 -2.982  -4.304  1.00 12.56 ? 208 GLY A CA  1 
ATOM   952  C  C   . GLY A 1 121 ? -9.654  -4.149  -5.089  1.00 13.55 ? 208 GLY A C   1 
ATOM   953  O  O   . GLY A 1 121 ? -10.411 -5.035  -5.493  1.00 15.89 ? 208 GLY A O   1 
ATOM   954  N  N   . LEU A 1 122 ? -8.343  -4.187  -5.292  1.00 13.51 ? 209 LEU A N   1 
ATOM   955  C  CA  . LEU A 1 122 ? -7.739  -5.276  -6.055  1.00 12.69 ? 209 LEU A CA  1 
ATOM   956  C  C   . LEU A 1 122 ? -7.510  -6.538  -5.248  1.00 12.82 ? 209 LEU A C   1 
ATOM   957  O  O   . LEU A 1 122 ? -7.296  -6.488  -4.044  1.00 12.99 ? 209 LEU A O   1 
ATOM   958  C  CB  . LEU A 1 122 ? -6.398  -4.851  -6.658  1.00 12.91 ? 209 LEU A CB  1 
ATOM   959  C  CG  . LEU A 1 122 ? -6.370  -3.718  -7.682  1.00 12.96 ? 209 LEU A CG  1 
ATOM   960  C  CD1 . LEU A 1 122 ? -4.938  -3.450  -8.106  1.00 13.95 ? 209 LEU A CD1 1 
ATOM   961  C  CD2 . LEU A 1 122 ? -7.221  -4.093  -8.876  1.00 15.44 ? 209 LEU A CD2 1 
ATOM   962  N  N   . PHE A 1 123 ? -7.590  -7.672  -5.930  1.00 14.00 ? 210 PHE A N   1 
ATOM   963  C  CA  . PHE A 1 123 ? -7.319  -8.967  -5.331  1.00 14.75 ? 210 PHE A CA  1 
ATOM   964  C  C   . PHE A 1 123 ? -5.945  -9.334  -5.889  1.00 14.15 ? 210 PHE A C   1 
ATOM   965  O  O   . PHE A 1 123 ? -5.398  -8.603  -6.718  1.00 15.49 ? 210 PHE A O   1 
ATOM   966  C  CB  . PHE A 1 123 ? -8.348  -10.006 -5.787  1.00 17.20 ? 210 PHE A CB  1 
ATOM   967  C  CG  . PHE A 1 123 ? -9.658  -9.930  -5.059  1.00 18.84 ? 210 PHE A CG  1 
ATOM   968  C  CD1 . PHE A 1 123 ? -9.725  -10.188 -3.692  1.00 21.53 ? 210 PHE A CD1 1 
ATOM   969  C  CD2 . PHE A 1 123 ? -10.830 -9.635  -5.741  1.00 20.79 ? 210 PHE A CD2 1 
ATOM   970  C  CE1 . PHE A 1 123 ? -10.947 -10.158 -3.015  1.00 23.35 ? 210 PHE A CE1 1 
ATOM   971  C  CE2 . PHE A 1 123 ? -12.056 -9.602  -5.074  1.00 21.91 ? 210 PHE A CE2 1 
ATOM   972  C  CZ  . PHE A 1 123 ? -12.115 -9.863  -3.709  1.00 22.05 ? 210 PHE A CZ  1 
ATOM   973  N  N   . HIS A 1 124 ? -5.395  -10.460 -5.455  1.00 13.83 ? 211 HIS A N   1 
ATOM   974  C  CA  . HIS A 1 124 ? -4.092  -10.889 -5.942  1.00 13.01 ? 211 HIS A CA  1 
ATOM   975  C  C   . HIS A 1 124 ? -4.124  -11.405 -7.377  1.00 13.30 ? 211 HIS A C   1 
ATOM   976  O  O   . HIS A 1 124 ? -5.176  -11.767 -7.906  1.00 13.31 ? 211 HIS A O   1 
ATOM   977  C  CB  . HIS A 1 124 ? -3.488  -11.947 -5.014  1.00 11.77 ? 211 HIS A CB  1 
ATOM   978  C  CG  . HIS A 1 124 ? -3.016  -11.401 -3.704  1.00 12.62 ? 211 HIS A CG  1 
ATOM   979  N  ND1 . HIS A 1 124 ? -3.177  -12.041 -2.495  1.00 13.43 ? 211 HIS A ND1 1 
ATOM   980  C  CD2 . HIS A 1 124 ? -2.406  -10.225 -3.413  1.00 11.35 ? 211 HIS A CD2 1 
ATOM   981  C  CE1 . HIS A 1 124 ? -2.678  -11.254 -1.532  1.00 12.17 ? 211 HIS A CE1 1 
ATOM   982  N  NE2 . HIS A 1 124 ? -2.193  -10.129 -2.030  1.00 13.41 ? 211 HIS A NE2 1 
ATOM   983  N  N   . SER A 1 125 ? -2.954  -11.419 -8.002  1.00 13.97 ? 212 SER A N   1 
ATOM   984  C  CA  . SER A 1 125 ? -2.791  -11.883 -9.366  1.00 15.11 ? 212 SER A CA  1 
ATOM   985  C  C   . SER A 1 125 ? -2.001  -13.190 -9.351  1.00 15.47 ? 212 SER A C   1 
ATOM   986  O  O   . SER A 1 125 ? -1.250  -13.461 -8.411  1.00 15.32 ? 212 SER A O   1 
ATOM   987  C  CB  . SER A 1 125 ? -2.047  -10.822 -10.177 1.00 15.65 ? 212 SER A CB  1 
ATOM   988  O  OG  . SER A 1 125 ? -1.620  -11.318 -11.433 1.00 18.68 ? 212 SER A OG  1 
ATOM   989  N  N   . ALA A 1 126 ? -2.187  -14.003 -10.388 1.00 16.13 ? 213 ALA A N   1 
ATOM   990  C  CA  . ALA A 1 126 ? -1.487  -15.282 -10.510 1.00 16.68 ? 213 ALA A CA  1 
ATOM   991  C  C   . ALA A 1 126 ? -0.141  -15.116 -11.209 1.00 16.34 ? 213 ALA A C   1 
ATOM   992  O  O   . ALA A 1 126 ? 0.665   -16.044 -11.239 1.00 17.49 ? 213 ALA A O   1 
ATOM   993  C  CB  . ALA A 1 126 ? -2.354  -16.286 -11.267 1.00 16.17 ? 213 ALA A CB  1 
ATOM   994  N  N   . ASN A 1 127 ? 0.090   -13.940 -11.791 1.00 17.56 ? 214 ASN A N   1 
ATOM   995  C  CA  . ASN A 1 127 ? 1.338   -13.654 -12.492 1.00 17.54 ? 214 ASN A CA  1 
ATOM   996  C  C   . ASN A 1 127 ? 2.440   -13.398 -11.472 1.00 16.90 ? 214 ASN A C   1 
ATOM   997  O  O   . ASN A 1 127 ? 2.378   -12.431 -10.710 1.00 16.11 ? 214 ASN A O   1 
ATOM   998  C  CB  . ASN A 1 127 ? 1.168   -12.431 -13.392 1.00 20.13 ? 214 ASN A CB  1 
ATOM   999  C  CG  . ASN A 1 127 ? 2.362   -12.197 -14.293 1.00 23.26 ? 214 ASN A CG  1 
ATOM   1000 O  OD1 . ASN A 1 127 ? 3.452   -12.721 -14.064 1.00 26.97 ? 214 ASN A OD1 1 
ATOM   1001 N  ND2 . ASN A 1 127 ? 2.166   -11.393 -15.321 1.00 27.51 ? 214 ASN A ND2 1 
ATOM   1002 N  N   . THR A 1 128 ? 3.470   -14.236 -11.496 1.00 17.27 ? 215 THR A N   1 
ATOM   1003 C  CA  . THR A 1 128 ? 4.581   -14.126 -10.556 1.00 18.74 ? 215 THR A CA  1 
ATOM   1004 C  C   . THR A 1 128 ? 5.317   -12.795 -10.609 1.00 19.66 ? 215 THR A C   1 
ATOM   1005 O  O   . THR A 1 128 ? 6.002   -12.421 -9.656  1.00 21.03 ? 215 THR A O   1 
ATOM   1006 C  CB  . THR A 1 128 ? 5.601   -15.256 -10.765 1.00 17.85 ? 215 THR A CB  1 
ATOM   1007 O  OG1 . THR A 1 128 ? 5.982   -15.298 -12.144 1.00 19.22 ? 215 THR A OG1 1 
ATOM   1008 C  CG2 . THR A 1 128 ? 4.998   -16.592 -10.360 1.00 19.29 ? 215 THR A CG2 1 
ATOM   1009 N  N   . GLU A 1 129 ? 5.182   -12.086 -11.719 1.00 20.52 ? 216 GLU A N   1 
ATOM   1010 C  CA  . GLU A 1 129 ? 5.845   -10.803 -11.880 1.00 22.37 ? 216 GLU A CA  1 
ATOM   1011 C  C   . GLU A 1 129 ? 4.940   -9.597  -11.645 1.00 20.96 ? 216 GLU A C   1 
ATOM   1012 O  O   . GLU A 1 129 ? 5.395   -8.453  -11.703 1.00 21.05 ? 216 GLU A O   1 
ATOM   1013 C  CB  . GLU A 1 129 ? 6.474   -10.723 -13.263 1.00 25.65 ? 216 GLU A CB  1 
ATOM   1014 C  CG  . GLU A 1 129 ? 7.488   -11.818 -13.503 1.00 32.15 ? 216 GLU A CG  1 
ATOM   1015 C  CD  . GLU A 1 129 ? 8.261   -11.611 -14.774 1.00 33.52 ? 216 GLU A CD  1 
ATOM   1016 O  OE1 . GLU A 1 129 ? 9.240   -10.838 -14.745 1.00 34.67 ? 216 GLU A OE1 1 
ATOM   1017 O  OE2 . GLU A 1 129 ? 7.882   -12.213 -15.798 1.00 37.28 ? 216 GLU A OE2 1 
ATOM   1018 N  N   . ALA A 1 130 ? 3.662   -9.849  -11.386 1.00 17.83 ? 217 ALA A N   1 
ATOM   1019 C  CA  . ALA A 1 130 ? 2.715   -8.769  -11.142 1.00 15.09 ? 217 ALA A CA  1 
ATOM   1020 C  C   . ALA A 1 130 ? 2.945   -8.170  -9.761  1.00 14.01 ? 217 ALA A C   1 
ATOM   1021 O  O   . ALA A 1 130 ? 3.403   -8.852  -8.844  1.00 13.87 ? 217 ALA A O   1 
ATOM   1022 C  CB  . ALA A 1 130 ? 1.286   -9.285  -11.252 1.00 13.73 ? 217 ALA A CB  1 
ATOM   1023 N  N   . LEU A 1 131 ? 2.663   -6.882  -9.623  1.00 13.17 ? 218 LEU A N   1 
ATOM   1024 C  CA  . LEU A 1 131 ? 2.798   -6.219  -8.335  1.00 12.91 ? 218 LEU A CA  1 
ATOM   1025 C  C   . LEU A 1 131 ? 1.856   -6.894  -7.340  1.00 12.15 ? 218 LEU A C   1 
ATOM   1026 O  O   . LEU A 1 131 ? 2.211   -7.094  -6.180  1.00 12.05 ? 218 LEU A O   1 
ATOM   1027 C  CB  . LEU A 1 131 ? 2.430   -4.737  -8.450  1.00 12.48 ? 218 LEU A CB  1 
ATOM   1028 C  CG  . LEU A 1 131 ? 2.335   -3.984  -7.116  1.00 13.84 ? 218 LEU A CG  1 
ATOM   1029 C  CD1 . LEU A 1 131 ? 3.686   -4.008  -6.401  1.00 14.56 ? 218 LEU A CD1 1 
ATOM   1030 C  CD2 . LEU A 1 131 ? 1.859   -2.555  -7.341  1.00 14.15 ? 218 LEU A CD2 1 
ATOM   1031 N  N   . MET A 1 132 ? 0.673   -7.280  -7.817  1.00 11.94 ? 219 MET A N   1 
ATOM   1032 C  CA  . MET A 1 132 ? -0.323  -7.909  -6.963  1.00 11.61 ? 219 MET A CA  1 
ATOM   1033 C  C   . MET A 1 132 ? -0.169  -9.410  -6.691  1.00 12.90 ? 219 MET A C   1 
ATOM   1034 O  O   . MET A 1 132 ? -1.140  -10.078 -6.338  1.00 13.17 ? 219 MET A O   1 
ATOM   1035 C  CB  . MET A 1 132 ? -1.739  -7.577  -7.448  1.00 11.67 ? 219 MET A CB  1 
ATOM   1036 C  CG  . MET A 1 132 ? -2.068  -6.079  -7.427  1.00 11.09 ? 219 MET A CG  1 
ATOM   1037 S  SD  . MET A 1 132 ? -1.711  -5.267  -5.849  1.00 13.21 ? 219 MET A SD  1 
ATOM   1038 C  CE  . MET A 1 132 ? -2.961  -5.995  -4.803  1.00 11.67 ? 219 MET A CE  1 
ATOM   1039 N  N   . TYR A 1 133 ? 1.044   -9.936  -6.841  1.00 13.49 ? 220 TYR A N   1 
ATOM   1040 C  CA  . TYR A 1 133 ? 1.312   -11.346 -6.547  1.00 13.35 ? 220 TYR A CA  1 
ATOM   1041 C  C   . TYR A 1 133 ? 1.274   -11.433 -5.004  1.00 12.89 ? 220 TYR A C   1 
ATOM   1042 O  O   . TYR A 1 133 ? 1.664   -10.485 -4.329  1.00 12.68 ? 220 TYR A O   1 
ATOM   1043 C  CB  . TYR A 1 133 ? 2.690   -11.750 -7.094  1.00 13.81 ? 220 TYR A CB  1 
ATOM   1044 C  CG  . TYR A 1 133 ? 2.963   -13.234 -7.013  1.00 15.50 ? 220 TYR A CG  1 
ATOM   1045 C  CD1 . TYR A 1 133 ? 2.189   -14.143 -7.738  1.00 15.15 ? 220 TYR A CD1 1 
ATOM   1046 C  CD2 . TYR A 1 133 ? 3.961   -13.735 -6.181  1.00 14.58 ? 220 TYR A CD2 1 
ATOM   1047 C  CE1 . TYR A 1 133 ? 2.396   -15.512 -7.631  1.00 16.31 ? 220 TYR A CE1 1 
ATOM   1048 C  CE2 . TYR A 1 133 ? 4.177   -15.104 -6.067  1.00 16.42 ? 220 TYR A CE2 1 
ATOM   1049 C  CZ  . TYR A 1 133 ? 3.390   -15.986 -6.795  1.00 15.70 ? 220 TYR A CZ  1 
ATOM   1050 O  OH  . TYR A 1 133 ? 3.587   -17.341 -6.677  1.00 17.87 ? 220 TYR A OH  1 
ATOM   1051 N  N   . PRO A 1 134 ? 0.806   -12.561 -4.430  1.00 13.62 ? 221 PRO A N   1 
ATOM   1052 C  CA  . PRO A 1 134 ? 0.712   -12.736 -2.970  1.00 13.16 ? 221 PRO A CA  1 
ATOM   1053 C  C   . PRO A 1 134 ? 1.991   -12.701 -2.137  1.00 13.08 ? 221 PRO A C   1 
ATOM   1054 O  O   . PRO A 1 134 ? 1.951   -12.324 -0.960  1.00 13.16 ? 221 PRO A O   1 
ATOM   1055 C  CB  . PRO A 1 134 ? 0.050   -14.113 -2.828  1.00 14.38 ? 221 PRO A CB  1 
ATOM   1056 C  CG  . PRO A 1 134 ? -0.691  -14.289 -4.089  1.00 15.34 ? 221 PRO A CG  1 
ATOM   1057 C  CD  . PRO A 1 134 ? 0.257   -13.742 -5.120  1.00 13.84 ? 221 PRO A CD  1 
ATOM   1058 N  N   . LEU A 1 135 ? 3.105   -13.138 -2.721  1.00 12.93 ? 222 LEU A N   1 
ATOM   1059 C  CA  . LEU A 1 135 ? 4.364   -13.207 -1.989  1.00 13.43 ? 222 LEU A CA  1 
ATOM   1060 C  C   . LEU A 1 135 ? 5.357   -12.115 -2.358  1.00 14.07 ? 222 LEU A C   1 
ATOM   1061 O  O   . LEU A 1 135 ? 5.604   -11.857 -3.535  1.00 13.13 ? 222 LEU A O   1 
ATOM   1062 C  CB  . LEU A 1 135 ? 5.019   -14.577 -2.197  1.00 15.58 ? 222 LEU A CB  1 
ATOM   1063 C  CG  . LEU A 1 135 ? 4.152   -15.828 -2.017  1.00 17.95 ? 222 LEU A CG  1 
ATOM   1064 C  CD1 . LEU A 1 135 ? 4.982   -17.066 -2.289  1.00 18.52 ? 222 LEU A CD1 1 
ATOM   1065 C  CD2 . LEU A 1 135 ? 3.570   -15.889 -0.621  1.00 18.33 ? 222 LEU A CD2 1 
ATOM   1066 N  N   . TYR A 1 136 ? 5.946   -11.504 -1.336  1.00 14.97 ? 223 TYR A N   1 
ATOM   1067 C  CA  . TYR A 1 136 ? 6.931   -10.452 -1.520  1.00 16.14 ? 223 TYR A CA  1 
ATOM   1068 C  C   . TYR A 1 136 ? 8.282   -11.036 -1.930  1.00 18.28 ? 223 TYR A C   1 
ATOM   1069 O  O   . TYR A 1 136 ? 8.658   -12.127 -1.501  1.00 18.71 ? 223 TYR A O   1 
ATOM   1070 C  CB  . TYR A 1 136 ? 7.099   -9.657  -0.217  1.00 15.39 ? 223 TYR A CB  1 
ATOM   1071 C  CG  . TYR A 1 136 ? 8.236   -8.655  -0.253  1.00 15.43 ? 223 TYR A CG  1 
ATOM   1072 C  CD1 . TYR A 1 136 ? 8.065   -7.403  -0.844  1.00 15.83 ? 223 TYR A CD1 1 
ATOM   1073 C  CD2 . TYR A 1 136 ? 9.495   -8.972  0.271   1.00 17.44 ? 223 TYR A CD2 1 
ATOM   1074 C  CE1 . TYR A 1 136 ? 9.120   -6.490  -0.919  1.00 16.73 ? 223 TYR A CE1 1 
ATOM   1075 C  CE2 . TYR A 1 136 ? 10.559  -8.066  0.200   1.00 16.29 ? 223 TYR A CE2 1 
ATOM   1076 C  CZ  . TYR A 1 136 ? 10.362  -6.826  -0.397  1.00 15.93 ? 223 TYR A CZ  1 
ATOM   1077 O  OH  . TYR A 1 136 ? 11.402  -5.928  -0.488  1.00 15.97 ? 223 TYR A OH  1 
ATOM   1078 N  N   . HIS A 1 137 ? 8.996   -10.299 -2.773  1.00 20.08 ? 224 HIS A N   1 
ATOM   1079 C  CA  . HIS A 1 137 ? 10.331  -10.678 -3.216  1.00 24.26 ? 224 HIS A CA  1 
ATOM   1080 C  C   . HIS A 1 137 ? 11.040  -9.371  -3.545  1.00 25.93 ? 224 HIS A C   1 
ATOM   1081 O  O   . HIS A 1 137 ? 10.410  -8.438  -4.044  1.00 25.78 ? 224 HIS A O   1 
ATOM   1082 C  CB  . HIS A 1 137 ? 10.290  -11.616 -4.437  1.00 26.17 ? 224 HIS A CB  1 
ATOM   1083 C  CG  . HIS A 1 137 ? 9.874   -10.955 -5.719  1.00 28.29 ? 224 HIS A CG  1 
ATOM   1084 N  ND1 . HIS A 1 137 ? 8.575   -10.973 -6.178  1.00 30.23 ? 224 HIS A ND1 1 
ATOM   1085 C  CD2 . HIS A 1 137 ? 10.593  -10.301 -6.663  1.00 30.29 ? 224 HIS A CD2 1 
ATOM   1086 C  CE1 . HIS A 1 137 ? 8.509   -10.361 -7.347  1.00 30.66 ? 224 HIS A CE1 1 
ATOM   1087 N  NE2 . HIS A 1 137 ? 9.723   -9.943  -7.663  1.00 31.45 ? 224 HIS A NE2 1 
ATOM   1088 N  N   . SER A 1 138 ? 12.314  -9.266  -3.190  1.00 29.73 ? 225 SER A N   1 
ATOM   1089 C  CA  . SER A 1 138 ? 13.065  -8.048  -3.474  1.00 34.78 ? 225 SER A CA  1 
ATOM   1090 C  C   . SER A 1 138 ? 13.547  -8.058  -4.922  1.00 36.36 ? 225 SER A C   1 
ATOM   1091 O  O   . SER A 1 138 ? 13.630  -9.116  -5.553  1.00 37.98 ? 225 SER A O   1 
ATOM   1092 C  CB  . SER A 1 138 ? 14.254  -7.910  -2.513  1.00 37.39 ? 225 SER A CB  1 
ATOM   1093 O  OG  . SER A 1 138 ? 13.812  -7.795  -1.164  1.00 41.80 ? 225 SER A OG  1 
ATOM   1094 N  N   . LEU A 1 139 ? 13.805  -6.870  -5.459  1.00 37.58 ? 226 LEU A N   1 
ATOM   1095 C  CA  . LEU A 1 139 ? 14.284  -6.733  -6.830  1.00 37.98 ? 226 LEU A CA  1 
ATOM   1096 C  C   . LEU A 1 139 ? 15.783  -6.471  -6.793  1.00 39.08 ? 226 LEU A C   1 
ATOM   1097 O  O   . LEU A 1 139 ? 16.299  -5.975  -5.793  1.00 39.64 ? 226 LEU A O   1 
ATOM   1098 C  CB  . LEU A 1 139 ? 13.581  -5.569  -7.535  1.00 37.36 ? 226 LEU A CB  1 
ATOM   1099 C  CG  . LEU A 1 139 ? 12.067  -5.661  -7.707  1.00 36.45 ? 226 LEU A CG  1 
ATOM   1100 C  CD1 . LEU A 1 139 ? 11.590  -4.457  -8.489  1.00 36.71 ? 226 LEU A CD1 1 
ATOM   1101 C  CD2 . LEU A 1 139 ? 11.689  -6.942  -8.442  1.00 37.09 ? 226 LEU A CD2 1 
ATOM   1102 N  N   . THR A 1 140 ? 16.480  -6.829  -7.867  1.00 40.60 ? 227 THR A N   1 
ATOM   1103 C  CA  . THR A 1 140 ? 17.923  -6.610  -7.949  1.00 41.62 ? 227 THR A CA  1 
ATOM   1104 C  C   . THR A 1 140 ? 18.204  -5.130  -8.207  1.00 41.65 ? 227 THR A C   1 
ATOM   1105 O  O   . THR A 1 140 ? 19.194  -4.578  -7.722  1.00 42.41 ? 227 THR A O   1 
ATOM   1106 C  CB  . THR A 1 140 ? 18.562  -7.459  -9.077  1.00 41.79 ? 227 THR A CB  1 
ATOM   1107 O  OG1 . THR A 1 140 ? 17.792  -7.330  -10.280 1.00 42.36 ? 227 THR A OG1 1 
ATOM   1108 C  CG2 . THR A 1 140 ? 18.623  -8.928  -8.678  1.00 42.27 ? 227 THR A CG2 1 
ATOM   1109 N  N   . ASP A 1 141 ? 17.300  -4.495  -8.947  1.00 42.47 ? 228 ASP A N   1 
ATOM   1110 C  CA  . ASP A 1 141 ? 17.407  -3.084  -9.294  1.00 42.75 ? 228 ASP A CA  1 
ATOM   1111 C  C   . ASP A 1 141 ? 15.999  -2.490  -9.265  1.00 41.95 ? 228 ASP A C   1 
ATOM   1112 O  O   . ASP A 1 141 ? 15.127  -2.908  -10.028 1.00 41.35 ? 228 ASP A O   1 
ATOM   1113 C  CB  . ASP A 1 141 ? 18.031  -2.947  -10.690 1.00 45.17 ? 228 ASP A CB  1 
ATOM   1114 C  CG  . ASP A 1 141 ? 18.203  -1.499  -11.136 1.00 47.34 ? 228 ASP A CG  1 
ATOM   1115 O  OD1 . ASP A 1 141 ? 18.251  -0.585  -10.282 1.00 49.41 ? 228 ASP A OD1 1 
ATOM   1116 O  OD2 . ASP A 1 141 ? 18.304  -1.281  -12.364 1.00 49.32 ? 228 ASP A OD2 1 
ATOM   1117 N  N   . LEU A 1 142 ? 15.775  -1.532  -8.371  1.00 40.53 ? 229 LEU A N   1 
ATOM   1118 C  CA  . LEU A 1 142 ? 14.463  -0.897  -8.237  1.00 40.24 ? 229 LEU A CA  1 
ATOM   1119 C  C   . LEU A 1 142 ? 13.921  -0.262  -9.511  1.00 40.89 ? 229 LEU A C   1 
ATOM   1120 O  O   . LEU A 1 142 ? 12.705  -0.204  -9.708  1.00 40.47 ? 229 LEU A O   1 
ATOM   1121 C  CB  . LEU A 1 142 ? 14.476  0.145   -7.116  1.00 40.23 ? 229 LEU A CB  1 
ATOM   1122 C  CG  . LEU A 1 142 ? 14.423  -0.380  -5.683  1.00 40.01 ? 229 LEU A CG  1 
ATOM   1123 C  CD1 . LEU A 1 142 ? 14.554  0.786   -4.720  1.00 40.57 ? 229 LEU A CD1 1 
ATOM   1124 C  CD2 . LEU A 1 142 ? 13.119  -1.127  -5.439  1.00 38.86 ? 229 LEU A CD2 1 
ATOM   1125 N  N   . THR A 1 143 ? 14.809  0.217   -10.376 1.00 41.81 ? 230 THR A N   1 
ATOM   1126 C  CA  . THR A 1 143 ? 14.373  0.843   -11.618 1.00 42.49 ? 230 THR A CA  1 
ATOM   1127 C  C   . THR A 1 143 ? 13.793  -0.181  -12.597 1.00 42.05 ? 230 THR A C   1 
ATOM   1128 O  O   . THR A 1 143 ? 13.283  0.182   -13.654 1.00 42.80 ? 230 THR A O   1 
ATOM   1129 C  CB  . THR A 1 143 ? 15.511  1.650   -12.287 1.00 42.97 ? 230 THR A CB  1 
ATOM   1130 O  OG1 . THR A 1 143 ? 16.675  0.825   -12.421 1.00 43.41 ? 230 THR A OG1 1 
ATOM   1131 C  CG2 . THR A 1 143 ? 15.851  2.881   -11.449 1.00 43.13 ? 230 THR A CG2 1 
ATOM   1132 N  N   . ARG A 1 144 ? 13.877  -1.459  -12.242 1.00 41.49 ? 231 ARG A N   1 
ATOM   1133 C  CA  . ARG A 1 144 ? 13.327  -2.517  -13.080 1.00 41.32 ? 231 ARG A CA  1 
ATOM   1134 C  C   . ARG A 1 144 ? 11.870  -2.799  -12.710 1.00 38.26 ? 231 ARG A C   1 
ATOM   1135 O  O   . ARG A 1 144 ? 11.248  -3.705  -13.261 1.00 37.84 ? 231 ARG A O   1 
ATOM   1136 C  CB  . ARG A 1 144 ? 14.170  -3.795  -12.977 1.00 47.09 ? 231 ARG A CB  1 
ATOM   1137 C  CG  . ARG A 1 144 ? 15.533  -3.695  -13.665 1.00 54.94 ? 231 ARG A CG  1 
ATOM   1138 C  CD  . ARG A 1 144 ? 15.383  -3.294  -15.132 1.00 60.52 ? 231 ARG A CD  1 
ATOM   1139 N  NE  . ARG A 1 144 ? 16.662  -3.223  -15.838 1.00 65.41 ? 231 ARG A NE  1 
ATOM   1140 C  CZ  . ARG A 1 144 ? 16.788  -2.924  -17.128 1.00 68.21 ? 231 ARG A CZ  1 
ATOM   1141 N  NH1 . ARG A 1 144 ? 15.714  -2.661  -17.864 1.00 70.17 ? 231 ARG A NH1 1 
ATOM   1142 N  NH2 . ARG A 1 144 ? 17.991  -2.882  -17.689 1.00 69.77 ? 231 ARG A NH2 1 
ATOM   1143 N  N   . PHE A 1 145 ? 11.332  -2.037  -11.762 1.00 33.75 ? 232 PHE A N   1 
ATOM   1144 C  CA  . PHE A 1 145 ? 9.943   -2.212  -11.361 1.00 29.50 ? 232 PHE A CA  1 
ATOM   1145 C  C   . PHE A 1 145 ? 8.990   -1.521  -12.330 1.00 27.98 ? 232 PHE A C   1 
ATOM   1146 O  O   . PHE A 1 145 ? 9.248   -0.407  -12.792 1.00 26.88 ? 232 PHE A O   1 
ATOM   1147 C  CB  . PHE A 1 145 ? 9.679   -1.667  -9.952  1.00 27.39 ? 232 PHE A CB  1 
ATOM   1148 C  CG  . PHE A 1 145 ? 8.211   -1.587  -9.610  1.00 25.63 ? 232 PHE A CG  1 
ATOM   1149 C  CD1 . PHE A 1 145 ? 7.508   -2.725  -9.223  1.00 25.61 ? 232 PHE A CD1 1 
ATOM   1150 C  CD2 . PHE A 1 145 ? 7.514   -0.385  -9.739  1.00 25.09 ? 232 PHE A CD2 1 
ATOM   1151 C  CE1 . PHE A 1 145 ? 6.135   -2.669  -8.976  1.00 25.54 ? 232 PHE A CE1 1 
ATOM   1152 C  CE2 . PHE A 1 145 ? 6.142   -0.319  -9.495  1.00 24.52 ? 232 PHE A CE2 1 
ATOM   1153 C  CZ  . PHE A 1 145 ? 5.451   -1.462  -9.114  1.00 24.32 ? 232 PHE A CZ  1 
ATOM   1154 N  N   . ARG A 1 146 ? 7.856   -2.166  -12.570 1.00 26.65 ? 233 ARG A N   1 
ATOM   1155 C  CA  . ARG A 1 146 ? 6.818   -1.643  -13.444 1.00 25.76 ? 233 ARG A CA  1 
ATOM   1156 C  C   . ARG A 1 146 ? 5.579   -2.496  -13.201 1.00 23.18 ? 233 ARG A C   1 
ATOM   1157 O  O   . ARG A 1 146 ? 5.694   -3.666  -12.825 1.00 22.93 ? 233 ARG A O   1 
ATOM   1158 C  CB  . ARG A 1 146 ? 7.229   -1.766  -14.916 1.00 28.92 ? 233 ARG A CB  1 
ATOM   1159 C  CG  . ARG A 1 146 ? 7.418   -3.206  -15.358 1.00 35.50 ? 233 ARG A CG  1 
ATOM   1160 C  CD  . ARG A 1 146 ? 7.221   -3.396  -16.846 1.00 39.79 ? 233 ARG A CD  1 
ATOM   1161 N  NE  . ARG A 1 146 ? 6.957   -4.800  -17.152 1.00 45.14 ? 233 ARG A NE  1 
ATOM   1162 C  CZ  . ARG A 1 146 ? 7.244   -5.394  -18.307 1.00 49.03 ? 233 ARG A CZ  1 
ATOM   1163 N  NH1 . ARG A 1 146 ? 7.823   -4.718  -19.294 1.00 50.09 ? 233 ARG A NH1 1 
ATOM   1164 N  NH2 . ARG A 1 146 ? 6.959   -6.677  -18.472 1.00 51.04 ? 233 ARG A NH2 1 
ATOM   1165 N  N   . LEU A 1 147 ? 4.403   -1.901  -13.365 1.00 20.46 ? 234 LEU A N   1 
ATOM   1166 C  CA  . LEU A 1 147 ? 3.162   -2.644  -13.202 1.00 18.56 ? 234 LEU A CA  1 
ATOM   1167 C  C   . LEU A 1 147 ? 3.051   -3.592  -14.380 1.00 17.86 ? 234 LEU A C   1 
ATOM   1168 O  O   . LEU A 1 147 ? 3.414   -3.242  -15.508 1.00 18.53 ? 234 LEU A O   1 
ATOM   1169 C  CB  . LEU A 1 147 ? 1.954   -1.709  -13.229 1.00 17.50 ? 234 LEU A CB  1 
ATOM   1170 C  CG  . LEU A 1 147 ? 1.746   -0.725  -12.085 1.00 17.66 ? 234 LEU A CG  1 
ATOM   1171 C  CD1 . LEU A 1 147 ? 0.511   0.108   -12.375 1.00 16.70 ? 234 LEU A CD1 1 
ATOM   1172 C  CD2 . LEU A 1 147 ? 1.589   -1.485  -10.772 1.00 16.52 ? 234 LEU A CD2 1 
ATOM   1173 N  N   . SER A 1 148 ? 2.586   -4.804  -14.121 1.00 17.85 ? 235 SER A N   1 
ATOM   1174 C  CA  . SER A 1 148 ? 2.404   -5.764  -15.192 1.00 17.52 ? 235 SER A CA  1 
ATOM   1175 C  C   . SER A 1 148 ? 1.079   -5.398  -15.851 1.00 17.70 ? 235 SER A C   1 
ATOM   1176 O  O   . SER A 1 148 ? 0.294   -4.622  -15.294 1.00 17.73 ? 235 SER A O   1 
ATOM   1177 C  CB  . SER A 1 148 ? 2.343   -7.181  -14.627 1.00 16.00 ? 235 SER A CB  1 
ATOM   1178 O  OG  . SER A 1 148 ? 1.176   -7.374  -13.848 1.00 18.13 ? 235 SER A OG  1 
ATOM   1179 N  N   . GLN A 1 149 ? 0.817   -5.957  -17.024 1.00 18.31 ? 236 GLN A N   1 
ATOM   1180 C  CA  . GLN A 1 149 ? -0.431  -5.679  -17.715 1.00 19.14 ? 236 GLN A CA  1 
ATOM   1181 C  C   . GLN A 1 149 ? -1.614  -6.173  -16.876 1.00 18.91 ? 236 GLN A C   1 
ATOM   1182 O  O   . GLN A 1 149 ? -2.705  -5.613  -16.946 1.00 17.19 ? 236 GLN A O   1 
ATOM   1183 C  CB  . GLN A 1 149 ? -0.436  -6.326  -19.100 1.00 22.83 ? 236 GLN A CB  1 
ATOM   1184 C  CG  . GLN A 1 149 ? -1.547  -5.825  -20.012 1.00 26.66 ? 236 GLN A CG  1 
ATOM   1185 C  CD  . GLN A 1 149 ? -1.500  -4.317  -20.222 1.00 28.57 ? 236 GLN A CD  1 
ATOM   1186 O  OE1 . GLN A 1 149 ? -0.449  -3.755  -20.544 1.00 29.30 ? 236 GLN A OE1 1 
ATOM   1187 N  NE2 . GLN A 1 149 ? -2.640  -3.658  -20.040 1.00 28.97 ? 236 GLN A NE2 1 
ATOM   1188 N  N   . ASP A 1 150 ? -1.384  -7.208  -16.071 1.00 19.48 ? 237 ASP A N   1 
ATOM   1189 C  CA  . ASP A 1 150 ? -2.423  -7.756  -15.200 1.00 20.88 ? 237 ASP A CA  1 
ATOM   1190 C  C   . ASP A 1 150 ? -2.843  -6.721  -14.167 1.00 17.51 ? 237 ASP A C   1 
ATOM   1191 O  O   . ASP A 1 150 ? -4.030  -6.564  -13.885 1.00 16.13 ? 237 ASP A O   1 
ATOM   1192 C  CB  . ASP A 1 150 ? -1.931  -9.010  -14.476 1.00 27.66 ? 237 ASP A CB  1 
ATOM   1193 C  CG  . ASP A 1 150 ? -1.852  -10.217 -15.387 1.00 37.58 ? 237 ASP A CG  1 
ATOM   1194 O  OD1 . ASP A 1 150 ? -2.841  -10.500 -16.103 1.00 42.33 ? 237 ASP A OD1 1 
ATOM   1195 O  OD2 . ASP A 1 150 ? -0.802  -10.892 -15.384 1.00 43.01 ? 237 ASP A OD2 1 
ATOM   1196 N  N   . ASP A 1 151 ? -1.861  -6.020  -13.608 1.00 15.31 ? 238 ASP A N   1 
ATOM   1197 C  CA  . ASP A 1 151 ? -2.122  -4.992  -12.604 1.00 14.30 ? 238 ASP A CA  1 
ATOM   1198 C  C   . ASP A 1 151 ? -2.933  -3.851  -13.210 1.00 14.65 ? 238 ASP A C   1 
ATOM   1199 O  O   . ASP A 1 151 ? -3.918  -3.389  -12.627 1.00 15.30 ? 238 ASP A O   1 
ATOM   1200 C  CB  . ASP A 1 151 ? -0.809  -4.437  -12.043 1.00 12.83 ? 238 ASP A CB  1 
ATOM   1201 C  CG  . ASP A 1 151 ? 0.022   -5.484  -11.329 1.00 12.57 ? 238 ASP A CG  1 
ATOM   1202 O  OD1 . ASP A 1 151 ? -0.512  -6.212  -10.466 1.00 13.70 ? 238 ASP A OD1 1 
ATOM   1203 O  OD2 . ASP A 1 151 ? 1.228   -5.569  -11.628 1.00 13.50 ? 238 ASP A OD2 1 
ATOM   1204 N  N   . ILE A 1 152 ? -2.520  -3.415  -14.395 1.00 14.20 ? 239 ILE A N   1 
ATOM   1205 C  CA  . ILE A 1 152 ? -3.190  -2.327  -15.095 1.00 14.76 ? 239 ILE A CA  1 
ATOM   1206 C  C   . ILE A 1 152 ? -4.632  -2.684  -15.461 1.00 15.82 ? 239 ILE A C   1 
ATOM   1207 O  O   . ILE A 1 152 ? -5.555  -1.929  -15.154 1.00 15.90 ? 239 ILE A O   1 
ATOM   1208 C  CB  . ILE A 1 152 ? -2.387  -1.911  -16.348 1.00 15.86 ? 239 ILE A CB  1 
ATOM   1209 C  CG1 . ILE A 1 152 ? -1.008  -1.401  -15.921 1.00 15.69 ? 239 ILE A CG1 1 
ATOM   1210 C  CG2 . ILE A 1 152 ? -3.126  -0.837  -17.130 1.00 15.94 ? 239 ILE A CG2 1 
ATOM   1211 C  CD1 . ILE A 1 152 ? -0.078  -1.085  -17.066 1.00 17.49 ? 239 ILE A CD1 1 
ATOM   1212 N  N   . ASN A 1 153 ? -4.832  -3.848  -16.072 1.00 16.41 ? 240 ASN A N   1 
ATOM   1213 C  CA  . ASN A 1 153 ? -6.178  -4.277  -16.459 1.00 18.23 ? 240 ASN A CA  1 
ATOM   1214 C  C   . ASN A 1 153 ? -7.098  -4.363  -15.244 1.00 16.41 ? 240 ASN A C   1 
ATOM   1215 O  O   . ASN A 1 153 ? -8.250  -3.941  -15.301 1.00 17.07 ? 240 ASN A O   1 
ATOM   1216 C  CB  . ASN A 1 153 ? -6.151  -5.633  -17.183 1.00 20.96 ? 240 ASN A CB  1 
ATOM   1217 C  CG  . ASN A 1 153 ? -5.530  -5.558  -18.577 1.00 23.30 ? 240 ASN A CG  1 
ATOM   1218 O  OD1 . ASN A 1 153 ? -5.368  -4.482  -19.156 1.00 24.72 ? 240 ASN A OD1 1 
ATOM   1219 N  ND2 . ASN A 1 153 ? -5.170  -6.715  -19.116 1.00 26.43 ? 240 ASN A ND2 1 
ATOM   1220 N  N   . GLY A 1 154 ? -6.573  -4.885  -14.138 1.00 16.66 ? 241 GLY A N   1 
ATOM   1221 C  CA  . GLY A 1 154 ? -7.360  -5.012  -12.924 1.00 14.57 ? 241 GLY A CA  1 
ATOM   1222 C  C   . GLY A 1 154 ? -7.843  -3.689  -12.355 1.00 14.84 ? 241 GLY A C   1 
ATOM   1223 O  O   . GLY A 1 154 ? -9.025  -3.536  -12.031 1.00 14.75 ? 241 GLY A O   1 
ATOM   1224 N  N   . ILE A 1 155 ? -6.942  -2.720  -12.232 1.00 13.67 ? 242 ILE A N   1 
ATOM   1225 C  CA  . ILE A 1 155 ? -7.334  -1.432  -11.678 1.00 13.42 ? 242 ILE A CA  1 
ATOM   1226 C  C   . ILE A 1 155 ? -8.207  -0.632  -12.651 1.00 13.11 ? 242 ILE A C   1 
ATOM   1227 O  O   . ILE A 1 155 ? -9.123  0.078   -12.232 1.00 13.22 ? 242 ILE A O   1 
ATOM   1228 C  CB  . ILE A 1 155 ? -6.104  -0.613  -11.190 1.00 12.82 ? 242 ILE A CB  1 
ATOM   1229 C  CG1 . ILE A 1 155 ? -6.549  0.463   -10.200 1.00 12.62 ? 242 ILE A CG1 1 
ATOM   1230 C  CG2 . ILE A 1 155 ? -5.339  -0.002  -12.360 1.00 12.80 ? 242 ILE A CG2 1 
ATOM   1231 C  CD1 . ILE A 1 155 ? -7.139  -0.092  -8.916  1.00 13.62 ? 242 ILE A CD1 1 
ATOM   1232 N  N   . GLN A 1 156 ? -7.962  -0.795  -13.946 1.00 14.32 ? 243 GLN A N   1 
ATOM   1233 C  CA  . GLN A 1 156 ? -8.743  -0.084  -14.949 1.00 15.37 ? 243 GLN A CA  1 
ATOM   1234 C  C   . GLN A 1 156 ? -10.164 -0.636  -15.079 1.00 16.57 ? 243 GLN A C   1 
ATOM   1235 O  O   . GLN A 1 156 ? -11.094 0.100   -15.412 1.00 16.31 ? 243 GLN A O   1 
ATOM   1236 C  CB  . GLN A 1 156 ? -8.017  -0.079  -16.295 1.00 14.63 ? 243 GLN A CB  1 
ATOM   1237 C  CG  . GLN A 1 156 ? -6.792  0.819   -16.294 1.00 15.18 ? 243 GLN A CG  1 
ATOM   1238 C  CD  . GLN A 1 156 ? -6.203  1.040   -17.674 1.00 17.82 ? 243 GLN A CD  1 
ATOM   1239 O  OE1 . GLN A 1 156 ? -6.431  0.260   -18.603 1.00 19.80 ? 243 GLN A OE1 1 
ATOM   1240 N  NE2 . GLN A 1 156 ? -5.427  2.104   -17.814 1.00 15.48 ? 243 GLN A NE2 1 
ATOM   1241 N  N   . SER A 1 157 ? -10.341 -1.919  -14.780 1.00 17.73 ? 244 SER A N   1 
ATOM   1242 C  CA  . SER A 1 157 ? -11.666 -2.520  -14.855 1.00 18.76 ? 244 SER A CA  1 
ATOM   1243 C  C   . SER A 1 157 ? -12.551 -1.935  -13.750 1.00 18.42 ? 244 SER A C   1 
ATOM   1244 O  O   . SER A 1 157 ? -13.767 -1.829  -13.906 1.00 18.26 ? 244 SER A O   1 
ATOM   1245 C  CB  . SER A 1 157 ? -11.582 -4.049  -14.754 1.00 19.90 ? 244 SER A CB  1 
ATOM   1246 O  OG  . SER A 1 157 ? -11.074 -4.465  -13.501 1.00 25.83 ? 244 SER A OG  1 
ATOM   1247 N  N   . LEU A 1 158 ? -11.923 -1.529  -12.648 1.00 18.36 ? 245 LEU A N   1 
ATOM   1248 C  CA  . LEU A 1 158 ? -12.641 -0.940  -11.522 1.00 19.23 ? 245 LEU A CA  1 
ATOM   1249 C  C   . LEU A 1 158 ? -12.926 0.544   -11.722 1.00 20.04 ? 245 LEU A C   1 
ATOM   1250 O  O   . LEU A 1 158 ? -14.025 1.020   -11.433 1.00 20.11 ? 245 LEU A O   1 
ATOM   1251 C  CB  . LEU A 1 158 ? -11.855 -1.120  -10.215 1.00 18.35 ? 245 LEU A CB  1 
ATOM   1252 C  CG  . LEU A 1 158 ? -11.805 -2.488  -9.532  1.00 18.99 ? 245 LEU A CG  1 
ATOM   1253 C  CD1 . LEU A 1 158 ? -10.940 -2.396  -8.285  1.00 19.23 ? 245 LEU A CD1 1 
ATOM   1254 C  CD2 . LEU A 1 158 ? -13.205 -2.952  -9.172  1.00 18.56 ? 245 LEU A CD2 1 
ATOM   1255 N  N   . TYR A 1 159 ? -11.936 1.281   -12.210 1.00 21.02 ? 246 TYR A N   1 
ATOM   1256 C  CA  . TYR A 1 159 ? -12.104 2.713   -12.383 1.00 25.19 ? 246 TYR A CA  1 
ATOM   1257 C  C   . TYR A 1 159 ? -12.178 3.164   -13.837 1.00 29.67 ? 246 TYR A C   1 
ATOM   1258 O  O   . TYR A 1 159 ? -13.277 3.362   -14.362 1.00 34.39 ? 246 TYR A O   1 
ATOM   1259 C  CB  . TYR A 1 159 ? -11.041 3.452   -11.561 1.00 21.86 ? 246 TYR A CB  1 
ATOM   1260 C  CG  . TYR A 1 159 ? -11.129 3.081   -10.087 1.00 19.15 ? 246 TYR A CG  1 
ATOM   1261 C  CD1 . TYR A 1 159 ? -12.142 3.602   -9.282  1.00 17.83 ? 246 TYR A CD1 1 
ATOM   1262 C  CD2 . TYR A 1 159 ? -10.274 2.127   -9.526  1.00 17.80 ? 246 TYR A CD2 1 
ATOM   1263 C  CE1 . TYR A 1 159 ? -12.310 3.180   -7.967  1.00 17.32 ? 246 TYR A CE1 1 
ATOM   1264 C  CE2 . TYR A 1 159 ? -10.435 1.696   -8.201  1.00 15.92 ? 246 TYR A CE2 1 
ATOM   1265 C  CZ  . TYR A 1 159 ? -11.458 2.225   -7.435  1.00 16.18 ? 246 TYR A CZ  1 
ATOM   1266 O  OH  . TYR A 1 159 ? -11.658 1.788   -6.149  1.00 16.02 ? 246 TYR A OH  1 
ATOM   1267 N  N   . GLY A 1 160 ? -11.042 3.311   -14.502 1.00 33.34 ? 247 GLY A N   1 
ATOM   1268 C  CA  . GLY A 1 160 ? -11.085 3.722   -15.893 1.00 37.74 ? 247 GLY A CA  1 
ATOM   1269 C  C   . GLY A 1 160 ? -9.718  3.999   -16.483 1.00 39.96 ? 247 GLY A C   1 
ATOM   1270 O  O   . GLY A 1 160 ? -8.703  3.764   -15.791 1.00 42.60 ? 247 GLY A O   1 
ATOM   1271 O  OXT . GLY A 1 160 ? -9.658  4.484   -17.631 1.00 42.45 ? 247 GLY A OXT 1 
HETATM 1272 ZN ZN  . ZN  B 2 .   ? -1.722  -8.655  -1.027  1.00 13.92 ? 257 ZN  A ZN  1 
HETATM 1273 ZN ZN  . ZN  C 2 .   ? -4.018  -3.783  11.260  1.00 15.46 ? 258 ZN  A ZN  1 
HETATM 1274 CA CA  . CA  D 3 .   ? 5.524   -9.681  10.401  1.00 14.37 ? 259 CA  A CA  1 
HETATM 1275 CA CA  . CA  E 3 .   ? -10.654 4.299   5.872   1.00 15.61 ? 260 CA  A CA  1 
HETATM 1276 CA CA  . CA  F 3 .   ? 10.823  -1.581  12.062  1.00 16.49 ? 261 CA  A CA  1 
HETATM 1277 C  C1  . L04 G 4 .   ? -0.435  -10.149 3.298   1.00 11.15 ? 256 L04 A C1  1 
HETATM 1278 C  C2  . L04 G 4 .   ? -0.098  -8.771  2.710   1.00 12.24 ? 256 L04 A C2  1 
HETATM 1279 C  C3  . L04 G 4 .   ? -0.843  -8.511  1.396   1.00 12.53 ? 256 L04 A C3  1 
HETATM 1280 C  C4  . L04 G 4 .   ? 1.636   -15.939 2.605   1.00 18.19 ? 256 L04 A C4  1 
HETATM 1281 C  C5  . L04 G 4 .   ? 6.060   -7.233  -4.858  1.00 15.55 ? 256 L04 A C5  1 
HETATM 1282 C  C6  . L04 G 4 .   ? 5.580   -7.347  -6.159  1.00 15.56 ? 256 L04 A C6  1 
HETATM 1283 C  C7  . L04 G 4 .   ? 2.148   -9.616  1.710   1.00 12.75 ? 256 L04 A C7  1 
HETATM 1284 C  C8  . L04 G 4 .   ? 3.190   -8.982  0.784   1.00 12.31 ? 256 L04 A C8  1 
HETATM 1285 C  C9  . L04 G 4 .   ? 2.600   -8.170  -0.338  1.00 14.07 ? 256 L04 A C9  1 
HETATM 1286 C  C10 . L04 G 4 .   ? 3.518   -7.940  -1.498  1.00 13.36 ? 256 L04 A C10 1 
HETATM 1287 C  C11 . L04 G 4 .   ? 4.262   -6.773  -1.592  1.00 13.68 ? 256 L04 A C11 1 
HETATM 1288 C  C12 . L04 G 4 .   ? 5.084   -6.549  -2.680  1.00 14.24 ? 256 L04 A C12 1 
HETATM 1289 C  C13 . L04 G 4 .   ? 5.184   -7.487  -3.703  1.00 15.23 ? 256 L04 A C13 1 
HETATM 1290 C  C14 . L04 G 4 .   ? 4.442   -8.658  -3.611  1.00 13.28 ? 256 L04 A C14 1 
HETATM 1291 C  C15 . L04 G 4 .   ? 3.619   -8.881  -2.516  1.00 14.46 ? 256 L04 A C15 1 
HETATM 1292 C  C16 . L04 G 4 .   ? 2.860   -10.584 2.644   1.00 14.87 ? 256 L04 A C16 1 
HETATM 1293 C  C17 . L04 G 4 .   ? 6.411   -7.104  -7.247  1.00 17.11 ? 256 L04 A C17 1 
HETATM 1294 C  C18 . L04 G 4 .   ? 1.402   -8.548  2.510   1.00 10.55 ? 256 L04 A C18 1 
HETATM 1295 C  C19 . L04 G 4 .   ? 3.889   -12.766 2.904   1.00 16.36 ? 256 L04 A C19 1 
HETATM 1296 C  C20 . L04 G 4 .   ? 3.363   -14.171 2.605   1.00 16.42 ? 256 L04 A C20 1 
HETATM 1297 C  C21 . L04 G 4 .   ? 1.881   -14.462 2.856   1.00 17.53 ? 256 L04 A C21 1 
HETATM 1298 C  C22 . L04 G 4 .   ? 1.485   -14.083 4.282   1.00 17.15 ? 256 L04 A C22 1 
HETATM 1299 C  C23 . L04 G 4 .   ? -1.900  -10.335 3.657   1.00 11.37 ? 256 L04 A C23 1 
HETATM 1300 C  C24 . L04 G 4 .   ? -2.131  -11.665 4.361   1.00 12.27 ? 256 L04 A C24 1 
HETATM 1301 C  C25 . L04 G 4 .   ? -3.613  -11.998 4.464   1.00 11.66 ? 256 L04 A C25 1 
HETATM 1302 C  C26 . L04 G 4 .   ? -5.095  -10.072 4.496   1.00 13.83 ? 256 L04 A C26 1 
HETATM 1303 C  C27 . L04 G 4 .   ? 5.362   -12.674 2.523   1.00 16.62 ? 256 L04 A C27 1 
HETATM 1304 C  C28 . L04 G 4 .   ? -4.513  -10.823 6.645   1.00 12.46 ? 256 L04 A C28 1 
HETATM 1305 C  C29 . L04 G 4 .   ? -5.715  -9.133  5.440   1.00 14.23 ? 256 L04 A C29 1 
HETATM 1306 C  C30 . L04 G 4 .   ? 7.598   -12.471 3.492   1.00 19.86 ? 256 L04 A C30 1 
HETATM 1307 C  C31 . L04 G 4 .   ? 8.283   -12.419 4.705   1.00 20.24 ? 256 L04 A C31 1 
HETATM 1308 C  C32 . L04 G 4 .   ? 9.672   -12.337 4.740   1.00 20.77 ? 256 L04 A C32 1 
HETATM 1309 C  C33 . L04 G 4 .   ? 10.395  -12.303 3.553   1.00 21.69 ? 256 L04 A C33 1 
HETATM 1310 C  C34 . L04 G 4 .   ? 9.723   -12.355 2.332   1.00 21.16 ? 256 L04 A C34 1 
HETATM 1311 C  C35 . L04 G 4 .   ? 8.333   -12.438 2.308   1.00 19.06 ? 256 L04 A C35 1 
HETATM 1312 C  C36 . L04 G 4 .   ? -5.371  -9.563  6.747   1.00 13.91 ? 256 L04 A C36 1 
HETATM 1313 C  C37 . L04 G 4 .   ? -6.482  -7.972  5.267   1.00 14.58 ? 256 L04 A C37 1 
HETATM 1314 C  C38 . L04 G 4 .   ? -5.802  -8.824  7.855   1.00 14.69 ? 256 L04 A C38 1 
HETATM 1315 C  C39 . L04 G 4 .   ? -6.561  -7.675  7.657   1.00 14.11 ? 256 L04 A C39 1 
HETATM 1316 C  C40 . L04 G 4 .   ? -6.895  -7.256  6.380   1.00 14.98 ? 256 L04 A C40 1 
HETATM 1317 C  C41 . L04 G 4 .   ? 7.733   -6.729  -7.051  1.00 17.76 ? 256 L04 A C41 1 
HETATM 1318 C  C42 . L04 G 4 .   ? 8.217   -6.624  -5.754  1.00 17.98 ? 256 L04 A C42 1 
HETATM 1319 C  C43 . L04 G 4 .   ? 7.389   -6.873  -4.667  1.00 16.69 ? 256 L04 A C43 1 
HETATM 1320 N  N1  . L04 G 4 .   ? -4.381  -10.990 5.192   1.00 13.24 ? 256 L04 A N1  1 
HETATM 1321 N  N18 . L04 G 4 .   ? 3.175   -11.765 2.124   1.00 14.89 ? 256 L04 A N18 1 
HETATM 1322 N  N29 . L04 G 4 .   ? 6.220   -12.561 3.538   1.00 18.38 ? 256 L04 A N29 1 
HETATM 1323 O  O1  . L04 G 4 .   ? -5.176  -10.011 3.266   1.00 15.84 ? 256 L04 A O1  1 
HETATM 1324 O  O4  . L04 G 4 .   ? -1.260  -7.366  1.202   1.00 15.62 ? 256 L04 A O4  1 
HETATM 1325 O  O5  . L04 G 4 .   ? -1.010  -9.385  0.506   1.00 14.22 ? 256 L04 A O5  1 
HETATM 1326 O  O17 . L04 G 4 .   ? 3.119   -10.267 3.808   1.00 13.71 ? 256 L04 A O17 1 
HETATM 1327 O  O28 . L04 G 4 .   ? 5.696   -12.642 1.336   1.00 16.91 ? 256 L04 A O28 1 
HETATM 1328 F  F1  . L04 G 4 .   ? 8.542   -6.469  -8.098  1.00 20.37 ? 256 L04 A F1  1 
HETATM 1329 O  O   . HOH H 5 .   ? -3.787  -7.075  2.753   1.00 11.32 ? 301 HOH A O   1 
HETATM 1330 O  O   . HOH H 5 .   ? -0.319  12.813  6.483   1.00 14.22 ? 302 HOH A O   1 
HETATM 1331 O  O   . HOH H 5 .   ? -4.472  -5.712  16.181  1.00 13.00 ? 303 HOH A O   1 
HETATM 1332 O  O   . HOH H 5 .   ? 4.569   -7.246  14.895  1.00 13.84 ? 304 HOH A O   1 
HETATM 1333 O  O   . HOH H 5 .   ? -2.539  -9.749  9.294   1.00 16.43 ? 305 HOH A O   1 
HETATM 1334 O  O   . HOH H 5 .   ? -12.565 4.962   4.805   1.00 11.46 ? 306 HOH A O   1 
HETATM 1335 O  O   . HOH H 5 .   ? -7.031  -13.876 -1.996  1.00 26.60 ? 307 HOH A O   1 
HETATM 1336 O  O   . HOH H 5 .   ? -0.919  10.107  15.251  1.00 17.39 ? 308 HOH A O   1 
HETATM 1337 O  O   . HOH H 5 .   ? -6.640  2.193   10.661  1.00 14.42 ? 309 HOH A O   1 
HETATM 1338 O  O   . HOH H 5 .   ? 5.739   -10.206 -8.245  1.00 20.89 ? 311 HOH A O   1 
HETATM 1339 O  O   . HOH H 5 .   ? -10.594 6.177   7.169   1.00 17.90 ? 312 HOH A O   1 
HETATM 1340 O  O   . HOH H 5 .   ? 12.760  -2.812  12.462  1.00 20.41 ? 313 HOH A O   1 
HETATM 1341 O  O   . HOH H 5 .   ? -8.269  -7.805  -8.757  1.00 20.02 ? 314 HOH A O   1 
HETATM 1342 O  O   . HOH H 5 .   ? 1.689   12.971  8.446   1.00 20.82 ? 315 HOH A O   1 
HETATM 1343 O  O   . HOH H 5 .   ? -11.798 15.582  -7.713  1.00 39.75 ? 316 HOH A O   1 
HETATM 1344 O  O   . HOH H 5 .   ? -4.047  3.331   9.722   1.00 19.20 ? 317 HOH A O   1 
HETATM 1345 O  O   . HOH H 5 .   ? -9.962  -14.689 11.500  1.00 25.15 ? 318 HOH A O   1 
HETATM 1346 O  O   . HOH H 5 .   ? 11.220  2.558   -0.070  1.00 17.42 ? 319 HOH A O   1 
HETATM 1347 O  O   . HOH H 5 .   ? -8.853  -5.539  -1.112  1.00 29.04 ? 320 HOH A O   1 
HETATM 1348 O  O   . HOH H 5 .   ? -8.174  -6.603  1.542   1.00 23.75 ? 322 HOH A O   1 
HETATM 1349 O  O   . HOH H 5 .   ? -0.437  -12.341 0.570   1.00 12.13 ? 323 HOH A O   1 
HETATM 1350 O  O   . HOH H 5 .   ? -13.869 7.190   3.951   1.00 21.70 ? 324 HOH A O   1 
HETATM 1351 O  O   . HOH H 5 .   ? 0.123   15.213  10.886  1.00 20.88 ? 326 HOH A O   1 
HETATM 1352 O  O   . HOH H 5 .   ? 4.316   1.048   -13.728 1.00 27.78 ? 327 HOH A O   1 
HETATM 1353 O  O   . HOH H 5 .   ? -9.751  4.661   10.173  1.00 21.00 ? 328 HOH A O   1 
HETATM 1354 O  O   . HOH H 5 .   ? -6.142  -8.320  1.237   1.00 28.98 ? 329 HOH A O   1 
HETATM 1355 O  O   . HOH H 5 .   ? -1.366  15.682  -1.500  1.00 30.15 ? 330 HOH A O   1 
HETATM 1356 O  O   . HOH H 5 .   ? -10.422 -5.275  12.098  1.00 27.43 ? 331 HOH A O   1 
HETATM 1357 O  O   . HOH H 5 .   ? 11.019  -0.852  14.250  1.00 19.69 ? 332 HOH A O   1 
HETATM 1358 O  O   . HOH H 5 .   ? 10.841  -8.753  6.282   1.00 37.21 ? 333 HOH A O   1 
HETATM 1359 O  O   . HOH H 5 .   ? 2.388   3.059   -13.102 1.00 19.38 ? 334 HOH A O   1 
HETATM 1360 O  O   . HOH H 5 .   ? -3.281  -12.084 12.622  1.00 38.64 ? 335 HOH A O   1 
HETATM 1361 O  O   . HOH H 5 .   ? -5.822  -0.353  13.904  1.00 31.97 ? 336 HOH A O   1 
HETATM 1362 O  O   . HOH H 5 .   ? -5.124  -7.892  -9.452  1.00 28.22 ? 337 HOH A O   1 
HETATM 1363 O  O   . HOH H 5 .   ? 11.776  5.428   0.320   1.00 31.73 ? 338 HOH A O   1 
HETATM 1364 O  O   . HOH H 5 .   ? -4.906  18.580  6.651   1.00 28.10 ? 339 HOH A O   1 
HETATM 1365 O  O   . HOH H 5 .   ? -15.299 12.169  -6.527  1.00 48.03 ? 341 HOH A O   1 
HETATM 1366 O  O   . HOH H 5 .   ? -2.647  1.430   13.610  1.00 31.44 ? 345 HOH A O   1 
HETATM 1367 O  O   . HOH H 5 .   ? -17.017 5.266   -1.502  1.00 31.54 ? 346 HOH A O   1 
HETATM 1368 O  O   . HOH H 5 .   ? -0.584  -10.810 11.047  1.00 24.63 ? 348 HOH A O   1 
HETATM 1369 O  O   . HOH H 5 .   ? 12.245  3.085   -2.691  1.00 33.25 ? 349 HOH A O   1 
HETATM 1370 O  O   . HOH H 5 .   ? 11.868  -6.979  16.498  1.00 45.88 ? 351 HOH A O   1 
HETATM 1371 O  O   . HOH H 5 .   ? 9.161   -15.338 14.148  1.00 31.10 ? 352 HOH A O   1 
HETATM 1372 O  O   . HOH H 5 .   ? 2.002   -0.687  17.600  1.00 34.23 ? 354 HOH A O   1 
HETATM 1373 O  O   . HOH H 5 .   ? 16.248  1.208   6.853   1.00 34.53 ? 355 HOH A O   1 
HETATM 1374 O  O   . HOH H 5 .   ? -4.425  -14.647 -2.947  1.00 15.65 ? 356 HOH A O   1 
HETATM 1375 O  O   . HOH H 5 .   ? -10.927 11.905  -10.359 1.00 22.17 ? 357 HOH A O   1 
HETATM 1376 O  O   . HOH H 5 .   ? -10.949 -13.410 9.316   1.00 26.47 ? 358 HOH A O   1 
HETATM 1377 O  O   . HOH H 5 .   ? -0.681  12.727  10.596  1.00 17.37 ? 359 HOH A O   1 
HETATM 1378 O  O   . HOH H 5 .   ? -2.771  -7.911  -10.873 1.00 21.39 ? 360 HOH A O   1 
HETATM 1379 O  O   . HOH H 5 .   ? -2.524  8.085   16.199  1.00 27.63 ? 361 HOH A O   1 
HETATM 1380 O  O   . HOH H 5 .   ? -4.610  -13.718 -12.074 1.00 31.07 ? 362 HOH A O   1 
HETATM 1381 O  O   . HOH H 5 .   ? 17.071  1.832   3.888   1.00 34.53 ? 363 HOH A O   1 
HETATM 1382 O  O   . HOH H 5 .   ? -6.034  10.011  14.502  1.00 28.83 ? 365 HOH A O   1 
HETATM 1383 O  O   . HOH H 5 .   ? 7.535   -13.774 -4.953  1.00 37.73 ? 366 HOH A O   1 
HETATM 1384 O  O   . HOH H 5 .   ? 5.459   -5.668  -10.855 1.00 39.31 ? 367 HOH A O   1 
HETATM 1385 O  O   . HOH H 5 .   ? 2.163   -19.135 -8.459  1.00 26.75 ? 368 HOH A O   1 
HETATM 1386 O  O   . HOH H 5 .   ? 10.153  8.259   9.982   1.00 35.55 ? 369 HOH A O   1 
HETATM 1387 O  O   . HOH H 5 .   ? 1.638   -15.398 10.878  1.00 41.92 ? 370 HOH A O   1 
HETATM 1388 O  O   . HOH H 5 .   ? 8.519   -8.759  -10.339 1.00 34.74 ? 371 HOH A O   1 
HETATM 1389 O  O   . HOH H 5 .   ? 10.103  -3.158  16.283  1.00 36.15 ? 372 HOH A O   1 
HETATM 1390 O  O   . HOH H 5 .   ? -0.808  -13.458 11.931  1.00 46.66 ? 374 HOH A O   1 
HETATM 1391 O  O   . HOH H 5 .   ? -10.638 -6.311  3.119   1.00 33.83 ? 375 HOH A O   1 
HETATM 1392 O  O   . HOH H 5 .   ? 7.366   -7.590  19.014  1.00 44.00 ? 376 HOH A O   1 
HETATM 1393 O  O   . HOH H 5 .   ? -9.299  16.240  8.280   1.00 40.17 ? 377 HOH A O   1 
HETATM 1394 O  O   . HOH H 5 .   ? 5.982   5.918   -9.008  1.00 38.62 ? 378 HOH A O   1 
HETATM 1395 O  O   . HOH H 5 .   ? 3.562   14.762  9.231   1.00 30.92 ? 379 HOH A O   1 
HETATM 1396 O  O   . HOH H 5 .   ? -6.132  -10.956 -2.465  1.00 24.53 ? 380 HOH A O   1 
HETATM 1397 O  O   . HOH H 5 .   ? 13.345  11.930  10.431  1.00 39.19 ? 383 HOH A O   1 
HETATM 1398 O  O   . HOH H 5 .   ? 6.196   -10.504 -5.575  1.00 49.23 ? 384 HOH A O   1 
HETATM 1399 O  O   . HOH H 5 .   ? 12.814  -5.327  13.675  1.00 50.56 ? 385 HOH A O   1 
HETATM 1400 O  O   . HOH H 5 .   ? 2.925   -16.546 -14.064 1.00 49.02 ? 388 HOH A O   1 
HETATM 1401 O  O   . HOH H 5 .   ? -11.817 14.048  10.177  1.00 47.49 ? 389 HOH A O   1 
HETATM 1402 O  O   . HOH H 5 .   ? -7.673  -2.012  -19.536 1.00 37.03 ? 390 HOH A O   1 
HETATM 1403 O  O   . HOH H 5 .   ? -9.650  -3.334  -18.098 1.00 40.22 ? 391 HOH A O   1 
HETATM 1404 O  O   . HOH H 5 .   ? -5.347  4.765   11.627  1.00 44.27 ? 393 HOH A O   1 
HETATM 1405 O  O   . HOH H 5 .   ? 5.564   -17.143 5.375   1.00 44.52 ? 395 HOH A O   1 
HETATM 1406 O  O   . HOH H 5 .   ? 17.293  1.858   11.024  1.00 60.72 ? 396 HOH A O   1 
HETATM 1407 O  O   . HOH H 5 .   ? -11.489 12.748  3.363   1.00 38.30 ? 398 HOH A O   1 
HETATM 1408 O  O   . HOH H 5 .   ? 5.381   -6.514  -13.983 1.00 44.89 ? 399 HOH A O   1 
HETATM 1409 O  O   . HOH H 5 .   ? 6.747   -15.671 1.440   1.00 41.51 ? 400 HOH A O   1 
HETATM 1410 O  O   . HOH H 5 .   ? -14.475 0.748   10.811  1.00 38.45 ? 401 HOH A O   1 
HETATM 1411 O  O   . HOH H 5 .   ? 13.671  -2.200  15.300  1.00 64.83 ? 402 HOH A O   1 
HETATM 1412 O  O   . HOH H 5 .   ? -14.568 6.828   7.103   1.00 35.61 ? 405 HOH A O   1 
HETATM 1413 O  O   . HOH H 5 .   ? -13.116 10.974  4.911   1.00 65.92 ? 406 HOH A O   1 
HETATM 1414 O  O   . HOH H 5 .   ? 13.037  14.065  7.263   1.00 43.62 ? 407 HOH A O   1 
HETATM 1415 O  O   . HOH H 5 .   ? -9.408  -12.548 -10.565 1.00 31.30 ? 408 HOH A O   1 
HETATM 1416 O  O   . HOH H 5 .   ? 12.482  -7.154  7.832   1.00 32.68 ? 410 HOH A O   1 
HETATM 1417 O  O   . HOH H 5 .   ? -10.004 13.782  -8.634  1.00 34.63 ? 411 HOH A O   1 
HETATM 1418 O  O   . HOH H 5 .   ? 14.702  0.607   13.560  1.00 28.97 ? 412 HOH A O   1 
HETATM 1419 O  O   . HOH H 5 .   ? 8.814   0.527   16.033  1.00 38.71 ? 413 HOH A O   1 
HETATM 1420 O  O   . HOH H 5 .   ? -4.112  4.388   13.948  1.00 44.89 ? 414 HOH A O   1 
HETATM 1421 O  O   . HOH H 5 .   ? -3.518  20.274  8.511   1.00 45.57 ? 415 HOH A O   1 
HETATM 1422 O  O   . HOH H 5 .   ? 10.027  13.598  0.802   1.00 43.48 ? 416 HOH A O   1 
HETATM 1423 O  O   . HOH H 5 .   ? 8.619   -14.949 -0.867  1.00 42.75 ? 417 HOH A O   1 
HETATM 1424 O  O   . HOH H 5 .   ? 6.105   -18.093 -5.761  1.00 53.38 ? 419 HOH A O   1 
HETATM 1425 O  O   . HOH H 5 .   ? -10.478 -6.801  -2.832  1.00 44.25 ? 420 HOH A O   1 
HETATM 1426 O  O   . HOH H 5 .   ? 5.577   1.894   15.203  1.00 49.81 ? 421 HOH A O   1 
HETATM 1427 O  O   . HOH H 5 .   ? -16.163 4.961   -8.789  1.00 37.60 ? 423 HOH A O   1 
HETATM 1428 O  O   . HOH H 5 .   ? 10.313  -8.838  17.849  1.00 53.51 ? 424 HOH A O   1 
HETATM 1429 O  O   . HOH H 5 .   ? -4.907  19.422  3.814   1.00 45.81 ? 426 HOH A O   1 
HETATM 1430 O  O   . HOH H 5 .   ? -16.012 -0.973  8.903   1.00 56.18 ? 427 HOH A O   1 
HETATM 1431 O  O   . HOH H 5 .   ? 11.084  2.606   -9.807  1.00 42.21 ? 429 HOH A O   1 
HETATM 1432 O  O   . HOH H 5 .   ? -7.307  -12.515 14.695  1.00 54.21 ? 431 HOH A O   1 
HETATM 1433 O  O   . HOH H 5 .   ? -2.989  14.029  -7.368  1.00 49.11 ? 432 HOH A O   1 
HETATM 1434 O  O   . HOH H 5 .   ? 9.158   -15.317 10.603  0.50 39.34 ? 433 HOH A O   1 
HETATM 1435 O  O   . HOH H 5 .   ? -6.752  -13.173 -10.242 1.00 43.84 ? 434 HOH A O   1 
HETATM 1436 O  O   . HOH H 5 .   ? -7.920  5.499   12.343  1.00 42.44 ? 435 HOH A O   1 
HETATM 1437 O  O   . HOH H 5 .   ? -0.426  2.727   14.767  1.00 47.05 ? 438 HOH A O   1 
HETATM 1438 O  O   . HOH H 5 .   ? 0.058   13.248  -2.701  1.00 50.71 ? 439 HOH A O   1 
HETATM 1439 O  O   . HOH H 5 .   ? 0.641   18.192  1.328   1.00 54.69 ? 440 HOH A O   1 
HETATM 1440 O  O   . HOH H 5 .   ? -11.668 15.714  2.815   1.00 53.42 ? 441 HOH A O   1 
HETATM 1441 O  O   . HOH H 5 .   ? -2.044  5.572   15.226  1.00 45.80 ? 444 HOH A O   1 
HETATM 1442 O  O   . HOH H 5 .   ? -6.242  6.895   14.155  1.00 51.17 ? 445 HOH A O   1 
HETATM 1443 O  O   . HOH H 5 .   ? -15.133 4.357   -11.364 1.00 45.06 ? 446 HOH A O   1 
HETATM 1444 O  O   . HOH H 5 .   ? 14.673  -7.057  -14.766 1.00 55.46 ? 448 HOH A O   1 
HETATM 1445 O  O   . HOH H 5 .   ? 13.137  11.483  0.037   1.00 42.60 ? 449 HOH A O   1 
HETATM 1446 O  O   . HOH H 5 .   ? 10.908  -15.492 1.330   1.00 50.20 ? 451 HOH A O   1 
HETATM 1447 O  O   . HOH H 5 .   ? -16.444 5.896   2.587   1.00 53.87 ? 454 HOH A O   1 
HETATM 1448 O  O   . HOH H 5 .   ? -11.169 14.646  7.128   1.00 53.55 ? 455 HOH A O   1 
HETATM 1449 O  O   . HOH H 5 .   ? 12.717  -11.129 -9.251  1.00 50.69 ? 459 HOH A O   1 
HETATM 1450 O  O   . HOH H 5 .   ? -8.092  -10.373 -9.514  1.00 42.04 ? 461 HOH A O   1 
HETATM 1451 O  O   . HOH H 5 .   ? -15.497 9.956   -11.046 1.00 52.42 ? 463 HOH A O   1 
HETATM 1452 O  O   . HOH H 5 .   ? 7.813   -13.495 -7.808  1.00 48.79 ? 464 HOH A O   1 
HETATM 1453 O  O   . HOH H 5 .   ? -12.332 12.213  -0.129  1.00 47.59 ? 465 HOH A O   1 
HETATM 1454 O  O   . HOH H 5 .   ? 8.728   -14.982 -12.110 1.00 46.64 ? 466 HOH A O   1 
HETATM 1455 O  O   . HOH H 5 .   ? 1.579   -11.768 17.704  1.00 42.51 ? 467 HOH A O   1 
HETATM 1456 O  O   . HOH H 5 .   ? 13.555  -7.932  10.679  0.50 36.33 ? 468 HOH A O   1 
HETATM 1457 O  O   . HOH H 5 .   ? -18.109 2.156   -0.685  1.00 56.45 ? 469 HOH A O   1 
HETATM 1458 O  O   . HOH H 5 .   ? -7.429  0.764   -21.652 1.00 47.21 ? 470 HOH A O   1 
HETATM 1459 O  O   . HOH H 5 .   ? 7.437   -13.858 16.610  1.00 54.35 ? 471 HOH A O   1 
HETATM 1460 O  O   . HOH H 5 .   ? 11.537  0.519   16.932  1.00 54.59 ? 472 HOH A O   1 
HETATM 1461 O  O   . HOH H 5 .   ? -22.033 -4.614  -7.405  1.00 57.20 ? 473 HOH A O   1 
HETATM 1462 O  O   . HOH H 5 .   ? 4.262   0.965   17.764  1.00 52.01 ? 474 HOH A O   1 
HETATM 1463 O  O   . HOH H 5 .   ? 16.225  6.391   10.652  1.00 39.44 ? 475 HOH A O   1 
HETATM 1464 O  O   . HOH H 5 .   ? 9.396   -4.275  18.944  1.00 45.80 ? 476 HOH A O   1 
HETATM 1465 O  O   . HOH H 5 .   ? -12.606 -7.278  -1.143  1.00 39.60 ? 477 HOH A O   1 
HETATM 1466 O  O   . HOH H 5 .   ? 14.773  -7.943  -10.077 1.00 51.98 ? 478 HOH A O   1 
HETATM 1467 O  O   . HOH H 5 .   ? -13.183 6.059   -12.147 1.00 40.21 ? 479 HOH A O   1 
HETATM 1468 O  O   . HOH H 5 .   ? 7.172   -17.504 12.574  1.00 50.23 ? 480 HOH A O   1 
HETATM 1469 O  O   . HOH H 5 .   ? 11.330  5.964   -2.330  1.00 48.00 ? 481 HOH A O   1 
HETATM 1470 O  O   . HOH H 5 .   ? 6.696   -13.789 12.182  1.00 36.42 ? 485 HOH A O   1 
HETATM 1471 O  O   . HOH H 5 .   ? -7.562  -14.322 12.711  1.00 40.61 ? 496 HOH A O   1 
# 
